data_6WIV
#
_entry.id   6WIV
#
loop_
_entity.id
_entity.type
_entity.pdbx_description
1 polymer 'Gamma-aminobutyric acid type B receptor subunit 1'
2 polymer 'Gamma-aminobutyric acid type B receptor subunit 2'
3 non-polymer 2-acetamido-2-deoxy-beta-D-glucopyranose
4 non-polymer 'CALCIUM ION'
5 non-polymer '(2R)-3-{[(S)-(2-aminoethoxy)(hydroxy)phosphoryl]oxy}-2-{[(9Z)-octadec-9-enoyl]oxy}propyl (5Z,8Z,11Z,14Z)-icosa-5,8,11,14-tetraenoate'
6 non-polymer CHOLESTEROL
7 non-polymer '[(2R)-3-[(Z)-icos-11-enoyl]oxy-2-[(Z)-octadec-9-enoyl]oxypropyl] 2-(trimethylazaniumyl)ethyl phosphate'
#
loop_
_entity_poly.entity_id
_entity_poly.type
_entity_poly.pdbx_seq_one_letter_code
_entity_poly.pdbx_strand_id
1 'polypeptide(L)'
;MGPGAPFARVGWPLPLLVVMAAGVAPVWASHSPHLPRPHSRVPPHPSSERRAVYIGALFPMSGGWPGGQACQPAVEMALE
DVNSRRDILPDYELKLIHHDSKCDPGQATKYLYELLYNDPIKIILMPGCSSVSTLVAEAARMWNLIVLSYGSSSPALSNR
QRFPTFFRTHPSATLHNPTRVKLFEKWGWKKIATIQQTTEVFTSTLDDLEERVKEAGIEITFRQSFFSDPAVPVKNLKRQ
DARIIVGLFYETEARKVFCEVYKERLFGKKYVWFLIGWYADNWFKIYDPSINCTVDEMTEAVEGHITTEIVMLNPANTRS
ISNMTSQEFVEKLTKRLKRHPEETGGFQEAPLAYDAIWALALALNKTSGGGGRSGVRLEDFNYNNQTITDQIYRAMNSSS
FEGVSGHVVFDASGSRMAWTLIEQLQGGSYKKIGYYDSTKDDLSWSKTDKWIGGSPPADQTLVIKTFRFLSQKLFISVSV
LSSLGIVLAVVCLSFNIYNSHVRYIQNSQPNLNNLTAVGCSLALAAVFPLGLDGYHIGRNQFPFVCQARLWLLGLGFSLG
YGSMFTKIWWVHTVFTKKEEKKEWRKTLEPWKLYATVGLLVGMDVLTLAIWQIVDPLHRTIETFAKEEPKEDIDVSILPQ
LEHCSSRKMNTWLGIFYGYKGLLLLLGIFLAYETKSVSTEKINDHRAVGMAIYNVAVLCLITAPVTMILSSQQDAAFAFA
SLAIVFSSYITLVVLFVPKMRRLITRGEWQSEAQDTMKTGSSTNNNEEEKSRLLEKENRELEKIIAEKEERVSELRHQLQ
SRDYKDDDDK
;
A
2 'polypeptide(L)'
;MASPRSSGQPGPPPPPPPPPARLLLLLLLPLLLPLAPGAWGWARGAPRPPPSSPPLSIMGLMPLTKEVAKGSIGRGVLPA
VELAIEQIRNESLLRPYFLDLRLYDTECDNAKGLKAFYDAIKYGPNHLMVFGGVCPSVTSIIAESLQGWNLVQLSFAATT
PVLADKKKYPYFFRTVPSDNAVNPAILKLLKHYQWKRVGTLTQDVQRFSEVRNDLTGVLYGEDIEISDTESFSNDPCTSV
KKLKGNDVRIILGQFDQNMAAKVFCCAYEENMYGSKYQWIIPGWYEPSWWEQVHTEANSSRCLRKNLLAAMEGYIGVDFE
PLSSKQIKTISGKTPQQYEREYNNKRSGVGPSKFHGYAYDGIWVIAKTLQRAMETLHASSRHQRIQDFNYTDHTLGRIIL
NAMNETNFFGVTGQVVFRNGERMGTIKFTQFQDSREVKVGEYNAVADTLEIINDTIRFQGSEPPKDKTIILEQLRKISLP
LYSILSALTILGMIMASAFLFFNIKNRNQKLIKMSSPYMNNLIILGGMLSYASIFLFGLDGSFVSEKTFETLCTVRTWIL
TVGYTTAFGAMFAKTWRVHAIFKNVKMKKKIIKDQKLLVIVGGMLLIDLCILICWQAVDPLRRTVEKYSMEPDPAGRDIS
IRPLLEHCENTHMTIWLGIVYAYKGLLMLFGCFLAWETRNVSIPALNDSKYIGMSVYNVGIMCIIGAAVSFLTRDQPNVQ
FCIVALVIIFCSTITLCLVFVPKLITLRTNPDAATQNRRFQFTQNQKKEDSKTSTSVTSVNQASTSRLEGLQSENHRLRM
KITELDKDLEEVTMQLQDTDYKDDDDK
;
B
#
loop_
_chem_comp.id
_chem_comp.type
_chem_comp.name
_chem_comp.formula
CA non-polymer 'CALCIUM ION' 'Ca 2'
CLR non-polymer CHOLESTEROL 'C27 H46 O'
NAG D-saccharide, beta linking 2-acetamido-2-deoxy-beta-D-glucopyranose 'C8 H15 N O6'
U3D non-polymer '[(2R)-3-[(Z)-icos-11-enoyl]oxy-2-[(Z)-octadec-9-enoyl]oxypropyl] 2-(trimethylazaniumyl)ethyl phosphate' 'C46 H88 N O8 P'
U3G non-polymer '(2R)-3-{[(S)-(2-aminoethoxy)(hydroxy)phosphoryl]oxy}-2-{[(9Z)-octadec-9-enoyl]oxy}propyl (5Z,8Z,11Z,14Z)-icosa-5,8,11,14-tetraenoate' 'C43 H76 N O8 P'
#
# COMPACT_ATOMS: atom_id res chain seq x y z
N SER A 48 56.08 -49.05 3.77
CA SER A 48 57.39 -49.32 3.20
C SER A 48 57.48 -48.79 1.78
N GLU A 49 56.44 -49.03 0.99
CA GLU A 49 56.36 -48.59 -0.40
C GLU A 49 55.55 -47.29 -0.44
N ARG A 50 56.02 -46.32 -1.22
CA ARG A 50 55.28 -45.09 -1.38
C ARG A 50 54.45 -45.15 -2.65
N ARG A 51 53.15 -45.38 -2.48
CA ARG A 51 52.20 -45.47 -3.59
C ARG A 51 51.61 -44.10 -3.85
N ALA A 52 51.38 -43.79 -5.12
CA ALA A 52 50.81 -42.50 -5.48
C ALA A 52 49.33 -42.47 -5.16
N VAL A 53 48.87 -41.33 -4.65
CA VAL A 53 47.46 -41.09 -4.40
C VAL A 53 47.11 -39.74 -5.02
N TYR A 54 46.30 -39.77 -6.08
CA TYR A 54 46.14 -38.64 -6.96
C TYR A 54 44.96 -37.78 -6.53
N ILE A 55 45.11 -36.47 -6.74
CA ILE A 55 44.06 -35.49 -6.42
C ILE A 55 43.63 -34.84 -7.72
N GLY A 56 42.33 -34.75 -7.93
CA GLY A 56 41.82 -34.09 -9.11
C GLY A 56 41.45 -32.65 -8.82
N ALA A 57 42.27 -31.71 -9.27
CA ALA A 57 42.09 -30.31 -8.93
C ALA A 57 41.74 -29.50 -10.17
N LEU A 58 40.76 -28.61 -10.02
CA LEU A 58 40.35 -27.70 -11.06
C LEU A 58 40.61 -26.28 -10.59
N PHE A 59 41.60 -25.63 -11.18
CA PHE A 59 42.05 -24.31 -10.74
C PHE A 59 41.62 -23.26 -11.76
N PRO A 60 40.92 -22.21 -11.33
CA PRO A 60 40.56 -21.14 -12.28
C PRO A 60 41.75 -20.24 -12.60
N MET A 61 42.30 -20.38 -13.80
CA MET A 61 43.41 -19.53 -14.22
C MET A 61 42.94 -18.21 -14.83
N SER A 62 41.64 -18.08 -15.09
CA SER A 62 41.08 -16.86 -15.63
C SER A 62 39.58 -16.89 -15.41
N GLY A 63 38.89 -15.86 -15.88
CA GLY A 63 37.46 -15.78 -15.74
C GLY A 63 37.02 -14.75 -14.71
N GLY A 64 35.81 -14.96 -14.20
CA GLY A 64 35.27 -14.04 -13.22
C GLY A 64 36.07 -14.00 -11.92
N TRP A 65 36.62 -15.15 -11.53
CA TRP A 65 37.44 -15.25 -10.33
C TRP A 65 38.68 -16.06 -10.68
N PRO A 66 39.78 -15.41 -11.07
CA PRO A 66 41.01 -16.10 -11.44
C PRO A 66 41.88 -16.48 -10.24
N GLY A 67 41.27 -17.14 -9.26
CA GLY A 67 41.98 -17.47 -8.04
C GLY A 67 43.12 -18.44 -8.23
N GLY A 68 43.12 -19.21 -9.30
CA GLY A 68 44.10 -20.27 -9.46
C GLY A 68 45.54 -19.78 -9.58
N GLN A 69 45.73 -18.54 -10.04
CA GLN A 69 47.08 -18.03 -10.29
C GLN A 69 47.93 -18.08 -9.03
N ALA A 70 47.32 -17.89 -7.86
CA ALA A 70 47.99 -18.12 -6.60
C ALA A 70 47.54 -19.39 -5.91
N CYS A 71 46.44 -19.99 -6.38
CA CYS A 71 45.93 -21.19 -5.72
C CYS A 71 46.70 -22.43 -6.16
N GLN A 72 47.28 -22.41 -7.36
CA GLN A 72 48.07 -23.55 -7.80
C GLN A 72 49.38 -23.69 -7.05
N PRO A 73 50.20 -22.63 -6.90
CA PRO A 73 51.42 -22.80 -6.10
C PRO A 73 51.15 -23.12 -4.64
N ALA A 74 50.14 -22.49 -4.04
CA ALA A 74 49.82 -22.73 -2.64
C ALA A 74 49.49 -24.19 -2.41
N VAL A 75 48.91 -24.85 -3.39
CA VAL A 75 48.73 -26.30 -3.31
C VAL A 75 50.06 -27.00 -3.57
N GLU A 76 50.76 -26.60 -4.63
CA GLU A 76 51.99 -27.30 -5.01
C GLU A 76 53.08 -27.11 -3.96
N MET A 77 52.97 -26.05 -3.16
CA MET A 77 53.83 -25.92 -2.00
C MET A 77 53.39 -26.88 -0.90
N ALA A 78 52.08 -26.88 -0.60
CA ALA A 78 51.57 -27.64 0.54
C ALA A 78 51.88 -29.12 0.41
N LEU A 79 51.71 -29.68 -0.79
CA LEU A 79 52.04 -31.08 -1.02
C LEU A 79 53.49 -31.36 -0.68
N GLU A 80 54.40 -30.46 -1.07
CA GLU A 80 55.81 -30.64 -0.73
C GLU A 80 56.00 -30.69 0.79
N ASP A 81 55.19 -29.94 1.53
CA ASP A 81 55.25 -30.02 2.98
C ASP A 81 54.62 -31.31 3.48
N VAL A 82 53.58 -31.79 2.80
CA VAL A 82 52.89 -32.99 3.27
C VAL A 82 53.65 -34.24 2.88
N ASN A 83 54.43 -34.18 1.79
CA ASN A 83 55.17 -35.35 1.35
C ASN A 83 56.45 -35.55 2.14
N SER A 84 57.22 -34.47 2.36
CA SER A 84 58.48 -34.61 3.06
C SER A 84 58.31 -34.99 4.53
N ARG A 85 57.21 -34.59 5.15
CA ARG A 85 56.90 -35.00 6.52
C ARG A 85 56.58 -36.48 6.51
N ARG A 86 57.38 -37.26 7.26
CA ARG A 86 57.20 -38.71 7.31
C ARG A 86 56.29 -39.15 8.44
N ASP A 87 55.64 -38.23 9.14
CA ASP A 87 54.70 -38.58 10.20
C ASP A 87 53.25 -38.38 9.78
N ILE A 88 53.01 -37.85 8.59
CA ILE A 88 51.65 -37.53 8.16
C ILE A 88 51.07 -38.70 7.37
N LEU A 89 51.76 -39.13 6.31
CA LEU A 89 51.34 -40.25 5.48
C LEU A 89 52.61 -40.99 5.06
N PRO A 90 53.17 -41.83 5.93
CA PRO A 90 54.46 -42.45 5.62
C PRO A 90 54.39 -43.42 4.46
N ASP A 91 53.21 -43.99 4.20
CA ASP A 91 53.08 -45.00 3.16
C ASP A 91 52.74 -44.41 1.80
N TYR A 92 51.77 -43.50 1.72
CA TYR A 92 51.28 -42.99 0.46
C TYR A 92 51.86 -41.62 0.17
N GLU A 93 52.03 -41.33 -1.11
CA GLU A 93 52.57 -40.06 -1.58
C GLU A 93 51.50 -39.34 -2.38
N LEU A 94 51.22 -38.10 -1.99
CA LEU A 94 50.16 -37.32 -2.64
C LEU A 94 50.71 -36.66 -3.90
N LYS A 95 49.90 -36.64 -4.95
CA LYS A 95 50.23 -35.95 -6.18
C LYS A 95 49.01 -35.18 -6.66
N LEU A 96 49.20 -34.38 -7.72
CA LEU A 96 48.16 -33.51 -8.24
C LEU A 96 48.12 -33.61 -9.75
N ILE A 97 46.94 -33.89 -10.29
CA ILE A 97 46.68 -33.80 -11.72
C ILE A 97 45.60 -32.75 -11.91
N HIS A 98 46.00 -31.56 -12.35
CA HIS A 98 45.14 -30.39 -12.37
C HIS A 98 44.86 -29.96 -13.79
N HIS A 99 43.77 -29.23 -13.95
CA HIS A 99 43.36 -28.71 -15.24
C HIS A 99 42.86 -27.28 -15.06
N ASP A 100 43.01 -26.49 -16.11
CA ASP A 100 42.60 -25.09 -16.10
C ASP A 100 41.13 -25.01 -16.49
N SER A 101 40.29 -24.62 -15.53
CA SER A 101 38.85 -24.64 -15.76
C SER A 101 38.34 -23.35 -16.39
N LYS A 102 39.05 -22.24 -16.21
CA LYS A 102 38.64 -20.93 -16.73
C LYS A 102 37.33 -20.45 -16.13
N CYS A 103 36.94 -21.02 -14.98
CA CYS A 103 35.74 -20.61 -14.26
C CYS A 103 34.50 -20.72 -15.14
N ASP A 104 34.47 -21.74 -15.99
CA ASP A 104 33.39 -21.95 -16.94
C ASP A 104 32.87 -23.37 -16.79
N PRO A 105 31.59 -23.58 -16.47
CA PRO A 105 31.06 -24.95 -16.43
C PRO A 105 31.20 -25.68 -17.75
N GLY A 106 30.94 -25.00 -18.87
CA GLY A 106 31.06 -25.66 -20.15
C GLY A 106 32.47 -26.11 -20.46
N GLN A 107 33.45 -25.31 -20.02
CA GLN A 107 34.83 -25.70 -20.25
C GLN A 107 35.34 -26.62 -19.15
N ALA A 108 34.64 -26.67 -18.01
CA ALA A 108 35.08 -27.51 -16.91
C ALA A 108 34.53 -28.93 -17.04
N THR A 109 33.41 -29.10 -17.75
CA THR A 109 32.83 -30.42 -17.90
C THR A 109 33.77 -31.35 -18.67
N LYS A 110 34.39 -30.83 -19.74
CA LYS A 110 35.33 -31.64 -20.50
C LYS A 110 36.50 -32.10 -19.65
N TYR A 111 37.03 -31.21 -18.80
CA TYR A 111 38.15 -31.59 -17.95
C TYR A 111 37.72 -32.53 -16.84
N LEU A 112 36.50 -32.38 -16.33
CA LEU A 112 35.99 -33.36 -15.38
C LEU A 112 35.91 -34.75 -16.02
N TYR A 113 35.47 -34.80 -17.28
CA TYR A 113 35.45 -36.07 -18.00
C TYR A 113 36.87 -36.61 -18.18
N GLU A 114 37.81 -35.72 -18.50
CA GLU A 114 39.18 -36.16 -18.72
C GLU A 114 39.78 -36.72 -17.45
N LEU A 115 39.44 -36.14 -16.30
CA LEU A 115 39.94 -36.65 -15.03
C LEU A 115 39.27 -37.98 -14.69
N LEU A 116 37.93 -38.02 -14.69
CA LEU A 116 37.22 -39.21 -14.23
C LEU A 116 37.49 -40.42 -15.11
N TYR A 117 37.48 -40.27 -16.43
CA TYR A 117 37.59 -41.39 -17.34
C TYR A 117 39.00 -41.57 -17.90
N ASN A 118 40.02 -41.16 -17.16
CA ASN A 118 41.40 -41.46 -17.49
C ASN A 118 42.14 -41.86 -16.21
N ASP A 119 42.90 -42.94 -16.29
CA ASP A 119 43.75 -43.31 -15.18
C ASP A 119 44.84 -42.26 -14.99
N PRO A 120 45.43 -42.15 -13.78
CA PRO A 120 45.16 -42.97 -12.61
C PRO A 120 43.88 -42.58 -11.90
N ILE A 121 43.45 -43.40 -10.93
CA ILE A 121 42.20 -43.12 -10.24
C ILE A 121 42.40 -42.01 -9.22
N LYS A 122 41.53 -41.01 -9.26
CA LYS A 122 41.55 -39.90 -8.32
C LYS A 122 40.76 -40.25 -7.07
N ILE A 123 41.27 -39.83 -5.91
CA ILE A 123 40.59 -40.08 -4.65
C ILE A 123 39.74 -38.91 -4.19
N ILE A 124 39.94 -37.72 -4.75
CA ILE A 124 39.19 -36.54 -4.35
C ILE A 124 39.27 -35.51 -5.47
N LEU A 125 38.32 -34.59 -5.46
CA LEU A 125 38.30 -33.50 -6.43
C LEU A 125 38.45 -32.18 -5.68
N MET A 126 38.76 -31.11 -6.41
CA MET A 126 38.94 -29.78 -5.81
C MET A 126 38.52 -28.71 -6.81
N PRO A 127 37.26 -28.31 -6.83
CA PRO A 127 36.82 -27.22 -7.69
C PRO A 127 36.98 -25.86 -7.02
N GLY A 128 37.49 -24.91 -7.80
CA GLY A 128 37.74 -23.58 -7.28
C GLY A 128 36.56 -22.63 -7.34
N CYS A 129 36.04 -22.38 -8.54
CA CYS A 129 34.96 -21.42 -8.70
C CYS A 129 33.67 -21.99 -8.11
N SER A 130 32.62 -21.17 -8.14
CA SER A 130 31.37 -21.58 -7.51
C SER A 130 30.52 -22.44 -8.44
N SER A 131 30.39 -22.04 -9.69
CA SER A 131 29.54 -22.79 -10.62
C SER A 131 30.12 -24.16 -10.92
N VAL A 132 31.41 -24.21 -11.24
CA VAL A 132 32.08 -25.49 -11.44
C VAL A 132 32.00 -26.34 -10.19
N SER A 133 32.10 -25.71 -9.02
CA SER A 133 31.99 -26.44 -7.77
C SER A 133 30.61 -27.07 -7.62
N THR A 134 29.55 -26.33 -7.95
CA THR A 134 28.20 -26.88 -7.86
C THR A 134 28.03 -28.05 -8.83
N LEU A 135 28.51 -27.89 -10.06
CA LEU A 135 28.38 -28.96 -11.04
C LEU A 135 29.10 -30.22 -10.58
N VAL A 136 30.34 -30.08 -10.13
CA VAL A 136 31.08 -31.26 -9.70
C VAL A 136 30.51 -31.85 -8.42
N ALA A 137 30.02 -31.01 -7.50
CA ALA A 137 29.43 -31.54 -6.27
C ALA A 137 28.14 -32.27 -6.54
N GLU A 138 27.41 -31.87 -7.59
CA GLU A 138 26.20 -32.58 -7.96
C GLU A 138 26.51 -33.88 -8.68
N ALA A 139 27.57 -33.89 -9.50
CA ALA A 139 27.86 -35.06 -10.30
C ALA A 139 28.69 -36.10 -9.56
N ALA A 140 29.35 -35.72 -8.47
CA ALA A 140 30.36 -36.58 -7.88
C ALA A 140 29.78 -37.85 -7.27
N ARG A 141 28.53 -37.79 -6.79
CA ARG A 141 28.00 -38.93 -6.05
C ARG A 141 27.84 -40.17 -6.92
N MET A 142 27.73 -40.01 -8.23
CA MET A 142 27.68 -41.16 -9.13
C MET A 142 29.00 -41.91 -9.18
N TRP A 143 30.10 -41.31 -8.72
CA TRP A 143 31.40 -41.96 -8.73
C TRP A 143 31.94 -42.20 -7.33
N ASN A 144 31.21 -41.79 -6.29
CA ASN A 144 31.64 -41.99 -4.91
C ASN A 144 32.94 -41.23 -4.64
N LEU A 145 32.94 -39.94 -4.97
CA LEU A 145 34.10 -39.09 -4.80
C LEU A 145 33.75 -37.89 -3.93
N ILE A 146 34.59 -37.62 -2.95
CA ILE A 146 34.43 -36.44 -2.10
C ILE A 146 34.93 -35.22 -2.86
N VAL A 147 34.21 -34.12 -2.75
CA VAL A 147 34.60 -32.85 -3.38
C VAL A 147 35.01 -31.90 -2.27
N LEU A 148 36.12 -31.19 -2.49
CA LEU A 148 36.67 -30.28 -1.50
C LEU A 148 37.04 -28.98 -2.19
N SER A 149 36.31 -27.92 -1.88
CA SER A 149 36.53 -26.62 -2.48
C SER A 149 37.22 -25.68 -1.49
N TYR A 150 37.82 -24.62 -2.01
CA TYR A 150 38.51 -23.62 -1.20
C TYR A 150 38.04 -22.21 -1.50
N GLY A 151 37.38 -21.98 -2.63
CA GLY A 151 36.95 -20.64 -2.99
C GLY A 151 35.50 -20.56 -3.39
N SER A 152 34.73 -21.60 -3.07
CA SER A 152 33.31 -21.64 -3.38
C SER A 152 32.52 -21.04 -2.23
N SER A 153 32.01 -19.83 -2.42
CA SER A 153 31.32 -19.10 -1.36
C SER A 153 29.83 -18.98 -1.57
N SER A 154 29.26 -19.65 -2.56
CA SER A 154 27.83 -19.56 -2.80
C SER A 154 27.07 -20.21 -1.65
N PRO A 155 26.02 -19.57 -1.13
CA PRO A 155 25.23 -20.21 -0.06
C PRO A 155 24.51 -21.46 -0.50
N ALA A 156 24.29 -21.64 -1.80
CA ALA A 156 23.55 -22.80 -2.28
C ALA A 156 24.33 -24.09 -2.07
N LEU A 157 25.64 -24.00 -1.87
CA LEU A 157 26.46 -25.19 -1.72
C LEU A 157 26.39 -25.80 -0.33
N SER A 158 25.44 -25.38 0.51
CA SER A 158 25.25 -25.97 1.84
C SER A 158 23.95 -26.77 1.89
N ASN A 159 23.62 -27.43 0.78
CA ASN A 159 22.41 -28.24 0.65
C ASN A 159 22.83 -29.70 0.60
N ARG A 160 22.77 -30.38 1.74
CA ARG A 160 23.24 -31.76 1.83
C ARG A 160 22.40 -32.73 1.02
N GLN A 161 21.25 -32.30 0.51
CA GLN A 161 20.42 -33.19 -0.30
C GLN A 161 20.96 -33.28 -1.73
N ARG A 162 21.43 -32.16 -2.27
CA ARG A 162 21.96 -32.17 -3.63
C ARG A 162 23.44 -32.54 -3.66
N PHE A 163 24.21 -32.08 -2.67
CA PHE A 163 25.65 -32.29 -2.62
C PHE A 163 25.97 -33.13 -1.38
N PRO A 164 25.79 -34.45 -1.47
CA PRO A 164 25.97 -35.29 -0.29
C PRO A 164 27.41 -35.45 0.17
N THR A 165 28.38 -35.22 -0.70
CA THR A 165 29.79 -35.43 -0.36
C THR A 165 30.63 -34.19 -0.60
N PHE A 166 30.16 -33.02 -0.18
CA PHE A 166 30.84 -31.77 -0.47
C PHE A 166 31.37 -31.13 0.80
N PHE A 167 32.58 -30.58 0.71
CA PHE A 167 33.16 -29.79 1.79
C PHE A 167 33.84 -28.57 1.17
N ARG A 168 33.99 -27.52 1.97
CA ARG A 168 34.69 -26.34 1.49
C ARG A 168 35.32 -25.60 2.66
N THR A 169 36.58 -25.19 2.49
CA THR A 169 37.27 -24.42 3.50
C THR A 169 36.89 -22.96 3.50
N HIS A 170 36.24 -22.47 2.45
CA HIS A 170 35.81 -21.09 2.39
C HIS A 170 34.39 -20.99 2.94
N PRO A 171 34.17 -20.19 3.97
CA PRO A 171 32.82 -20.13 4.57
C PRO A 171 31.81 -19.53 3.61
N SER A 172 30.57 -19.97 3.76
CA SER A 172 29.50 -19.42 2.96
C SER A 172 29.34 -17.93 3.25
N ALA A 173 28.77 -17.21 2.28
CA ALA A 173 28.52 -15.79 2.49
C ALA A 173 27.55 -15.55 3.64
N THR A 174 26.67 -16.52 3.91
CA THR A 174 25.75 -16.44 5.05
C THR A 174 26.47 -16.27 6.38
N LEU A 175 27.75 -16.59 6.46
CA LEU A 175 28.51 -16.36 7.68
C LEU A 175 28.58 -14.89 8.07
N HIS A 176 28.32 -13.97 7.13
CA HIS A 176 28.27 -12.57 7.50
C HIS A 176 27.05 -12.26 8.36
N ASN A 177 26.04 -13.11 8.31
CA ASN A 177 24.77 -12.82 9.01
C ASN A 177 24.88 -12.95 10.52
N PRO A 178 25.40 -14.04 11.08
CA PRO A 178 25.51 -14.13 12.54
C PRO A 178 26.34 -13.02 13.17
N THR A 179 27.31 -12.49 12.44
CA THR A 179 28.04 -11.33 12.95
C THR A 179 27.14 -10.10 13.00
N ARG A 180 26.48 -9.79 11.88
CA ARG A 180 25.68 -8.57 11.78
C ARG A 180 24.63 -8.51 12.87
N VAL A 181 23.85 -9.58 13.04
CA VAL A 181 22.84 -9.61 14.09
C VAL A 181 23.46 -9.35 15.45
N LYS A 182 24.63 -9.93 15.70
CA LYS A 182 25.32 -9.68 16.96
C LYS A 182 25.60 -8.20 17.13
N LEU A 183 26.14 -7.55 16.08
CA LEU A 183 26.37 -6.13 16.12
C LEU A 183 25.09 -5.36 16.40
N PHE A 184 23.97 -5.81 15.84
CA PHE A 184 22.70 -5.18 16.13
C PHE A 184 22.40 -5.26 17.62
N GLU A 185 22.56 -6.45 18.20
CA GLU A 185 22.32 -6.60 19.63
C GLU A 185 23.36 -5.84 20.42
N LYS A 186 24.52 -5.57 19.82
CA LYS A 186 25.54 -4.79 20.51
C LYS A 186 25.11 -3.35 20.66
N TRP A 187 24.23 -2.87 19.77
CA TRP A 187 23.83 -1.48 19.77
C TRP A 187 22.32 -1.27 19.83
N GLY A 188 21.56 -2.35 19.99
CA GLY A 188 20.13 -2.23 20.22
C GLY A 188 19.34 -1.69 19.05
N TRP A 189 19.66 -2.16 17.85
CA TRP A 189 18.90 -1.82 16.66
C TRP A 189 17.94 -2.96 16.34
N LYS A 190 16.69 -2.63 16.06
CA LYS A 190 15.67 -3.62 15.77
C LYS A 190 14.86 -3.32 14.52
N LYS A 191 15.05 -2.15 13.91
CA LYS A 191 14.45 -1.84 12.62
C LYS A 191 15.58 -1.76 11.60
N ILE A 192 15.63 -2.75 10.71
CA ILE A 192 16.71 -2.86 9.73
C ILE A 192 16.10 -3.02 8.35
N ALA A 193 16.46 -2.13 7.44
CA ALA A 193 16.09 -2.22 6.04
C ALA A 193 17.24 -2.79 5.24
N THR A 194 16.92 -3.42 4.12
CA THR A 194 17.91 -4.10 3.30
C THR A 194 17.78 -3.67 1.85
N ILE A 195 18.91 -3.37 1.23
CA ILE A 195 18.99 -3.09 -0.20
C ILE A 195 19.99 -4.06 -0.79
N GLN A 196 19.64 -4.67 -1.92
CA GLN A 196 20.48 -5.68 -2.52
C GLN A 196 20.49 -5.53 -4.03
N GLN A 197 21.49 -6.15 -4.63
CA GLN A 197 21.57 -6.28 -6.08
C GLN A 197 20.98 -7.62 -6.50
N THR A 198 20.27 -7.62 -7.63
CA THR A 198 19.56 -8.81 -8.08
C THR A 198 20.58 -9.83 -8.54
N THR A 199 20.93 -10.75 -7.65
CA THR A 199 21.88 -11.82 -7.93
C THR A 199 21.60 -12.95 -6.96
N GLU A 200 21.93 -14.17 -7.36
CA GLU A 200 21.55 -15.34 -6.57
C GLU A 200 22.23 -15.35 -5.21
N VAL A 201 23.52 -14.96 -5.16
CA VAL A 201 24.24 -15.00 -3.89
C VAL A 201 23.65 -14.02 -2.89
N PHE A 202 23.46 -12.77 -3.31
CA PHE A 202 22.92 -11.77 -2.40
C PHE A 202 21.48 -12.09 -2.03
N THR A 203 20.72 -12.66 -2.97
CA THR A 203 19.34 -13.02 -2.68
C THR A 203 19.27 -14.11 -1.63
N SER A 204 20.10 -15.16 -1.78
CA SER A 204 20.14 -16.22 -0.78
C SER A 204 20.61 -15.69 0.56
N THR A 205 21.58 -14.77 0.54
CA THR A 205 22.03 -14.15 1.78
C THR A 205 20.89 -13.42 2.49
N LEU A 206 20.08 -12.69 1.73
CA LEU A 206 18.94 -12.01 2.34
C LEU A 206 17.90 -12.98 2.86
N ASP A 207 17.60 -14.04 2.11
CA ASP A 207 16.65 -15.04 2.59
C ASP A 207 17.12 -15.66 3.89
N ASP A 208 18.41 -15.93 4.01
CA ASP A 208 18.94 -16.45 5.26
C ASP A 208 18.85 -15.40 6.37
N LEU A 209 19.11 -14.14 6.04
CA LEU A 209 19.14 -13.09 7.06
C LEU A 209 17.75 -12.86 7.63
N GLU A 210 16.71 -13.06 6.83
CA GLU A 210 15.35 -12.93 7.36
C GLU A 210 15.12 -13.87 8.53
N GLU A 211 15.39 -15.17 8.33
CA GLU A 211 15.19 -16.13 9.40
C GLU A 211 16.23 -15.98 10.51
N ARG A 212 17.42 -15.47 10.20
CA ARG A 212 18.40 -15.23 11.25
C ARG A 212 17.97 -14.10 12.17
N VAL A 213 17.30 -13.08 11.63
CA VAL A 213 16.87 -11.96 12.47
C VAL A 213 15.55 -12.27 13.13
N LYS A 214 14.76 -13.18 12.56
CA LYS A 214 13.52 -13.58 13.21
C LYS A 214 13.77 -14.20 14.58
N GLU A 215 14.79 -15.05 14.69
CA GLU A 215 15.09 -15.68 15.98
C GLU A 215 15.44 -14.65 17.05
N ALA A 216 16.21 -13.64 16.70
CA ALA A 216 16.66 -12.63 17.65
C ALA A 216 15.64 -11.54 17.90
N GLY A 217 14.44 -11.66 17.34
CA GLY A 217 13.42 -10.66 17.56
C GLY A 217 13.72 -9.32 16.93
N ILE A 218 14.09 -9.31 15.66
CA ILE A 218 14.32 -8.09 14.91
C ILE A 218 13.42 -8.14 13.67
N GLU A 219 13.18 -6.97 13.09
CA GLU A 219 12.25 -6.84 11.97
C GLU A 219 12.94 -6.17 10.80
N ILE A 220 12.85 -6.80 9.64
CA ILE A 220 13.33 -6.20 8.40
C ILE A 220 12.16 -5.44 7.79
N THR A 221 12.09 -4.14 8.05
CA THR A 221 10.93 -3.36 7.66
C THR A 221 10.84 -3.20 6.15
N PHE A 222 11.92 -2.74 5.52
CA PHE A 222 11.88 -2.33 4.12
C PHE A 222 12.97 -3.04 3.34
N ARG A 223 12.58 -3.65 2.22
CA ARG A 223 13.49 -4.38 1.36
C ARG A 223 13.43 -3.79 -0.04
N GLN A 224 14.51 -3.93 -0.79
CA GLN A 224 14.59 -3.40 -2.15
C GLN A 224 15.55 -4.24 -2.97
N SER A 225 15.65 -3.90 -4.25
CA SER A 225 16.55 -4.58 -5.16
C SER A 225 16.70 -3.74 -6.41
N PHE A 226 17.77 -4.00 -7.16
CA PHE A 226 18.01 -3.29 -8.40
C PHE A 226 19.03 -4.05 -9.23
N PHE A 227 18.84 -4.05 -10.55
CA PHE A 227 19.74 -4.78 -11.43
C PHE A 227 21.02 -4.00 -11.70
N SER A 228 20.89 -2.79 -12.23
CA SER A 228 22.06 -1.98 -12.51
C SER A 228 21.96 -0.55 -11.97
N ASP A 229 20.75 0.00 -11.86
CA ASP A 229 20.59 1.38 -11.43
C ASP A 229 19.96 1.41 -10.05
N PRO A 230 20.62 2.00 -9.05
CA PRO A 230 20.10 1.94 -7.69
C PRO A 230 19.30 3.18 -7.27
N ALA A 231 18.94 4.03 -8.24
CA ALA A 231 18.35 5.32 -7.90
C ALA A 231 17.01 5.15 -7.18
N VAL A 232 16.09 4.41 -7.75
CA VAL A 232 14.75 4.29 -7.17
C VAL A 232 14.77 3.55 -5.84
N PRO A 233 15.60 2.52 -5.59
CA PRO A 233 15.61 1.94 -4.25
C PRO A 233 16.17 2.87 -3.19
N VAL A 234 17.21 3.64 -3.50
CA VAL A 234 17.72 4.58 -2.51
C VAL A 234 16.71 5.69 -2.26
N LYS A 235 15.96 6.09 -3.29
CA LYS A 235 14.91 7.08 -3.08
C LYS A 235 13.80 6.51 -2.19
N ASN A 236 13.43 5.24 -2.40
CA ASN A 236 12.44 4.62 -1.54
C ASN A 236 12.94 4.52 -0.10
N LEU A 237 14.23 4.21 0.07
CA LEU A 237 14.80 4.16 1.40
C LEU A 237 14.74 5.52 2.09
N LYS A 238 15.16 6.57 1.40
CA LYS A 238 15.13 7.90 1.99
C LYS A 238 13.70 8.32 2.31
N ARG A 239 12.75 7.98 1.44
CA ARG A 239 11.34 8.21 1.74
C ARG A 239 10.90 7.39 2.94
N GLN A 240 11.24 6.11 2.94
CA GLN A 240 10.83 5.17 3.98
C GLN A 240 11.36 5.54 5.36
N ASP A 241 12.41 6.35 5.44
CA ASP A 241 13.06 6.68 6.71
C ASP A 241 13.65 5.41 7.35
N ALA A 242 14.58 4.79 6.63
CA ALA A 242 15.29 3.64 7.17
C ALA A 242 16.60 4.09 7.79
N ARG A 243 16.86 3.61 9.00
CA ARG A 243 18.04 3.99 9.76
C ARG A 243 19.21 3.04 9.60
N ILE A 244 19.00 1.76 9.89
CA ILE A 244 20.04 0.75 9.76
C ILE A 244 19.80 0.04 8.44
N ILE A 245 20.65 0.32 7.45
CA ILE A 245 20.51 -0.22 6.11
C ILE A 245 21.63 -1.21 5.86
N VAL A 246 21.27 -2.38 5.34
CA VAL A 246 22.23 -3.41 4.98
C VAL A 246 22.27 -3.50 3.46
N GLY A 247 23.43 -3.19 2.87
CA GLY A 247 23.54 -3.17 1.44
C GLY A 247 24.41 -4.29 0.89
N LEU A 248 23.86 -5.07 -0.03
CA LEU A 248 24.56 -6.21 -0.61
C LEU A 248 24.71 -5.98 -2.11
N PHE A 249 25.85 -5.47 -2.52
CA PHE A 249 26.11 -5.23 -3.93
C PHE A 249 27.62 -5.24 -4.18
N TYR A 250 27.98 -5.43 -5.44
CA TYR A 250 29.39 -5.47 -5.85
C TYR A 250 30.02 -4.09 -5.75
N GLU A 251 31.30 -4.01 -6.12
CA GLU A 251 32.03 -2.76 -6.01
C GLU A 251 31.54 -1.73 -7.02
N THR A 252 31.37 -2.16 -8.28
CA THR A 252 30.92 -1.25 -9.33
C THR A 252 29.56 -0.66 -8.99
N GLU A 253 28.61 -1.51 -8.61
CA GLU A 253 27.33 -1.01 -8.15
C GLU A 253 27.48 -0.24 -6.84
N ALA A 254 28.50 -0.54 -6.05
CA ALA A 254 28.67 0.15 -4.78
C ALA A 254 28.99 1.62 -4.99
N ARG A 255 29.85 1.93 -5.96
CA ARG A 255 30.15 3.33 -6.22
C ARG A 255 28.92 4.11 -6.67
N LYS A 256 28.17 3.56 -7.62
CA LYS A 256 26.93 4.20 -8.05
C LYS A 256 25.96 4.36 -6.89
N VAL A 257 25.84 3.33 -6.04
CA VAL A 257 24.90 3.39 -4.93
C VAL A 257 25.27 4.50 -3.98
N PHE A 258 26.56 4.61 -3.65
CA PHE A 258 26.93 5.61 -2.66
C PHE A 258 26.99 7.01 -3.23
N CYS A 259 27.16 7.16 -4.54
CA CYS A 259 27.06 8.51 -5.10
C CYS A 259 25.61 8.96 -5.23
N GLU A 260 24.72 8.03 -5.57
CA GLU A 260 23.29 8.31 -5.45
C GLU A 260 22.93 8.66 -4.01
N VAL A 261 23.58 8.00 -3.04
CA VAL A 261 23.33 8.31 -1.64
C VAL A 261 23.83 9.70 -1.29
N TYR A 262 24.99 10.09 -1.84
CA TYR A 262 25.49 11.44 -1.61
C TYR A 262 24.52 12.48 -2.18
N LYS A 263 23.93 12.20 -3.35
CA LYS A 263 22.90 13.08 -3.86
C LYS A 263 21.71 13.13 -2.90
N GLU A 264 21.23 11.98 -2.47
CA GLU A 264 20.10 11.91 -1.54
C GLU A 264 20.47 12.32 -0.13
N ARG A 265 21.76 12.39 0.20
CA ARG A 265 22.21 12.70 1.55
C ARG A 265 21.69 11.68 2.55
N LEU A 266 21.84 10.39 2.21
CA LEU A 266 21.45 9.31 3.10
C LEU A 266 22.53 8.95 4.09
N PHE A 267 23.53 9.80 4.26
CA PHE A 267 24.62 9.57 5.21
C PHE A 267 24.53 10.60 6.32
N GLY A 268 25.52 10.57 7.21
CA GLY A 268 25.60 11.51 8.29
C GLY A 268 25.43 10.81 9.62
N LYS A 269 24.71 11.46 10.53
CA LYS A 269 24.58 10.95 11.88
C LYS A 269 23.54 9.84 11.98
N LYS A 270 22.32 10.10 11.51
CA LYS A 270 21.22 9.19 11.78
C LYS A 270 21.38 7.84 11.08
N TYR A 271 21.90 7.84 9.86
CA TYR A 271 21.91 6.67 9.00
C TYR A 271 23.20 5.90 9.18
N VAL A 272 23.07 4.57 9.32
CA VAL A 272 24.20 3.66 9.46
C VAL A 272 24.10 2.63 8.36
N TRP A 273 25.24 2.27 7.78
CA TRP A 273 25.29 1.35 6.65
C TRP A 273 26.14 0.14 6.97
N PHE A 274 25.70 -1.03 6.51
CA PHE A 274 26.46 -2.26 6.57
C PHE A 274 26.74 -2.70 5.13
N LEU A 275 28.02 -2.83 4.79
CA LEU A 275 28.42 -3.27 3.46
C LEU A 275 29.24 -4.54 3.56
N ILE A 276 29.55 -5.10 2.40
CA ILE A 276 30.50 -6.20 2.34
C ILE A 276 31.92 -5.64 2.33
N GLY A 277 32.87 -6.45 2.79
CA GLY A 277 34.20 -5.96 3.08
C GLY A 277 35.35 -6.53 2.26
N TRP A 278 35.09 -7.28 1.20
CA TRP A 278 36.19 -7.76 0.37
C TRP A 278 36.50 -6.85 -0.81
N TYR A 279 36.00 -5.62 -0.80
CA TYR A 279 36.40 -4.65 -1.82
C TYR A 279 37.88 -4.31 -1.67
N ALA A 280 38.38 -3.54 -2.64
CA ALA A 280 39.69 -2.92 -2.46
C ALA A 280 39.59 -1.85 -1.39
N ASP A 281 40.76 -1.40 -0.90
CA ASP A 281 40.76 -0.42 0.18
C ASP A 281 40.28 0.95 -0.31
N ASN A 282 40.70 1.36 -1.50
CA ASN A 282 40.38 2.68 -2.04
C ASN A 282 39.30 2.64 -3.11
N TRP A 283 38.27 1.82 -2.92
CA TRP A 283 37.25 1.67 -3.96
C TRP A 283 36.51 2.97 -4.20
N PHE A 284 36.26 3.75 -3.15
CA PHE A 284 35.57 5.02 -3.32
C PHE A 284 36.49 6.11 -3.86
N LYS A 285 37.81 5.86 -3.91
CA LYS A 285 38.72 6.79 -4.53
C LYS A 285 39.17 6.33 -5.91
N ILE A 286 38.60 5.24 -6.43
CA ILE A 286 38.91 4.80 -7.78
C ILE A 286 38.17 5.67 -8.78
N TYR A 287 38.87 6.10 -9.82
CA TYR A 287 38.25 6.94 -10.83
C TYR A 287 37.23 6.13 -11.61
N ASP A 288 36.04 6.70 -11.79
CA ASP A 288 34.98 6.04 -12.54
C ASP A 288 34.16 7.08 -13.28
N PRO A 289 34.20 7.08 -14.61
CA PRO A 289 33.44 8.09 -15.37
C PRO A 289 31.95 7.84 -15.41
N SER A 290 31.48 6.68 -14.95
CA SER A 290 30.06 6.39 -14.91
C SER A 290 29.33 7.07 -13.75
N ILE A 291 30.03 7.89 -12.96
CA ILE A 291 29.45 8.57 -11.82
C ILE A 291 29.80 10.05 -11.93
N ASN A 292 28.79 10.92 -11.75
CA ASN A 292 29.04 12.36 -11.79
C ASN A 292 29.58 12.86 -10.45
N CYS A 293 28.97 12.39 -9.36
CA CYS A 293 29.52 12.52 -8.02
C CYS A 293 31.02 12.26 -7.98
N THR A 294 31.73 13.09 -7.22
CA THR A 294 33.18 13.17 -7.28
C THR A 294 33.84 12.44 -6.12
N VAL A 295 35.16 12.60 -6.03
CA VAL A 295 35.94 11.86 -5.05
C VAL A 295 35.65 12.34 -3.64
N ASP A 296 35.71 13.65 -3.40
CA ASP A 296 35.50 14.15 -2.05
C ASP A 296 34.07 13.94 -1.60
N GLU A 297 33.12 13.99 -2.53
CA GLU A 297 31.73 13.70 -2.17
C GLU A 297 31.58 12.25 -1.73
N MET A 298 32.29 11.33 -2.36
CA MET A 298 32.30 9.94 -1.90
C MET A 298 33.01 9.77 -0.57
N THR A 299 34.11 10.49 -0.35
CA THR A 299 34.76 10.46 0.96
C THR A 299 33.82 10.96 2.03
N GLU A 300 32.95 11.92 1.70
CA GLU A 300 31.96 12.38 2.66
C GLU A 300 30.88 11.34 2.87
N ALA A 301 30.45 10.67 1.79
CA ALA A 301 29.29 9.78 1.90
C ALA A 301 29.65 8.45 2.55
N VAL A 302 30.67 7.77 2.02
CA VAL A 302 30.97 6.43 2.49
C VAL A 302 31.49 6.46 3.93
N GLU A 303 32.10 7.56 4.33
CA GLU A 303 32.91 7.59 5.55
C GLU A 303 32.08 7.29 6.79
N GLY A 304 32.58 6.35 7.59
CA GLY A 304 31.91 5.93 8.81
C GLY A 304 31.02 4.72 8.68
N HIS A 305 31.25 3.86 7.70
CA HIS A 305 30.40 2.70 7.50
C HIS A 305 31.09 1.43 7.99
N ILE A 306 30.29 0.44 8.37
CA ILE A 306 30.80 -0.80 8.94
C ILE A 306 30.84 -1.86 7.87
N THR A 307 31.91 -2.66 7.86
CA THR A 307 32.13 -3.71 6.88
C THR A 307 32.53 -4.97 7.60
N THR A 308 32.17 -6.12 7.03
CA THR A 308 32.46 -7.43 7.60
C THR A 308 33.15 -8.27 6.54
N GLU A 309 34.19 -9.00 6.93
CA GLU A 309 34.91 -9.84 5.98
C GLU A 309 35.50 -11.06 6.69
N ILE A 310 35.44 -12.21 6.02
CA ILE A 310 35.98 -13.43 6.62
C ILE A 310 37.49 -13.32 6.77
N VAL A 311 37.99 -13.70 7.94
CA VAL A 311 39.42 -13.65 8.23
C VAL A 311 40.09 -14.81 7.52
N MET A 312 40.75 -14.51 6.40
CA MET A 312 41.44 -15.53 5.63
C MET A 312 42.91 -15.63 5.95
N LEU A 313 43.32 -15.21 7.15
CA LEU A 313 44.70 -15.37 7.61
C LEU A 313 44.71 -15.12 9.10
N ASN A 314 45.40 -15.97 9.84
CA ASN A 314 45.37 -15.89 11.30
C ASN A 314 45.98 -14.58 11.77
N PRO A 315 45.21 -13.75 12.48
CA PRO A 315 45.76 -12.47 12.96
C PRO A 315 46.89 -12.64 13.95
N ALA A 316 46.85 -13.68 14.77
CA ALA A 316 47.89 -13.88 15.78
C ALA A 316 49.18 -14.32 15.11
N ASN A 317 50.19 -14.59 15.96
CA ASN A 317 51.50 -15.00 15.49
C ASN A 317 51.79 -16.47 15.81
N THR A 318 50.77 -17.25 16.13
CA THR A 318 50.95 -18.67 16.40
C THR A 318 51.43 -19.38 15.13
N ARG A 319 51.85 -20.63 15.30
CA ARG A 319 52.33 -21.46 14.21
C ARG A 319 51.29 -22.53 13.89
N SER A 320 51.15 -22.85 12.61
CA SER A 320 50.20 -23.86 12.16
C SER A 320 50.87 -25.23 12.19
N ILE A 321 50.16 -26.25 11.69
CA ILE A 321 50.70 -27.61 11.71
C ILE A 321 51.87 -27.73 10.76
N SER A 322 51.97 -26.83 9.78
CA SER A 322 53.03 -26.90 8.79
C SER A 322 54.35 -26.33 9.29
N ASN A 323 54.40 -25.88 10.54
CA ASN A 323 55.55 -25.20 11.12
C ASN A 323 55.81 -23.85 10.46
N MET A 324 54.77 -23.20 9.97
CA MET A 324 54.92 -21.88 9.38
C MET A 324 54.03 -20.87 10.09
N THR A 325 54.42 -19.60 9.97
CA THR A 325 53.58 -18.48 10.39
C THR A 325 52.92 -17.86 9.17
N SER A 326 52.06 -16.88 9.41
CA SER A 326 51.38 -16.22 8.31
C SER A 326 52.37 -15.46 7.44
N GLN A 327 53.24 -14.67 8.06
CA GLN A 327 54.19 -13.86 7.28
C GLN A 327 55.17 -14.74 6.53
N GLU A 328 55.64 -15.82 7.16
CA GLU A 328 56.56 -16.72 6.47
C GLU A 328 55.88 -17.39 5.28
N PHE A 329 54.61 -17.77 5.43
CA PHE A 329 53.89 -18.36 4.31
C PHE A 329 53.73 -17.38 3.17
N VAL A 330 53.38 -16.13 3.49
CA VAL A 330 53.22 -15.12 2.45
C VAL A 330 54.54 -14.87 1.74
N GLU A 331 55.63 -14.80 2.51
CA GLU A 331 56.95 -14.63 1.92
C GLU A 331 57.28 -15.77 0.97
N LYS A 332 57.11 -17.01 1.43
CA LYS A 332 57.40 -18.18 0.59
C LYS A 332 56.52 -18.20 -0.65
N LEU A 333 55.28 -17.76 -0.53
CA LEU A 333 54.37 -17.77 -1.66
C LEU A 333 54.77 -16.74 -2.70
N THR A 334 54.98 -15.49 -2.28
CA THR A 334 55.40 -14.45 -3.21
C THR A 334 56.76 -14.77 -3.81
N LYS A 335 57.58 -15.56 -3.11
CA LYS A 335 58.79 -16.08 -3.73
C LYS A 335 58.44 -17.03 -4.87
N ARG A 336 57.39 -17.84 -4.70
CA ARG A 336 57.03 -18.80 -5.74
C ARG A 336 56.23 -18.14 -6.86
N LEU A 337 55.46 -17.11 -6.53
CA LEU A 337 54.67 -16.41 -7.54
C LEU A 337 55.58 -15.81 -8.60
N LYS A 338 55.11 -15.83 -9.85
CA LYS A 338 55.90 -15.27 -10.94
C LYS A 338 55.64 -13.78 -11.10
N ARG A 339 54.49 -13.31 -10.66
CA ARG A 339 54.13 -11.89 -10.71
C ARG A 339 54.05 -11.34 -9.30
N HIS A 340 53.66 -10.08 -9.20
CA HIS A 340 53.56 -9.45 -7.89
C HIS A 340 52.24 -9.85 -7.21
N PRO A 341 52.19 -9.85 -5.89
CA PRO A 341 50.97 -10.27 -5.17
C PRO A 341 49.74 -9.47 -5.53
N GLU A 342 49.91 -8.19 -5.86
CA GLU A 342 48.76 -7.38 -6.24
C GLU A 342 48.24 -7.76 -7.62
N GLU A 343 49.09 -8.40 -8.44
CA GLU A 343 48.68 -8.78 -9.78
C GLU A 343 48.11 -10.20 -9.80
N THR A 344 48.64 -11.07 -8.94
CA THR A 344 48.22 -12.47 -8.91
C THR A 344 46.80 -12.57 -8.36
N GLY A 345 45.92 -13.21 -9.12
CA GLY A 345 44.55 -13.35 -8.69
C GLY A 345 44.39 -14.42 -7.62
N GLY A 346 43.42 -14.20 -6.74
CA GLY A 346 43.21 -15.14 -5.64
C GLY A 346 44.35 -15.23 -4.67
N PHE A 347 44.91 -14.09 -4.25
CA PHE A 347 46.04 -14.13 -3.33
C PHE A 347 45.59 -14.20 -1.88
N GLN A 348 44.42 -13.64 -1.57
CA GLN A 348 43.90 -13.73 -0.21
C GLN A 348 43.14 -15.02 0.01
N GLU A 349 43.14 -15.91 -0.98
CA GLU A 349 42.47 -17.20 -0.88
C GLU A 349 43.45 -18.36 -0.75
N ALA A 350 44.73 -18.12 -0.99
CA ALA A 350 45.72 -19.20 -0.99
C ALA A 350 45.84 -19.94 0.33
N PRO A 351 45.81 -19.28 1.49
CA PRO A 351 45.77 -20.04 2.75
C PRO A 351 44.59 -21.00 2.82
N LEU A 352 43.47 -20.67 2.19
CA LEU A 352 42.37 -21.63 2.13
C LEU A 352 42.78 -22.90 1.39
N ALA A 353 43.49 -22.76 0.27
CA ALA A 353 43.96 -23.94 -0.45
C ALA A 353 44.97 -24.73 0.38
N TYR A 354 45.87 -24.03 1.07
CA TYR A 354 46.86 -24.70 1.90
C TYR A 354 46.18 -25.53 3.00
N ASP A 355 45.28 -24.90 3.75
CA ASP A 355 44.55 -25.61 4.79
C ASP A 355 43.66 -26.70 4.22
N ALA A 356 43.15 -26.54 3.00
CA ALA A 356 42.35 -27.61 2.40
C ALA A 356 43.20 -28.83 2.12
N ILE A 357 44.39 -28.63 1.55
CA ILE A 357 45.28 -29.75 1.30
C ILE A 357 45.67 -30.42 2.62
N TRP A 358 45.91 -29.61 3.66
CA TRP A 358 46.27 -30.19 4.94
C TRP A 358 45.11 -30.96 5.56
N ALA A 359 43.88 -30.46 5.40
CA ALA A 359 42.73 -31.17 5.91
C ALA A 359 42.54 -32.49 5.19
N LEU A 360 42.73 -32.51 3.87
CA LEU A 360 42.63 -33.75 3.12
C LEU A 360 43.71 -34.73 3.54
N ALA A 361 44.92 -34.22 3.77
CA ALA A 361 46.01 -35.09 4.23
C ALA A 361 45.69 -35.71 5.59
N LEU A 362 45.16 -34.90 6.51
CA LEU A 362 44.80 -35.41 7.82
C LEU A 362 43.66 -36.41 7.74
N ALA A 363 42.71 -36.18 6.85
CA ALA A 363 41.62 -37.15 6.66
C ALA A 363 42.18 -38.49 6.17
N LEU A 364 43.03 -38.44 5.14
CA LEU A 364 43.64 -39.67 4.64
C LEU A 364 44.47 -40.35 5.72
N ASN A 365 45.14 -39.59 6.58
CA ASN A 365 45.95 -40.20 7.63
C ASN A 365 45.07 -40.87 8.68
N LYS A 366 43.97 -40.23 9.05
CA LYS A 366 43.02 -40.85 9.96
C LYS A 366 42.49 -42.16 9.38
N THR A 367 41.96 -42.12 8.17
CA THR A 367 41.48 -43.36 7.56
C THR A 367 42.65 -44.27 7.19
N SER A 368 43.46 -43.85 6.22
CA SER A 368 44.63 -44.61 5.79
C SER A 368 44.27 -46.00 5.29
N ARG A 377 44.93 -49.11 2.78
CA ARG A 377 43.56 -49.32 2.33
C ARG A 377 43.18 -48.30 1.25
N LEU A 378 43.89 -47.18 1.23
CA LEU A 378 43.64 -46.17 0.22
C LEU A 378 44.23 -46.56 -1.13
N GLU A 379 45.08 -47.60 -1.14
CA GLU A 379 45.71 -48.04 -2.38
C GLU A 379 44.72 -48.68 -3.33
N ASP A 380 43.54 -49.06 -2.85
CA ASP A 380 42.57 -49.80 -3.63
C ASP A 380 41.26 -49.06 -3.85
N PHE A 381 41.31 -47.77 -4.15
CA PHE A 381 40.09 -47.01 -4.36
C PHE A 381 39.51 -47.30 -5.73
N ASN A 382 38.22 -47.62 -5.77
CA ASN A 382 37.47 -47.78 -7.01
C ASN A 382 36.25 -46.87 -6.96
N TYR A 383 35.77 -46.46 -8.14
CA TYR A 383 34.64 -45.55 -8.19
C TYR A 383 33.33 -46.21 -7.83
N ASN A 384 33.32 -47.53 -7.66
CA ASN A 384 32.10 -48.27 -7.37
C ASN A 384 31.98 -48.70 -5.92
N ASN A 385 32.99 -48.44 -5.09
CA ASN A 385 32.96 -48.75 -3.68
C ASN A 385 32.54 -47.52 -2.91
N GLN A 386 31.55 -47.67 -2.03
CA GLN A 386 31.08 -46.54 -1.24
C GLN A 386 31.70 -46.51 0.15
N THR A 387 32.26 -47.64 0.60
CA THR A 387 32.79 -47.77 1.94
C THR A 387 33.91 -46.77 2.21
N ILE A 388 34.89 -46.72 1.30
CA ILE A 388 36.01 -45.80 1.47
C ILE A 388 35.51 -44.36 1.41
N THR A 389 34.50 -44.10 0.59
CA THR A 389 33.94 -42.76 0.50
C THR A 389 33.33 -42.33 1.82
N ASP A 390 32.52 -43.22 2.42
CA ASP A 390 31.94 -42.87 3.72
C ASP A 390 33.00 -42.74 4.79
N GLN A 391 34.06 -43.55 4.73
CA GLN A 391 35.10 -43.46 5.75
C GLN A 391 35.86 -42.14 5.64
N ILE A 392 36.23 -41.74 4.41
CA ILE A 392 36.90 -40.46 4.23
C ILE A 392 35.96 -39.32 4.56
N TYR A 393 34.65 -39.50 4.33
CA TYR A 393 33.68 -38.49 4.73
C TYR A 393 33.67 -38.30 6.23
N ARG A 394 33.65 -39.41 6.97
CA ARG A 394 33.66 -39.31 8.43
C ARG A 394 34.97 -38.73 8.93
N ALA A 395 36.06 -38.97 8.20
CA ALA A 395 37.34 -38.37 8.56
C ALA A 395 37.30 -36.85 8.37
N MET A 396 36.74 -36.39 7.24
CA MET A 396 36.68 -34.96 6.97
C MET A 396 35.72 -34.25 7.91
N ASN A 397 34.52 -34.79 8.06
CA ASN A 397 33.48 -34.17 8.90
C ASN A 397 33.94 -34.02 10.34
N SER A 398 34.87 -34.84 10.80
CA SER A 398 35.44 -34.72 12.14
C SER A 398 36.74 -33.95 12.16
N SER A 399 36.93 -33.01 11.23
CA SER A 399 38.20 -32.29 11.16
C SER A 399 38.22 -31.12 12.13
N SER A 400 39.36 -30.96 12.81
CA SER A 400 39.58 -29.84 13.71
C SER A 400 41.09 -29.66 13.86
N PHE A 401 41.63 -28.61 13.26
CA PHE A 401 43.08 -28.44 13.34
C PHE A 401 43.47 -26.99 13.04
N GLU A 402 44.61 -26.58 13.57
CA GLU A 402 45.07 -25.20 13.46
C GLU A 402 46.01 -25.04 12.27
N GLY A 403 45.52 -24.36 11.23
CA GLY A 403 46.31 -24.09 10.04
C GLY A 403 46.57 -22.60 9.89
N VAL A 404 47.11 -22.25 8.71
CA VAL A 404 47.57 -20.89 8.46
C VAL A 404 46.42 -19.89 8.51
N SER A 405 45.21 -20.33 8.23
CA SER A 405 44.05 -19.45 8.31
C SER A 405 43.34 -19.51 9.66
N GLY A 406 43.78 -20.41 10.55
CA GLY A 406 43.18 -20.47 11.87
C GLY A 406 42.63 -21.83 12.23
N HIS A 407 41.62 -21.86 13.08
CA HIS A 407 40.97 -23.11 13.44
C HIS A 407 40.10 -23.60 12.29
N VAL A 408 40.44 -24.76 11.74
CA VAL A 408 39.72 -25.37 10.64
C VAL A 408 38.80 -26.42 11.22
N VAL A 409 37.49 -26.17 11.12
CA VAL A 409 36.45 -27.08 11.53
C VAL A 409 35.26 -26.85 10.61
N PHE A 410 34.64 -27.94 10.16
CA PHE A 410 33.51 -27.87 9.25
C PHE A 410 32.22 -28.10 10.02
N ASP A 411 31.17 -27.37 9.63
CA ASP A 411 29.90 -27.49 10.32
C ASP A 411 29.14 -28.73 9.83
N ALA A 412 27.88 -28.83 10.21
CA ALA A 412 27.09 -29.99 9.83
C ALA A 412 26.86 -30.06 8.33
N SER A 413 26.81 -28.91 7.65
CA SER A 413 26.53 -28.89 6.22
C SER A 413 27.80 -28.77 5.38
N GLY A 414 28.97 -28.99 5.96
CA GLY A 414 30.20 -28.96 5.21
C GLY A 414 30.81 -27.59 5.02
N SER A 415 30.20 -26.54 5.58
CA SER A 415 30.75 -25.19 5.48
C SER A 415 31.71 -24.96 6.63
N ARG A 416 32.81 -24.26 6.35
CA ARG A 416 33.78 -23.99 7.40
C ARG A 416 33.30 -22.83 8.28
N MET A 417 33.50 -22.98 9.58
CA MET A 417 33.21 -21.94 10.55
C MET A 417 34.51 -21.21 10.87
N ALA A 418 34.50 -19.89 10.73
CA ALA A 418 35.72 -19.12 10.91
C ALA A 418 35.38 -17.72 11.42
N TRP A 419 36.43 -17.01 11.80
CA TRP A 419 36.28 -15.65 12.32
C TRP A 419 35.76 -14.71 11.25
N THR A 420 35.24 -13.58 11.70
CA THR A 420 34.89 -12.47 10.82
C THR A 420 35.42 -11.18 11.41
N LEU A 421 36.15 -10.43 10.60
CA LEU A 421 36.73 -9.15 10.99
C LEU A 421 35.75 -8.04 10.63
N ILE A 422 35.48 -7.17 11.60
CA ILE A 422 34.57 -6.05 11.42
C ILE A 422 35.39 -4.77 11.44
N GLU A 423 35.39 -4.06 10.32
CA GLU A 423 36.15 -2.84 10.15
C GLU A 423 35.20 -1.67 9.95
N GLN A 424 35.76 -0.47 10.06
CA GLN A 424 35.01 0.76 9.85
C GLN A 424 35.92 1.78 9.20
N LEU A 425 35.37 2.51 8.22
CA LEU A 425 36.12 3.49 7.46
C LEU A 425 36.22 4.78 8.27
N GLN A 426 37.43 5.14 8.67
CA GLN A 426 37.69 6.34 9.46
C GLN A 426 38.77 7.16 8.76
N GLY A 427 38.46 8.41 8.45
CA GLY A 427 39.43 9.31 7.87
C GLY A 427 39.97 8.85 6.53
N GLY A 428 39.10 8.31 5.68
CA GLY A 428 39.52 7.83 4.38
C GLY A 428 40.39 6.59 4.42
N SER A 429 40.27 5.78 5.46
CA SER A 429 41.02 4.54 5.56
C SER A 429 40.25 3.60 6.49
N TYR A 430 40.56 2.32 6.40
CA TYR A 430 39.83 1.32 7.18
C TYR A 430 40.57 0.99 8.46
N LYS A 431 39.83 0.92 9.56
CA LYS A 431 40.37 0.57 10.86
C LYS A 431 39.57 -0.58 11.43
N LYS A 432 40.24 -1.69 11.72
CA LYS A 432 39.59 -2.86 12.28
C LYS A 432 39.05 -2.52 13.66
N ILE A 433 37.75 -2.73 13.87
CA ILE A 433 37.11 -2.39 15.14
C ILE A 433 36.77 -3.62 15.95
N GLY A 434 36.69 -4.79 15.35
CA GLY A 434 36.39 -5.96 16.14
C GLY A 434 36.56 -7.26 15.36
N TYR A 435 36.42 -8.36 16.09
CA TYR A 435 36.41 -9.70 15.53
C TYR A 435 35.25 -10.46 16.14
N TYR A 436 34.73 -11.44 15.40
CA TYR A 436 33.63 -12.26 15.89
C TYR A 436 33.85 -13.72 15.52
N ASP A 437 33.63 -14.60 16.48
CA ASP A 437 33.67 -16.04 16.27
C ASP A 437 32.26 -16.58 16.52
N SER A 438 31.66 -17.12 15.46
CA SER A 438 30.25 -17.52 15.55
C SER A 438 30.08 -18.87 16.22
N THR A 439 31.12 -19.71 16.19
CA THR A 439 31.03 -21.01 16.84
C THR A 439 30.82 -20.85 18.34
N LYS A 440 31.75 -20.20 19.02
CA LYS A 440 31.62 -19.90 20.44
C LYS A 440 30.84 -18.62 20.69
N ASP A 441 30.47 -17.90 19.63
CA ASP A 441 29.70 -16.67 19.73
C ASP A 441 30.39 -15.66 20.64
N ASP A 442 31.68 -15.44 20.41
CA ASP A 442 32.46 -14.50 21.20
C ASP A 442 32.88 -13.34 20.30
N LEU A 443 32.70 -12.13 20.82
CA LEU A 443 32.92 -10.90 20.07
C LEU A 443 34.02 -10.10 20.72
N SER A 444 35.22 -10.14 20.13
CA SER A 444 36.36 -9.40 20.63
C SER A 444 36.28 -7.97 20.13
N TRP A 445 36.30 -7.02 21.06
CA TRP A 445 36.15 -5.61 20.76
C TRP A 445 37.43 -4.87 21.09
N SER A 446 37.83 -3.94 20.21
CA SER A 446 39.05 -3.18 20.45
C SER A 446 38.76 -1.78 20.96
N LYS A 447 37.50 -1.34 20.90
CA LYS A 447 37.09 -0.02 21.38
C LYS A 447 37.71 1.10 20.56
N THR A 448 37.95 0.85 19.27
CA THR A 448 38.53 1.86 18.38
C THR A 448 37.53 2.44 17.40
N ASP A 449 36.27 2.01 17.45
CA ASP A 449 35.27 2.59 16.57
C ASP A 449 34.95 4.02 17.00
N LYS A 450 34.23 4.73 16.13
CA LYS A 450 33.85 6.10 16.40
C LYS A 450 32.41 6.33 15.98
N TRP A 451 31.77 7.29 16.62
CA TRP A 451 30.47 7.78 16.20
C TRP A 451 30.44 9.28 16.43
N ILE A 452 29.41 9.94 15.88
CA ILE A 452 29.37 11.39 15.93
C ILE A 452 29.19 11.89 17.37
N GLY A 453 28.08 11.51 18.00
CA GLY A 453 27.81 11.98 19.33
C GLY A 453 28.40 11.11 20.42
N GLY A 454 29.43 10.33 20.07
CA GLY A 454 30.05 9.42 21.01
C GLY A 454 29.35 8.09 21.17
N SER A 455 28.12 7.97 20.68
CA SER A 455 27.35 6.73 20.80
C SER A 455 26.80 6.40 19.42
N PRO A 456 26.43 5.14 19.20
CA PRO A 456 25.88 4.76 17.89
C PRO A 456 24.54 5.44 17.65
N PRO A 457 24.19 5.69 16.39
CA PRO A 457 22.89 6.30 16.10
C PRO A 457 21.77 5.37 16.51
N ALA A 458 20.60 5.97 16.74
CA ALA A 458 19.45 5.19 17.17
C ALA A 458 18.77 4.50 15.99
N ASP A 459 18.13 3.37 16.27
CA ASP A 459 17.48 2.61 15.20
C ASP A 459 16.27 3.35 14.66
N GLN A 460 15.70 4.26 15.45
CA GLN A 460 14.55 5.03 15.00
C GLN A 460 14.34 6.22 15.92
N THR A 461 13.51 7.14 15.46
CA THR A 461 13.15 8.30 16.26
C THR A 461 12.08 7.91 17.26
N LEU A 462 12.35 8.15 18.54
CA LEU A 462 11.33 8.00 19.55
C LEU A 462 10.53 9.29 19.68
N VAL A 463 9.28 9.17 20.07
CA VAL A 463 8.39 10.32 20.07
C VAL A 463 7.93 10.57 21.50
N ILE A 464 8.65 11.42 22.23
CA ILE A 464 8.25 11.77 23.57
C ILE A 464 6.95 12.55 23.51
N LYS A 465 5.88 11.94 24.01
CA LYS A 465 4.58 12.59 24.10
C LYS A 465 4.57 13.46 25.34
N THR A 466 4.63 14.77 25.15
CA THR A 466 4.52 15.71 26.24
C THR A 466 3.05 16.12 26.36
N PHE A 467 2.67 16.55 27.55
CA PHE A 467 1.31 16.97 27.83
C PHE A 467 1.28 18.47 28.11
N ARG A 468 0.47 19.20 27.34
CA ARG A 468 0.28 20.61 27.62
C ARG A 468 -0.62 20.77 28.84
N PHE A 469 -0.07 21.37 29.88
CA PHE A 469 -0.81 21.59 31.11
C PHE A 469 -1.15 23.06 31.22
N LEU A 470 -2.35 23.36 31.71
CA LEU A 470 -2.70 24.73 32.04
C LEU A 470 -1.69 25.29 33.04
N SER A 471 -1.40 26.58 32.93
CA SER A 471 -0.43 27.19 33.82
C SER A 471 -0.89 27.07 35.26
N GLN A 472 0.07 27.12 36.18
CA GLN A 472 -0.26 26.87 37.58
C GLN A 472 -0.53 28.16 38.35
N LYS A 473 0.27 29.21 38.11
CA LYS A 473 0.04 30.47 38.80
C LYS A 473 -1.30 31.08 38.41
N LEU A 474 -1.67 30.95 37.13
CA LEU A 474 -2.97 31.41 36.68
C LEU A 474 -4.09 30.69 37.40
N PHE A 475 -4.01 29.36 37.46
CA PHE A 475 -5.04 28.58 38.13
C PHE A 475 -5.14 28.93 39.60
N ILE A 476 -3.99 29.14 40.26
CA ILE A 476 -4.00 29.45 41.68
C ILE A 476 -4.64 30.82 41.93
N SER A 477 -4.22 31.83 41.17
CA SER A 477 -4.78 33.16 41.36
C SER A 477 -6.28 33.18 41.11
N VAL A 478 -6.71 32.54 40.02
CA VAL A 478 -8.12 32.55 39.67
C VAL A 478 -8.94 31.77 40.71
N SER A 479 -8.39 30.67 41.22
CA SER A 479 -9.12 29.91 42.22
C SER A 479 -9.26 30.71 43.51
N VAL A 480 -8.22 31.44 43.90
CA VAL A 480 -8.32 32.27 45.10
C VAL A 480 -9.37 33.35 44.90
N LEU A 481 -9.41 33.95 43.72
CA LEU A 481 -10.43 34.96 43.42
C LEU A 481 -11.83 34.37 43.51
N SER A 482 -12.02 33.16 42.95
CA SER A 482 -13.34 32.54 42.99
C SER A 482 -13.75 32.18 44.41
N SER A 483 -12.79 31.73 45.23
CA SER A 483 -13.12 31.41 46.62
C SER A 483 -13.52 32.66 47.40
N LEU A 484 -12.77 33.75 47.21
CA LEU A 484 -13.17 35.02 47.81
C LEU A 484 -14.56 35.43 47.38
N GLY A 485 -14.87 35.26 46.09
CA GLY A 485 -16.20 35.58 45.61
C GLY A 485 -17.27 34.72 46.27
N ILE A 486 -16.98 33.44 46.48
CA ILE A 486 -17.93 32.55 47.15
C ILE A 486 -18.16 33.02 48.58
N VAL A 487 -17.13 33.58 49.21
CA VAL A 487 -17.27 34.11 50.56
C VAL A 487 -18.31 35.22 50.58
N LEU A 488 -18.25 36.13 49.60
CA LEU A 488 -19.26 37.19 49.50
C LEU A 488 -20.65 36.64 49.28
N ALA A 489 -20.80 35.58 48.49
CA ALA A 489 -22.10 34.96 48.32
C ALA A 489 -22.61 34.42 49.65
N VAL A 490 -21.69 33.92 50.48
CA VAL A 490 -22.10 33.47 51.81
C VAL A 490 -22.60 34.64 52.64
N VAL A 491 -21.86 35.76 52.60
CA VAL A 491 -22.21 36.92 53.42
C VAL A 491 -23.55 37.50 53.00
N CYS A 492 -23.74 37.73 51.70
CA CYS A 492 -24.99 38.31 51.22
C CYS A 492 -26.17 37.38 51.45
N LEU A 493 -25.95 36.07 51.25
CA LEU A 493 -26.99 35.10 51.54
C LEU A 493 -27.42 35.16 53.00
N SER A 494 -26.46 35.10 53.93
CA SER A 494 -26.80 35.14 55.34
C SER A 494 -27.48 36.45 55.71
N PHE A 495 -26.99 37.56 55.17
CA PHE A 495 -27.60 38.86 55.42
C PHE A 495 -29.05 38.90 54.95
N ASN A 496 -29.32 38.31 53.79
CA ASN A 496 -30.68 38.30 53.27
C ASN A 496 -31.58 37.41 54.13
N ILE A 497 -31.05 36.29 54.60
CA ILE A 497 -31.89 35.33 55.33
C ILE A 497 -32.19 35.86 56.73
N TYR A 498 -31.24 36.58 57.32
CA TYR A 498 -31.44 37.09 58.68
C TYR A 498 -32.56 38.12 58.72
N ASN A 499 -32.59 39.04 57.76
CA ASN A 499 -33.52 40.16 57.77
C ASN A 499 -34.81 39.87 57.02
N SER A 500 -35.29 38.63 57.03
CA SER A 500 -36.50 38.32 56.30
C SER A 500 -37.75 38.82 57.02
N HIS A 501 -37.59 39.32 58.25
CA HIS A 501 -38.73 39.83 58.99
C HIS A 501 -38.96 41.31 58.71
N VAL A 502 -37.95 42.01 58.18
CA VAL A 502 -38.11 43.42 57.87
C VAL A 502 -39.07 43.58 56.70
N ARG A 503 -39.69 44.75 56.59
CA ARG A 503 -40.73 44.94 55.58
C ARG A 503 -40.13 45.28 54.22
N TYR A 504 -39.05 46.04 54.19
CA TYR A 504 -38.41 46.38 52.92
C TYR A 504 -37.99 45.13 52.17
N ILE A 505 -37.21 44.26 52.80
CA ILE A 505 -36.83 43.01 52.16
C ILE A 505 -38.04 42.11 51.98
N GLN A 506 -39.05 42.29 52.85
CA GLN A 506 -40.28 41.51 52.72
C GLN A 506 -40.97 41.78 51.40
N ASN A 507 -40.93 43.04 50.94
CA ASN A 507 -41.61 43.40 49.70
C ASN A 507 -40.98 42.71 48.51
N SER A 508 -39.69 42.91 48.29
CA SER A 508 -39.00 42.14 47.27
C SER A 508 -39.09 40.66 47.62
N GLN A 509 -39.07 39.82 46.58
CA GLN A 509 -39.26 38.40 46.79
C GLN A 509 -37.96 37.83 47.32
N PRO A 510 -37.84 37.56 48.62
CA PRO A 510 -36.52 37.25 49.17
C PRO A 510 -36.04 35.86 48.80
N ASN A 511 -36.96 34.91 48.64
CA ASN A 511 -36.55 33.56 48.27
C ASN A 511 -35.92 33.54 46.89
N LEU A 512 -36.40 34.40 45.99
CA LEU A 512 -35.81 34.45 44.65
C LEU A 512 -34.41 35.04 44.68
N ASN A 513 -34.18 36.07 45.49
CA ASN A 513 -32.84 36.59 45.65
C ASN A 513 -31.92 35.58 46.32
N ASN A 514 -32.45 34.81 47.27
CA ASN A 514 -31.66 33.74 47.88
C ASN A 514 -31.26 32.71 46.83
N LEU A 515 -32.19 32.32 45.97
CA LEU A 515 -31.87 31.38 44.90
C LEU A 515 -30.83 31.97 43.97
N THR A 516 -30.90 33.28 43.70
CA THR A 516 -29.90 33.91 42.86
C THR A 516 -28.53 33.85 43.51
N ALA A 517 -28.47 34.08 44.82
CA ALA A 517 -27.19 34.00 45.52
C ALA A 517 -26.63 32.59 45.50
N VAL A 518 -27.50 31.59 45.67
CA VAL A 518 -27.07 30.20 45.61
C VAL A 518 -26.53 29.86 44.23
N GLY A 519 -27.20 30.35 43.19
CA GLY A 519 -26.71 30.11 41.83
C GLY A 519 -25.37 30.76 41.59
N CYS A 520 -25.19 32.00 42.05
CA CYS A 520 -23.90 32.66 41.94
C CYS A 520 -22.82 31.84 42.66
N SER A 521 -23.13 31.33 43.85
CA SER A 521 -22.16 30.54 44.60
C SER A 521 -21.78 29.27 43.85
N LEU A 522 -22.76 28.58 43.29
CA LEU A 522 -22.46 27.35 42.54
C LEU A 522 -21.63 27.65 41.30
N ALA A 523 -21.98 28.71 40.57
CA ALA A 523 -21.21 29.05 39.38
C ALA A 523 -19.79 29.47 39.73
N LEU A 524 -19.61 30.10 40.88
CA LEU A 524 -18.27 30.46 41.32
C LEU A 524 -17.47 29.22 41.71
N ALA A 525 -18.12 28.30 42.43
CA ALA A 525 -17.44 27.07 42.84
C ALA A 525 -17.10 26.19 41.64
N ALA A 526 -17.82 26.37 40.53
CA ALA A 526 -17.55 25.55 39.35
C ALA A 526 -16.25 25.92 38.67
N VAL A 527 -15.53 26.93 39.17
CA VAL A 527 -14.27 27.32 38.54
C VAL A 527 -13.15 26.37 38.94
N PHE A 528 -13.26 25.73 40.10
CA PHE A 528 -12.23 24.79 40.54
C PHE A 528 -12.10 23.61 39.58
N PRO A 529 -13.14 22.81 39.34
CA PRO A 529 -12.98 21.68 38.42
C PRO A 529 -12.72 22.11 37.00
N LEU A 530 -13.21 23.28 36.60
CA LEU A 530 -13.08 23.70 35.21
C LEU A 530 -11.66 24.14 34.90
N GLY A 531 -10.83 24.29 35.92
CA GLY A 531 -9.45 24.67 35.69
C GLY A 531 -8.51 23.48 35.69
N LEU A 532 -8.70 22.56 36.63
CA LEU A 532 -7.76 21.48 36.81
C LEU A 532 -7.76 20.54 35.61
N ASP A 533 -6.58 20.02 35.30
CA ASP A 533 -6.36 19.09 34.20
C ASP A 533 -5.59 17.87 34.70
N GLY A 534 -5.06 17.08 33.78
CA GLY A 534 -4.33 15.87 34.17
C GLY A 534 -3.23 16.10 35.19
N TYR A 535 -2.64 17.31 35.19
CA TYR A 535 -1.57 17.68 36.13
C TYR A 535 -1.96 17.40 37.57
N HIS A 536 -3.24 17.46 37.90
CA HIS A 536 -3.72 17.23 39.26
C HIS A 536 -4.59 15.99 39.39
N ILE A 537 -5.29 15.59 38.33
CA ILE A 537 -6.25 14.51 38.41
C ILE A 537 -5.64 13.17 38.01
N GLY A 538 -4.83 13.15 36.96
CA GLY A 538 -4.43 11.90 36.37
C GLY A 538 -5.54 11.28 35.54
N ARG A 539 -5.24 10.08 35.01
CA ARG A 539 -6.12 9.49 34.01
C ARG A 539 -7.42 8.96 34.62
N ASN A 540 -7.38 8.60 35.90
CA ASN A 540 -8.45 7.77 36.43
C ASN A 540 -9.69 8.57 36.81
N GLN A 541 -9.54 9.56 37.69
CA GLN A 541 -10.71 10.19 38.31
C GLN A 541 -11.33 11.24 37.41
N PHE A 542 -10.71 11.51 36.26
CA PHE A 542 -11.08 12.59 35.35
C PHE A 542 -12.56 12.64 34.96
N PRO A 543 -13.23 11.52 34.70
CA PRO A 543 -14.64 11.61 34.30
C PRO A 543 -15.53 12.23 35.36
N PHE A 544 -15.29 11.93 36.64
CA PHE A 544 -16.03 12.59 37.69
C PHE A 544 -15.78 14.09 37.69
N VAL A 545 -14.54 14.50 37.36
CA VAL A 545 -14.22 15.92 37.27
C VAL A 545 -15.02 16.59 36.17
N CYS A 546 -15.06 15.97 34.98
CA CYS A 546 -15.83 16.56 33.89
C CYS A 546 -17.31 16.60 34.22
N GLN A 547 -17.82 15.55 34.87
CA GLN A 547 -19.23 15.53 35.24
C GLN A 547 -19.54 16.62 36.26
N ALA A 548 -18.63 16.84 37.21
CA ALA A 548 -18.85 17.87 38.22
C ALA A 548 -18.80 19.26 37.60
N ARG A 549 -17.85 19.48 36.69
CA ARG A 549 -17.83 20.73 35.94
C ARG A 549 -19.16 20.99 35.27
N LEU A 550 -19.61 20.03 34.46
CA LEU A 550 -20.85 20.19 33.71
C LEU A 550 -22.03 20.47 34.64
N TRP A 551 -22.19 19.67 35.68
CA TRP A 551 -23.38 19.75 36.50
C TRP A 551 -23.37 21.01 37.37
N LEU A 552 -22.23 21.34 37.96
CA LEU A 552 -22.14 22.54 38.78
C LEU A 552 -22.41 23.78 37.95
N LEU A 553 -21.75 23.91 36.78
CA LEU A 553 -21.99 25.07 35.95
C LEU A 553 -23.44 25.14 35.48
N GLY A 554 -24.00 23.99 35.08
CA GLY A 554 -25.37 23.99 34.58
C GLY A 554 -26.38 24.39 35.63
N LEU A 555 -26.31 23.77 36.80
CA LEU A 555 -27.27 24.10 37.85
C LEU A 555 -27.05 25.50 38.40
N GLY A 556 -25.80 25.96 38.45
CA GLY A 556 -25.53 27.31 38.87
C GLY A 556 -26.17 28.31 37.95
N PHE A 557 -25.96 28.17 36.65
CA PHE A 557 -26.61 29.07 35.70
C PHE A 557 -28.13 28.94 35.81
N SER A 558 -28.63 27.72 35.95
CA SER A 558 -30.08 27.50 36.00
C SER A 558 -30.71 28.28 37.13
N LEU A 559 -30.24 28.08 38.35
CA LEU A 559 -30.82 28.80 39.48
C LEU A 559 -30.58 30.31 39.37
N GLY A 560 -29.32 30.70 39.15
CA GLY A 560 -28.98 32.11 39.19
C GLY A 560 -29.71 32.93 38.14
N TYR A 561 -29.93 32.35 36.96
CA TYR A 561 -30.60 33.11 35.92
C TYR A 561 -32.10 32.86 35.93
N GLY A 562 -32.55 31.72 36.47
CA GLY A 562 -33.96 31.46 36.51
C GLY A 562 -34.66 32.35 37.51
N SER A 563 -34.02 32.64 38.63
CA SER A 563 -34.62 33.57 39.58
C SER A 563 -34.82 34.95 38.96
N MET A 564 -33.79 35.45 38.25
CA MET A 564 -33.89 36.77 37.65
C MET A 564 -34.91 36.79 36.52
N PHE A 565 -34.88 35.77 35.64
CA PHE A 565 -35.84 35.73 34.54
C PHE A 565 -37.26 35.59 35.06
N THR A 566 -37.45 34.87 36.17
CA THR A 566 -38.78 34.74 36.73
C THR A 566 -39.27 36.05 37.33
N LYS A 567 -38.38 36.77 38.01
CA LYS A 567 -38.73 38.11 38.49
C LYS A 567 -39.17 39.01 37.34
N ILE A 568 -38.39 39.03 36.26
CA ILE A 568 -38.69 39.94 35.16
C ILE A 568 -39.96 39.52 34.44
N TRP A 569 -40.13 38.22 34.18
CA TRP A 569 -41.35 37.74 33.55
C TRP A 569 -42.57 38.09 34.37
N TRP A 570 -42.53 37.82 35.67
CA TRP A 570 -43.74 38.03 36.46
C TRP A 570 -43.94 39.48 36.85
N VAL A 571 -42.98 40.36 36.58
CA VAL A 571 -43.30 41.78 36.54
C VAL A 571 -43.99 42.13 35.22
N HIS A 572 -43.48 41.56 34.12
CA HIS A 572 -44.05 41.85 32.81
C HIS A 572 -45.49 41.38 32.70
N THR A 573 -45.76 40.15 33.14
CA THR A 573 -47.12 39.63 33.02
C THR A 573 -48.09 40.42 33.88
N VAL A 574 -47.61 40.97 35.00
CA VAL A 574 -48.49 41.79 35.82
C VAL A 574 -48.68 43.17 35.21
N PHE A 575 -47.70 43.62 34.42
CA PHE A 575 -47.82 44.94 33.79
C PHE A 575 -48.92 44.97 32.74
N THR A 576 -49.24 43.82 32.14
CA THR A 576 -50.30 43.75 31.14
C THR A 576 -51.66 43.58 31.81
N LEU A 588 -48.35 37.56 40.70
CA LEU A 588 -48.38 38.40 41.89
C LEU A 588 -48.33 37.56 43.15
N GLU A 589 -48.88 36.36 43.08
CA GLU A 589 -48.86 35.45 44.22
C GLU A 589 -47.70 34.46 44.08
N PRO A 590 -47.19 33.94 45.20
CA PRO A 590 -45.92 33.21 45.13
C PRO A 590 -46.03 31.82 44.54
N TRP A 591 -47.25 31.27 44.45
CA TRP A 591 -47.46 29.96 43.83
C TRP A 591 -46.78 29.90 42.46
N LYS A 592 -47.18 30.78 41.56
CA LYS A 592 -46.66 30.74 40.20
C LYS A 592 -45.22 31.24 40.15
N LEU A 593 -44.85 32.13 41.07
CA LEU A 593 -43.47 32.62 41.11
C LEU A 593 -42.50 31.49 41.41
N TYR A 594 -42.89 30.55 42.26
CA TYR A 594 -42.03 29.40 42.54
C TYR A 594 -42.17 28.33 41.46
N ALA A 595 -43.39 28.15 40.94
CA ALA A 595 -43.61 27.16 39.89
C ALA A 595 -42.79 27.49 38.64
N THR A 596 -42.58 28.77 38.36
CA THR A 596 -41.82 29.14 37.17
C THR A 596 -40.37 28.70 37.26
N VAL A 597 -39.70 29.05 38.36
CA VAL A 597 -38.32 28.63 38.54
C VAL A 597 -38.24 27.12 38.62
N GLY A 598 -39.26 26.48 39.19
CA GLY A 598 -39.33 25.03 39.16
C GLY A 598 -39.29 24.48 37.76
N LEU A 599 -40.14 25.03 36.88
CA LEU A 599 -40.16 24.58 35.49
C LEU A 599 -38.81 24.79 34.81
N LEU A 600 -38.20 25.95 35.00
CA LEU A 600 -36.93 26.22 34.32
C LEU A 600 -35.83 25.28 34.80
N VAL A 601 -35.67 25.15 36.12
CA VAL A 601 -34.63 24.27 36.65
C VAL A 601 -34.90 22.82 36.26
N GLY A 602 -36.17 22.44 36.18
CA GLY A 602 -36.49 21.09 35.77
C GLY A 602 -36.14 20.81 34.33
N MET A 603 -36.43 21.78 33.44
CA MET A 603 -36.03 21.62 32.05
C MET A 603 -34.53 21.49 31.92
N ASP A 604 -33.78 22.33 32.65
CA ASP A 604 -32.33 22.23 32.62
C ASP A 604 -31.85 20.87 33.11
N VAL A 605 -32.40 20.40 34.22
CA VAL A 605 -31.96 19.13 34.79
C VAL A 605 -32.27 17.98 33.85
N LEU A 606 -33.44 18.02 33.19
CA LEU A 606 -33.79 16.95 32.27
C LEU A 606 -32.89 16.95 31.04
N THR A 607 -32.59 18.14 30.50
CA THR A 607 -31.68 18.20 29.36
C THR A 607 -30.30 17.67 29.72
N LEU A 608 -29.77 18.07 30.88
CA LEU A 608 -28.45 17.60 31.28
C LEU A 608 -28.47 16.11 31.58
N ALA A 609 -29.59 15.59 32.08
CA ALA A 609 -29.68 14.16 32.36
C ALA A 609 -29.71 13.36 31.06
N ILE A 610 -30.40 13.87 30.04
CA ILE A 610 -30.35 13.23 28.73
C ILE A 610 -28.93 13.24 28.19
N TRP A 611 -28.24 14.38 28.32
CA TRP A 611 -26.84 14.45 27.91
C TRP A 611 -26.00 13.42 28.64
N GLN A 612 -26.29 13.20 29.93
CA GLN A 612 -25.56 12.19 30.68
C GLN A 612 -25.85 10.78 30.19
N ILE A 613 -27.13 10.41 30.11
CA ILE A 613 -27.49 9.03 29.82
C ILE A 613 -27.11 8.64 28.40
N VAL A 614 -27.42 9.49 27.41
CA VAL A 614 -27.16 9.15 26.02
C VAL A 614 -25.66 9.18 25.74
N ASP A 615 -25.03 10.30 26.07
CA ASP A 615 -23.63 10.55 25.70
C ASP A 615 -22.86 11.08 26.90
N PRO A 616 -22.48 10.23 27.83
CA PRO A 616 -21.63 10.67 28.94
C PRO A 616 -20.28 11.14 28.43
N LEU A 617 -19.68 12.08 29.17
CA LEU A 617 -18.40 12.64 28.76
C LEU A 617 -17.26 11.75 29.19
N HIS A 618 -16.08 11.98 28.62
CA HIS A 618 -14.91 11.18 28.93
C HIS A 618 -13.67 11.87 28.39
N ARG A 619 -12.52 11.47 28.91
CA ARG A 619 -11.25 12.00 28.45
C ARG A 619 -11.00 11.66 27.00
N THR A 620 -10.50 12.64 26.24
CA THR A 620 -10.09 12.42 24.85
C THR A 620 -8.84 13.25 24.58
N ILE A 621 -7.81 12.61 24.06
CA ILE A 621 -6.54 13.27 23.81
C ILE A 621 -6.56 13.88 22.42
N GLU A 622 -6.00 15.08 22.30
CA GLU A 622 -5.85 15.76 21.02
C GLU A 622 -4.36 15.81 20.69
N THR A 623 -4.01 15.42 19.46
CA THR A 623 -2.62 15.41 19.05
C THR A 623 -2.29 16.71 18.31
N PHE A 624 -1.00 16.97 18.14
CA PHE A 624 -0.54 18.20 17.52
C PHE A 624 0.56 17.87 16.52
N ALA A 625 1.11 18.92 15.90
CA ALA A 625 2.21 18.74 14.94
C ALA A 625 3.53 18.68 15.67
N LYS A 626 4.49 18.00 15.06
CA LYS A 626 5.77 17.71 15.70
C LYS A 626 6.51 19.01 16.02
N GLU A 627 6.66 19.29 17.31
CA GLU A 627 7.38 20.48 17.77
C GLU A 627 8.81 20.10 18.17
N GLU A 628 9.63 19.90 17.14
CA GLU A 628 11.00 19.47 17.39
C GLU A 628 11.77 20.55 18.13
N PRO A 629 12.56 20.19 19.15
CA PRO A 629 13.51 21.14 19.71
C PRO A 629 14.87 21.00 19.07
N LYS A 630 15.54 22.12 18.80
CA LYS A 630 16.82 22.06 18.13
C LYS A 630 17.95 22.03 19.16
N GLU A 631 19.18 21.96 18.64
CA GLU A 631 20.39 21.88 19.47
C GLU A 631 20.31 20.68 20.41
N ASP A 632 19.77 19.57 19.92
CA ASP A 632 19.52 18.39 20.72
C ASP A 632 19.64 17.16 19.82
N ILE A 633 19.12 16.03 20.29
CA ILE A 633 19.23 14.77 19.58
C ILE A 633 17.95 14.49 18.79
N ASP A 634 18.09 13.73 17.71
CA ASP A 634 17.01 13.53 16.76
C ASP A 634 15.94 12.65 17.41
N VAL A 635 15.13 13.29 18.26
CA VAL A 635 13.95 12.66 18.81
C VAL A 635 12.82 13.69 18.87
N SER A 636 11.82 13.51 18.01
CA SER A 636 10.74 14.49 17.91
C SER A 636 9.89 14.52 19.17
N ILE A 637 9.61 15.72 19.65
CA ILE A 637 8.71 15.94 20.77
C ILE A 637 7.32 16.15 20.20
N LEU A 638 6.33 15.44 20.73
CA LEU A 638 4.97 15.60 20.23
C LEU A 638 4.06 16.04 21.36
N PRO A 639 3.40 17.18 21.24
CA PRO A 639 2.55 17.67 22.32
C PRO A 639 1.11 17.21 22.21
N GLN A 640 0.51 16.80 23.31
CA GLN A 640 -0.92 16.50 23.35
C GLN A 640 -1.63 17.43 24.31
N LEU A 641 -2.83 17.85 23.91
CA LEU A 641 -3.67 18.73 24.72
C LEU A 641 -4.86 17.93 25.19
N GLU A 642 -4.90 17.61 26.48
CA GLU A 642 -5.98 16.81 27.02
C GLU A 642 -7.31 17.54 26.86
N HIS A 643 -8.40 16.77 26.93
CA HIS A 643 -9.73 17.31 26.80
C HIS A 643 -10.69 16.41 27.56
N CYS A 644 -11.98 16.69 27.41
CA CYS A 644 -13.01 15.71 27.69
C CYS A 644 -14.30 16.20 27.06
N SER A 645 -14.91 15.36 26.24
CA SER A 645 -16.03 15.78 25.41
C SER A 645 -16.88 14.55 25.14
N SER A 646 -18.18 14.80 24.98
CA SER A 646 -19.07 13.76 24.47
C SER A 646 -18.67 13.42 23.04
N ARG A 647 -19.18 12.27 22.56
CA ARG A 647 -18.78 11.82 21.22
C ARG A 647 -19.22 12.81 20.15
N LYS A 648 -20.44 13.35 20.28
CA LYS A 648 -20.89 14.46 19.47
C LYS A 648 -21.22 15.62 20.39
N MET A 649 -20.22 16.41 20.76
CA MET A 649 -20.40 17.47 21.73
C MET A 649 -20.83 18.78 21.09
N ASN A 650 -20.42 19.04 19.86
CA ASN A 650 -20.87 20.26 19.19
C ASN A 650 -22.38 20.27 19.03
N THR A 651 -22.95 19.14 18.60
CA THR A 651 -24.41 19.05 18.47
C THR A 651 -25.07 19.12 19.84
N TRP A 652 -24.43 18.58 20.87
CA TRP A 652 -25.04 18.53 22.18
C TRP A 652 -25.02 19.90 22.85
N LEU A 653 -23.85 20.53 22.93
CA LEU A 653 -23.79 21.84 23.55
C LEU A 653 -24.42 22.90 22.65
N GLY A 654 -24.61 22.58 21.38
CA GLY A 654 -25.31 23.47 20.47
C GLY A 654 -26.72 23.79 20.92
N ILE A 655 -27.53 22.76 21.18
CA ILE A 655 -28.91 23.01 21.58
C ILE A 655 -28.95 23.76 22.90
N PHE A 656 -28.01 23.46 23.79
CA PHE A 656 -27.99 24.08 25.10
C PHE A 656 -27.64 25.56 25.00
N TYR A 657 -26.60 25.88 24.23
CA TYR A 657 -26.21 27.27 24.05
C TYR A 657 -27.28 28.05 23.32
N GLY A 658 -27.94 27.43 22.33
CA GLY A 658 -29.02 28.12 21.64
C GLY A 658 -30.20 28.40 22.55
N TYR A 659 -30.60 27.39 23.34
CA TYR A 659 -31.70 27.56 24.28
C TYR A 659 -31.39 28.65 25.30
N LYS A 660 -30.21 28.61 25.90
CA LYS A 660 -29.85 29.61 26.90
C LYS A 660 -29.69 30.98 26.26
N GLY A 661 -29.21 31.04 25.02
CA GLY A 661 -29.06 32.33 24.37
C GLY A 661 -30.39 32.98 24.06
N LEU A 662 -31.35 32.18 23.58
CA LEU A 662 -32.70 32.69 23.39
C LEU A 662 -33.29 33.15 24.70
N LEU A 663 -33.04 32.40 25.78
CA LEU A 663 -33.56 32.80 27.08
C LEU A 663 -32.96 34.13 27.55
N LEU A 664 -31.65 34.28 27.42
CA LEU A 664 -30.99 35.53 27.78
C LEU A 664 -31.44 36.71 26.91
N LEU A 665 -31.67 36.48 25.62
CA LEU A 665 -32.12 37.57 24.77
C LEU A 665 -33.54 37.99 25.12
N LEU A 666 -34.43 37.03 25.34
CA LEU A 666 -35.79 37.37 25.77
C LEU A 666 -35.77 38.05 27.14
N GLY A 667 -34.84 37.65 28.01
CA GLY A 667 -34.74 38.30 29.30
C GLY A 667 -34.29 39.74 29.17
N ILE A 668 -33.31 40.00 28.29
CA ILE A 668 -32.89 41.37 28.04
C ILE A 668 -34.04 42.20 27.52
N PHE A 669 -34.81 41.63 26.58
CA PHE A 669 -35.91 42.39 26.00
C PHE A 669 -37.00 42.69 27.03
N LEU A 670 -37.34 41.70 27.86
CA LEU A 670 -38.36 41.95 28.89
C LEU A 670 -37.86 42.94 29.93
N ALA A 671 -36.58 42.84 30.32
CA ALA A 671 -36.04 43.76 31.31
C ALA A 671 -36.00 45.17 30.77
N TYR A 672 -35.85 45.33 29.45
CA TYR A 672 -35.91 46.67 28.88
C TYR A 672 -37.36 47.14 28.76
N GLU A 673 -38.27 46.26 28.35
CA GLU A 673 -39.68 46.64 28.23
C GLU A 673 -40.24 47.08 29.57
N THR A 674 -39.77 46.49 30.65
CA THR A 674 -40.24 46.87 31.98
C THR A 674 -39.21 47.72 32.72
N LYS A 675 -38.54 48.63 32.02
CA LYS A 675 -37.55 49.49 32.66
C LYS A 675 -38.19 50.47 33.62
N SER A 676 -39.17 51.24 33.15
CA SER A 676 -39.72 52.33 33.95
C SER A 676 -40.86 51.87 34.84
N VAL A 677 -41.38 50.67 34.60
CA VAL A 677 -42.51 50.16 35.37
C VAL A 677 -42.13 50.06 36.84
N SER A 678 -43.11 50.24 37.72
CA SER A 678 -42.89 50.20 39.16
C SER A 678 -43.98 49.36 39.81
N THR A 679 -43.57 48.31 40.51
CA THR A 679 -44.49 47.45 41.25
C THR A 679 -43.93 47.21 42.64
N GLU A 680 -44.81 47.17 43.64
CA GLU A 680 -44.36 47.09 45.02
C GLU A 680 -43.95 45.66 45.40
N LYS A 681 -44.68 44.65 44.92
CA LYS A 681 -44.39 43.28 45.32
C LYS A 681 -43.07 42.77 44.75
N ILE A 682 -42.49 43.47 43.79
CA ILE A 682 -41.13 43.20 43.36
C ILE A 682 -40.36 44.51 43.36
N ASN A 683 -39.69 44.79 44.47
CA ASN A 683 -39.10 46.10 44.69
C ASN A 683 -37.80 46.28 43.92
N ASP A 684 -36.95 45.24 43.91
CA ASP A 684 -35.60 45.38 43.38
C ASP A 684 -35.52 45.17 41.87
N HIS A 685 -36.66 45.06 41.18
CA HIS A 685 -36.67 44.50 39.84
C HIS A 685 -35.83 45.33 38.88
N ARG A 686 -35.83 46.66 39.05
CA ARG A 686 -35.04 47.50 38.16
C ARG A 686 -33.56 47.17 38.26
N ALA A 687 -33.07 46.98 39.49
CA ALA A 687 -31.67 46.58 39.65
C ALA A 687 -31.43 45.25 38.96
N VAL A 688 -32.39 44.34 39.00
CA VAL A 688 -32.28 43.08 38.29
C VAL A 688 -32.05 43.34 36.80
N GLY A 689 -32.75 44.33 36.25
CA GLY A 689 -32.55 44.69 34.87
C GLY A 689 -31.11 45.09 34.59
N MET A 690 -30.49 45.83 35.51
CA MET A 690 -29.11 46.23 35.31
C MET A 690 -28.18 45.02 35.35
N ALA A 691 -28.59 43.94 36.04
CA ALA A 691 -27.71 42.79 36.17
C ALA A 691 -27.76 41.92 34.93
N ILE A 692 -28.97 41.59 34.45
CA ILE A 692 -29.14 40.63 33.36
C ILE A 692 -28.29 41.01 32.16
N TYR A 693 -28.33 42.29 31.77
CA TYR A 693 -27.50 42.80 30.67
C TYR A 693 -26.07 42.31 30.79
N ASN A 694 -25.42 42.65 31.91
CA ASN A 694 -24.03 42.24 32.13
C ASN A 694 -23.86 40.76 31.94
N VAL A 695 -24.70 39.97 32.64
CA VAL A 695 -24.66 38.52 32.51
C VAL A 695 -24.71 38.12 31.05
N ALA A 696 -25.78 38.55 30.36
CA ALA A 696 -25.98 38.18 28.96
C ALA A 696 -24.76 38.55 28.14
N VAL A 697 -24.29 39.79 28.31
CA VAL A 697 -23.17 40.27 27.50
C VAL A 697 -21.97 39.37 27.71
N LEU A 698 -21.60 39.17 28.98
CA LEU A 698 -20.44 38.35 29.28
C LEU A 698 -20.61 36.96 28.71
N CYS A 699 -21.80 36.38 28.94
CA CYS A 699 -22.06 35.04 28.48
C CYS A 699 -21.88 34.96 26.97
N LEU A 700 -22.47 35.92 26.25
CA LEU A 700 -22.33 35.91 24.79
C LEU A 700 -20.88 36.06 24.40
N ILE A 701 -20.18 37.02 25.01
CA ILE A 701 -18.79 37.26 24.63
C ILE A 701 -17.92 36.09 25.05
N THR A 702 -18.40 35.28 25.99
CA THR A 702 -17.60 34.16 26.45
C THR A 702 -18.14 32.85 25.89
N ALA A 703 -19.27 32.89 25.19
CA ALA A 703 -19.85 31.65 24.71
C ALA A 703 -19.11 31.08 23.51
N PRO A 704 -19.01 31.79 22.37
CA PRO A 704 -18.28 31.19 21.24
C PRO A 704 -16.77 31.27 21.37
N VAL A 705 -16.26 32.22 22.16
CA VAL A 705 -14.82 32.42 22.25
C VAL A 705 -14.12 31.15 22.75
N THR A 706 -14.64 30.57 23.82
CA THR A 706 -14.09 29.32 24.31
C THR A 706 -14.21 28.21 23.26
N MET A 707 -15.27 28.24 22.46
CA MET A 707 -15.36 27.31 21.34
C MET A 707 -14.25 27.57 20.33
N ILE A 708 -13.96 28.84 20.06
CA ILE A 708 -12.95 29.16 19.05
C ILE A 708 -11.56 28.81 19.57
N LEU A 709 -11.35 28.93 20.88
CA LEU A 709 -10.05 28.72 21.50
C LEU A 709 -9.99 27.38 22.23
N SER A 710 -10.53 26.32 21.62
CA SER A 710 -10.35 24.98 22.19
C SER A 710 -8.88 24.67 22.39
N SER A 711 -8.07 24.79 21.34
CA SER A 711 -6.63 24.83 21.52
C SER A 711 -6.24 26.07 22.30
N GLN A 712 -4.98 26.13 22.73
CA GLN A 712 -4.53 27.19 23.62
C GLN A 712 -5.34 27.16 24.91
N GLN A 713 -5.19 26.08 25.67
CA GLN A 713 -6.00 25.83 26.85
C GLN A 713 -5.89 26.97 27.87
N ASP A 714 -4.74 27.63 27.92
CA ASP A 714 -4.55 28.69 28.92
C ASP A 714 -5.50 29.86 28.67
N ALA A 715 -5.54 30.36 27.42
CA ALA A 715 -6.43 31.46 27.11
C ALA A 715 -7.90 31.05 27.26
N ALA A 716 -8.23 29.82 26.90
CA ALA A 716 -9.62 29.38 27.01
C ALA A 716 -10.06 29.36 28.47
N PHE A 717 -9.23 28.81 29.35
CA PHE A 717 -9.57 28.82 30.77
C PHE A 717 -9.64 30.25 31.30
N ALA A 718 -8.73 31.12 30.84
CA ALA A 718 -8.78 32.51 31.27
C ALA A 718 -10.11 33.15 30.93
N PHE A 719 -10.52 33.06 29.65
CA PHE A 719 -11.80 33.62 29.24
C PHE A 719 -12.96 33.04 30.06
N ALA A 720 -13.06 31.71 30.11
CA ALA A 720 -14.21 31.09 30.75
C ALA A 720 -14.29 31.46 32.23
N SER A 721 -13.18 31.34 32.95
CA SER A 721 -13.24 31.54 34.38
C SER A 721 -13.38 33.02 34.74
N LEU A 722 -12.74 33.91 33.97
CA LEU A 722 -12.93 35.33 34.22
C LEU A 722 -14.37 35.75 33.94
N ALA A 723 -14.98 35.18 32.90
CA ALA A 723 -16.39 35.47 32.64
C ALA A 723 -17.25 35.01 33.81
N ILE A 724 -17.00 33.81 34.33
CA ILE A 724 -17.77 33.30 35.44
C ILE A 724 -17.62 34.20 36.66
N VAL A 725 -16.38 34.58 36.97
CA VAL A 725 -16.12 35.37 38.17
C VAL A 725 -16.74 36.74 38.05
N PHE A 726 -16.59 37.39 36.89
CA PHE A 726 -17.14 38.72 36.70
C PHE A 726 -18.66 38.70 36.77
N SER A 727 -19.30 37.71 36.12
CA SER A 727 -20.75 37.61 36.16
C SER A 727 -21.23 37.43 37.60
N SER A 728 -20.63 36.50 38.34
CA SER A 728 -21.07 36.26 39.71
C SER A 728 -20.87 37.49 40.58
N TYR A 729 -19.71 38.13 40.48
CA TYR A 729 -19.43 39.30 41.30
C TYR A 729 -20.42 40.42 41.01
N ILE A 730 -20.62 40.73 39.73
CA ILE A 730 -21.49 41.85 39.37
C ILE A 730 -22.92 41.56 39.77
N THR A 731 -23.38 40.32 39.58
CA THR A 731 -24.73 39.97 39.98
C THR A 731 -24.91 40.12 41.49
N LEU A 732 -23.95 39.64 42.27
CA LEU A 732 -24.09 39.71 43.71
C LEU A 732 -24.05 41.15 44.19
N VAL A 733 -23.22 41.99 43.57
CA VAL A 733 -23.16 43.39 43.97
C VAL A 733 -24.47 44.10 43.64
N VAL A 734 -24.89 44.03 42.38
CA VAL A 734 -26.00 44.86 41.90
C VAL A 734 -27.27 44.56 42.67
N LEU A 735 -27.50 43.29 43.01
CA LEU A 735 -28.73 42.92 43.69
C LEU A 735 -28.69 43.27 45.17
N PHE A 736 -27.56 43.02 45.83
CA PHE A 736 -27.58 42.96 47.29
C PHE A 736 -26.97 44.20 47.94
N VAL A 737 -26.13 44.94 47.24
CA VAL A 737 -25.47 46.11 47.83
C VAL A 737 -26.48 47.20 48.16
N PRO A 738 -27.34 47.63 47.22
CA PRO A 738 -28.31 48.67 47.56
C PRO A 738 -29.22 48.31 48.71
N LYS A 739 -29.77 47.09 48.72
CA LYS A 739 -30.61 46.68 49.84
C LYS A 739 -29.83 46.67 51.14
N MET A 740 -28.56 46.26 51.09
CA MET A 740 -27.74 46.21 52.30
C MET A 740 -27.54 47.61 52.86
N ARG A 741 -27.22 48.58 52.01
CA ARG A 741 -26.96 49.92 52.52
C ARG A 741 -28.25 50.62 52.93
N ARG A 742 -29.37 50.27 52.29
CA ARG A 742 -30.64 50.85 52.71
C ARG A 742 -31.08 50.30 54.06
N LEU A 743 -30.75 49.03 54.34
CA LEU A 743 -31.06 48.49 55.65
C LEU A 743 -30.09 49.01 56.71
N ILE A 744 -28.84 49.27 56.31
CA ILE A 744 -27.86 49.81 57.26
C ILE A 744 -28.21 51.24 57.65
N THR A 745 -28.29 52.13 56.66
CA THR A 745 -28.37 53.55 56.95
C THR A 745 -29.69 53.93 57.63
N ARG A 746 -30.73 53.13 57.43
CA ARG A 746 -32.04 53.41 57.98
C ARG A 746 -32.35 52.56 59.22
N GLY A 747 -31.62 51.47 59.43
CA GLY A 747 -31.89 50.59 60.55
C GLY A 747 -33.07 49.66 60.32
N PRO B 54 28.24 -48.68 -43.30
CA PRO B 54 28.73 -47.42 -42.71
C PRO B 54 27.65 -46.72 -41.89
N PRO B 55 27.72 -46.86 -40.57
CA PRO B 55 26.68 -46.28 -39.72
C PRO B 55 26.98 -44.86 -39.29
N LEU B 56 25.93 -44.04 -39.18
CA LEU B 56 26.01 -42.71 -38.61
C LEU B 56 25.24 -42.74 -37.29
N SER B 57 25.95 -42.57 -36.19
CA SER B 57 25.37 -42.72 -34.86
C SER B 57 24.84 -41.37 -34.40
N ILE B 58 23.78 -41.40 -33.59
CA ILE B 58 23.17 -40.20 -33.04
C ILE B 58 22.97 -40.42 -31.56
N MET B 59 23.75 -39.70 -30.74
CA MET B 59 23.63 -39.89 -29.30
C MET B 59 22.32 -39.30 -28.81
N GLY B 60 21.36 -40.17 -28.48
CA GLY B 60 20.05 -39.68 -28.10
C GLY B 60 19.75 -39.85 -26.63
N LEU B 61 19.75 -38.75 -25.89
CA LEU B 61 19.54 -38.75 -24.45
C LEU B 61 18.08 -38.44 -24.16
N MET B 62 17.45 -39.25 -23.31
CA MET B 62 16.08 -38.97 -22.94
C MET B 62 15.67 -39.91 -21.82
N PRO B 63 14.76 -39.51 -20.94
CA PRO B 63 14.31 -40.38 -19.85
C PRO B 63 13.48 -41.53 -20.41
N LEU B 64 13.70 -42.73 -19.90
CA LEU B 64 12.99 -43.91 -20.34
C LEU B 64 12.42 -44.76 -19.22
N THR B 65 13.00 -44.71 -18.02
CA THR B 65 12.60 -45.59 -16.94
C THR B 65 11.18 -45.27 -16.48
N LYS B 66 10.43 -46.32 -16.16
CA LYS B 66 9.04 -46.13 -15.74
C LYS B 66 8.96 -45.57 -14.32
N GLU B 67 10.08 -45.52 -13.60
CA GLU B 67 10.06 -44.99 -12.25
C GLU B 67 10.00 -43.46 -12.25
N VAL B 68 10.66 -42.82 -13.21
CA VAL B 68 10.69 -41.38 -13.28
C VAL B 68 9.35 -40.88 -13.80
N ALA B 69 8.89 -39.74 -13.27
CA ALA B 69 7.56 -39.25 -13.61
C ALA B 69 7.46 -38.85 -15.08
N LYS B 70 8.50 -38.18 -15.59
CA LYS B 70 8.51 -37.73 -16.99
C LYS B 70 8.79 -38.86 -17.97
N GLY B 71 8.82 -40.11 -17.52
CA GLY B 71 9.02 -41.23 -18.41
C GLY B 71 7.97 -41.33 -19.50
N SER B 72 6.74 -40.89 -19.22
CA SER B 72 5.69 -40.87 -20.24
C SER B 72 6.07 -40.01 -21.43
N ILE B 73 6.95 -39.04 -21.23
CA ILE B 73 7.55 -38.35 -22.37
C ILE B 73 8.42 -39.30 -23.16
N GLY B 74 9.45 -39.86 -22.51
CA GLY B 74 10.50 -40.56 -23.24
C GLY B 74 9.99 -41.75 -24.02
N ARG B 75 9.10 -42.53 -23.41
CA ARG B 75 8.52 -43.65 -24.14
C ARG B 75 7.51 -43.16 -25.17
N GLY B 76 6.75 -42.11 -24.84
CA GLY B 76 5.67 -41.65 -25.69
C GLY B 76 6.09 -41.24 -27.08
N VAL B 77 7.32 -40.77 -27.24
CA VAL B 77 7.81 -40.37 -28.56
C VAL B 77 8.67 -41.43 -29.21
N LEU B 78 8.93 -42.56 -28.54
CA LEU B 78 9.72 -43.60 -29.17
C LEU B 78 9.02 -44.26 -30.35
N PRO B 79 7.69 -44.43 -30.39
CA PRO B 79 7.08 -44.89 -31.65
C PRO B 79 7.31 -43.97 -32.81
N ALA B 80 7.00 -42.67 -32.66
CA ALA B 80 7.16 -41.71 -33.75
C ALA B 80 8.58 -41.69 -34.26
N VAL B 81 9.56 -41.75 -33.36
CA VAL B 81 10.95 -41.86 -33.76
C VAL B 81 11.15 -43.06 -34.68
N GLU B 82 10.67 -44.23 -34.26
CA GLU B 82 10.80 -45.41 -35.09
C GLU B 82 9.97 -45.27 -36.37
N LEU B 83 8.95 -44.41 -36.34
CA LEU B 83 8.23 -44.10 -37.57
C LEU B 83 9.13 -43.38 -38.55
N ALA B 84 9.93 -42.43 -38.07
CA ALA B 84 10.77 -41.65 -38.96
C ALA B 84 11.95 -42.46 -39.46
N ILE B 85 12.70 -43.09 -38.53
CA ILE B 85 13.95 -43.76 -38.87
C ILE B 85 13.73 -44.81 -39.95
N GLU B 86 12.73 -45.67 -39.75
CA GLU B 86 12.45 -46.71 -40.74
C GLU B 86 12.12 -46.10 -42.09
N GLN B 87 11.37 -44.99 -42.10
CA GLN B 87 11.10 -44.30 -43.36
C GLN B 87 12.40 -43.87 -44.01
N ILE B 88 13.34 -43.32 -43.23
CA ILE B 88 14.62 -42.91 -43.78
C ILE B 88 15.38 -44.12 -44.30
N ARG B 89 15.13 -45.31 -43.72
CA ARG B 89 15.79 -46.50 -44.21
C ARG B 89 15.09 -47.05 -45.45
N ASN B 90 13.80 -46.73 -45.61
CA ASN B 90 13.08 -47.21 -46.78
C ASN B 90 13.44 -46.39 -48.01
N GLU B 91 13.17 -45.09 -47.96
CA GLU B 91 13.39 -44.22 -49.11
C GLU B 91 14.86 -44.08 -49.46
N SER B 92 15.78 -44.44 -48.56
CA SER B 92 17.21 -44.40 -48.85
C SER B 92 17.68 -42.98 -49.14
N LEU B 93 17.54 -42.10 -48.13
CA LEU B 93 17.98 -40.72 -48.30
C LEU B 93 19.48 -40.58 -48.01
N LEU B 94 19.94 -41.14 -46.91
CA LEU B 94 21.33 -41.03 -46.50
C LEU B 94 22.22 -42.11 -47.09
N ARG B 95 21.77 -42.78 -48.15
CA ARG B 95 22.56 -43.83 -48.77
C ARG B 95 23.88 -43.26 -49.28
N PRO B 96 25.00 -44.00 -49.16
CA PRO B 96 25.09 -45.36 -48.63
C PRO B 96 24.98 -45.45 -47.12
N TYR B 97 25.17 -44.32 -46.42
CA TYR B 97 25.10 -44.33 -44.97
C TYR B 97 23.69 -44.67 -44.50
N PHE B 98 23.59 -45.16 -43.27
CA PHE B 98 22.31 -45.43 -42.64
C PHE B 98 22.32 -44.84 -41.23
N LEU B 99 21.19 -44.30 -40.81
CA LEU B 99 21.09 -43.68 -39.50
C LEU B 99 20.96 -44.75 -38.43
N ASP B 100 21.69 -44.59 -37.33
CA ASP B 100 21.62 -45.50 -36.20
C ASP B 100 21.53 -44.70 -34.91
N LEU B 101 20.33 -44.60 -34.36
CA LEU B 101 20.07 -43.78 -33.18
C LEU B 101 20.17 -44.65 -31.94
N ARG B 102 21.26 -44.50 -31.20
CA ARG B 102 21.47 -45.20 -29.94
C ARG B 102 20.84 -44.40 -28.81
N LEU B 103 20.04 -45.06 -27.99
CA LEU B 103 19.27 -44.41 -26.94
C LEU B 103 20.01 -44.51 -25.62
N TYR B 104 19.92 -43.46 -24.82
CA TYR B 104 20.57 -43.38 -23.52
C TYR B 104 19.61 -42.75 -22.53
N ASP B 105 19.61 -43.26 -21.30
CA ASP B 105 18.69 -42.80 -20.28
C ASP B 105 19.38 -41.77 -19.40
N THR B 106 18.67 -40.69 -19.10
CA THR B 106 19.16 -39.70 -18.13
C THR B 106 18.45 -39.82 -16.79
N GLU B 107 17.22 -40.33 -16.77
CA GLU B 107 16.41 -40.46 -15.57
C GLU B 107 16.03 -39.12 -14.95
N CYS B 108 16.23 -38.02 -15.68
CA CYS B 108 15.98 -36.67 -15.19
C CYS B 108 16.60 -36.41 -13.83
N ASP B 109 17.83 -36.87 -13.64
CA ASP B 109 18.66 -36.48 -12.52
C ASP B 109 19.99 -36.03 -13.10
N ASN B 110 20.51 -34.91 -12.58
CA ASN B 110 21.69 -34.30 -13.19
C ASN B 110 22.90 -35.21 -13.09
N ALA B 111 23.07 -35.87 -11.94
CA ALA B 111 24.19 -36.79 -11.78
C ALA B 111 24.08 -37.96 -12.74
N LYS B 112 22.93 -38.64 -12.74
CA LYS B 112 22.75 -39.80 -13.60
C LYS B 112 22.80 -39.40 -15.07
N GLY B 113 22.25 -38.23 -15.41
CA GLY B 113 22.32 -37.76 -16.77
C GLY B 113 23.74 -37.51 -17.23
N LEU B 114 24.54 -36.84 -16.39
CA LEU B 114 25.93 -36.59 -16.73
C LEU B 114 26.71 -37.89 -16.86
N LYS B 115 26.43 -38.86 -15.98
CA LYS B 115 27.13 -40.14 -16.07
C LYS B 115 26.75 -40.88 -17.34
N ALA B 116 25.47 -40.85 -17.71
CA ALA B 116 25.05 -41.46 -18.96
C ALA B 116 25.72 -40.79 -20.16
N PHE B 117 25.85 -39.47 -20.11
CA PHE B 117 26.51 -38.74 -21.19
C PHE B 117 27.97 -39.17 -21.31
N TYR B 118 28.66 -39.27 -20.18
CA TYR B 118 30.07 -39.66 -20.23
C TYR B 118 30.22 -41.10 -20.70
N ASP B 119 29.34 -42.00 -20.26
CA ASP B 119 29.42 -43.38 -20.70
C ASP B 119 29.15 -43.48 -22.21
N ALA B 120 28.24 -42.65 -22.71
CA ALA B 120 28.00 -42.62 -24.14
C ALA B 120 29.25 -42.15 -24.89
N ILE B 121 29.92 -41.12 -24.36
CA ILE B 121 31.08 -40.58 -25.06
C ILE B 121 32.23 -41.58 -25.04
N LYS B 122 32.36 -42.35 -23.96
CA LYS B 122 33.51 -43.24 -23.82
C LYS B 122 33.25 -44.60 -24.47
N TYR B 123 32.21 -45.30 -24.03
CA TYR B 123 31.98 -46.68 -24.40
C TYR B 123 31.20 -46.84 -25.70
N GLY B 124 30.88 -45.75 -26.38
CA GLY B 124 30.07 -45.82 -27.58
C GLY B 124 30.83 -45.42 -28.83
N PRO B 125 30.28 -45.76 -29.99
CA PRO B 125 30.90 -45.31 -31.24
C PRO B 125 30.81 -43.80 -31.36
N ASN B 126 31.68 -43.22 -32.18
CA ASN B 126 31.74 -41.77 -32.29
C ASN B 126 30.44 -41.21 -32.85
N HIS B 127 29.64 -40.61 -31.98
CA HIS B 127 28.35 -40.07 -32.41
C HIS B 127 28.55 -38.76 -33.14
N LEU B 128 27.65 -38.48 -34.09
CA LEU B 128 27.80 -37.27 -34.89
C LEU B 128 27.02 -36.11 -34.28
N MET B 129 25.89 -36.38 -33.67
CA MET B 129 25.05 -35.31 -33.15
C MET B 129 24.33 -35.81 -31.91
N VAL B 130 24.09 -34.88 -30.99
CA VAL B 130 23.30 -35.15 -29.79
C VAL B 130 21.85 -34.81 -30.10
N PHE B 131 20.94 -35.64 -29.62
CA PHE B 131 19.51 -35.51 -29.89
C PHE B 131 18.74 -35.85 -28.63
N GLY B 132 17.75 -35.02 -28.31
CA GLY B 132 16.93 -35.29 -27.15
C GLY B 132 17.14 -34.27 -26.04
N GLY B 133 16.90 -34.69 -24.80
CA GLY B 133 16.98 -33.79 -23.67
C GLY B 133 15.61 -33.21 -23.39
N VAL B 134 14.99 -33.63 -22.29
CA VAL B 134 13.62 -33.26 -21.98
C VAL B 134 13.56 -32.34 -20.77
N CYS B 135 13.99 -32.82 -19.62
CA CYS B 135 13.95 -32.01 -18.41
C CYS B 135 15.09 -30.99 -18.42
N PRO B 136 14.87 -29.78 -17.90
CA PRO B 136 15.75 -28.66 -18.25
C PRO B 136 17.15 -28.75 -17.66
N SER B 137 17.31 -29.34 -16.48
CA SER B 137 18.63 -29.35 -15.85
C SER B 137 19.62 -30.16 -16.67
N VAL B 138 19.26 -31.38 -17.05
CA VAL B 138 20.18 -32.24 -17.80
C VAL B 138 20.47 -31.65 -19.17
N THR B 139 19.42 -31.18 -19.86
CA THR B 139 19.61 -30.61 -21.18
C THR B 139 20.47 -29.36 -21.12
N SER B 140 20.33 -28.56 -20.07
CA SER B 140 21.16 -27.38 -19.94
C SER B 140 22.62 -27.75 -19.70
N ILE B 141 22.86 -28.70 -18.78
CA ILE B 141 24.23 -29.08 -18.44
C ILE B 141 24.92 -29.71 -19.65
N ILE B 142 24.14 -30.36 -20.52
CA ILE B 142 24.73 -31.01 -21.69
C ILE B 142 24.93 -29.99 -22.82
N ALA B 143 23.95 -29.12 -23.03
CA ALA B 143 24.05 -28.14 -24.10
C ALA B 143 25.18 -27.16 -23.84
N GLU B 144 25.43 -26.83 -22.58
CA GLU B 144 26.52 -25.90 -22.29
C GLU B 144 27.87 -26.50 -22.60
N SER B 145 28.05 -27.79 -22.33
CA SER B 145 29.32 -28.46 -22.55
C SER B 145 29.45 -29.09 -23.93
N LEU B 146 28.41 -28.99 -24.77
CA LEU B 146 28.47 -29.54 -26.12
C LEU B 146 29.68 -29.06 -26.90
N GLN B 147 30.10 -27.81 -26.68
CA GLN B 147 31.16 -27.24 -27.51
C GLN B 147 32.50 -27.93 -27.28
N GLY B 148 32.66 -28.64 -26.15
CA GLY B 148 33.90 -29.30 -25.86
C GLY B 148 34.18 -30.50 -26.75
N TRP B 149 33.14 -31.10 -27.33
CA TRP B 149 33.30 -32.26 -28.20
C TRP B 149 32.90 -31.95 -29.63
N ASN B 150 32.47 -30.72 -29.91
CA ASN B 150 32.01 -30.32 -31.24
C ASN B 150 30.77 -31.09 -31.65
N LEU B 151 29.80 -31.18 -30.74
CA LEU B 151 28.55 -31.89 -30.98
C LEU B 151 27.39 -30.92 -30.87
N VAL B 152 26.60 -30.84 -31.92
CA VAL B 152 25.39 -30.02 -31.91
C VAL B 152 24.25 -30.85 -31.33
N GLN B 153 23.37 -30.20 -30.58
CA GLN B 153 22.21 -30.86 -30.00
C GLN B 153 20.92 -30.28 -30.57
N LEU B 154 19.95 -31.15 -30.79
CA LEU B 154 18.64 -30.78 -31.29
C LEU B 154 17.59 -31.41 -30.38
N SER B 155 16.99 -30.60 -29.52
CA SER B 155 16.00 -31.08 -28.57
C SER B 155 14.60 -30.93 -29.13
N PHE B 156 13.68 -31.72 -28.59
CA PHE B 156 12.29 -31.68 -29.00
C PHE B 156 11.32 -31.42 -27.85
N ALA B 157 11.81 -31.36 -26.61
CA ALA B 157 10.93 -31.21 -25.46
C ALA B 157 11.37 -30.15 -24.47
N ALA B 158 12.60 -29.64 -24.56
CA ALA B 158 13.07 -28.63 -23.63
C ALA B 158 12.35 -27.33 -23.93
N THR B 159 11.59 -26.83 -22.95
CA THR B 159 10.78 -25.63 -23.14
C THR B 159 11.29 -24.43 -22.35
N THR B 160 12.43 -24.56 -21.68
CA THR B 160 12.95 -23.45 -20.90
C THR B 160 13.42 -22.34 -21.82
N PRO B 161 13.08 -21.08 -21.54
CA PRO B 161 13.59 -19.98 -22.37
C PRO B 161 15.09 -19.77 -22.23
N VAL B 162 15.68 -20.29 -21.16
CA VAL B 162 17.09 -20.09 -20.84
C VAL B 162 17.99 -20.54 -21.98
N LEU B 163 17.53 -21.55 -22.74
CA LEU B 163 18.33 -22.09 -23.83
C LEU B 163 18.30 -21.21 -25.08
N ALA B 164 17.72 -20.02 -25.00
CA ALA B 164 17.75 -19.11 -26.15
C ALA B 164 19.05 -18.31 -26.24
N ASP B 165 19.83 -18.26 -25.17
CA ASP B 165 21.06 -17.47 -25.14
C ASP B 165 22.12 -18.18 -25.98
N LYS B 166 22.28 -17.75 -27.23
CA LYS B 166 23.25 -18.36 -28.13
C LYS B 166 24.68 -17.92 -27.86
N LYS B 167 24.94 -17.23 -26.76
CA LYS B 167 26.32 -16.98 -26.34
C LYS B 167 26.80 -18.07 -25.39
N LYS B 168 25.88 -18.63 -24.60
CA LYS B 168 26.17 -19.70 -23.66
C LYS B 168 25.91 -21.07 -24.27
N TYR B 169 24.80 -21.24 -24.98
CA TYR B 169 24.43 -22.49 -25.62
C TYR B 169 24.45 -22.33 -27.13
N PRO B 170 25.63 -22.17 -27.73
CA PRO B 170 25.67 -21.86 -29.16
C PRO B 170 25.29 -23.03 -30.05
N TYR B 171 25.40 -24.26 -29.56
CA TYR B 171 25.14 -25.43 -30.39
C TYR B 171 23.76 -26.03 -30.17
N PHE B 172 22.94 -25.42 -29.32
CA PHE B 172 21.64 -25.98 -28.98
C PHE B 172 20.58 -25.47 -29.94
N PHE B 173 19.77 -26.40 -30.47
CA PHE B 173 18.60 -26.09 -31.27
C PHE B 173 17.42 -26.84 -30.68
N ARG B 174 16.21 -26.41 -31.03
CA ARG B 174 15.04 -27.16 -30.62
C ARG B 174 13.89 -26.94 -31.59
N THR B 175 13.15 -28.01 -31.86
CA THR B 175 12.00 -27.94 -32.75
C THR B 175 10.72 -27.60 -32.01
N VAL B 176 10.73 -27.63 -30.68
CA VAL B 176 9.56 -27.27 -29.88
C VAL B 176 9.69 -25.80 -29.49
N PRO B 177 8.62 -25.02 -29.55
CA PRO B 177 8.72 -23.61 -29.19
C PRO B 177 9.00 -23.43 -27.71
N SER B 178 9.70 -22.35 -27.38
CA SER B 178 9.96 -22.05 -25.99
C SER B 178 8.67 -21.65 -25.27
N ASP B 179 8.77 -21.56 -23.95
CA ASP B 179 7.61 -21.17 -23.16
C ASP B 179 7.18 -19.74 -23.45
N ASN B 180 8.14 -18.87 -23.78
CA ASN B 180 7.82 -17.46 -23.96
C ASN B 180 7.21 -17.17 -25.33
N ALA B 181 7.15 -18.18 -26.21
CA ALA B 181 6.56 -17.97 -27.53
C ALA B 181 5.08 -17.66 -27.48
N VAL B 182 4.42 -17.86 -26.34
CA VAL B 182 3.02 -17.48 -26.23
C VAL B 182 2.88 -15.98 -26.05
N ASN B 183 3.98 -15.27 -25.78
CA ASN B 183 3.88 -13.83 -25.59
C ASN B 183 3.60 -13.11 -26.91
N PRO B 184 4.38 -13.29 -27.98
CA PRO B 184 4.03 -12.65 -29.25
C PRO B 184 2.69 -13.11 -29.81
N ALA B 185 2.20 -14.27 -29.38
CA ALA B 185 0.84 -14.68 -29.75
C ALA B 185 -0.20 -13.89 -28.97
N ILE B 186 -0.09 -13.92 -27.64
CA ILE B 186 -1.02 -13.22 -26.77
C ILE B 186 -1.13 -11.75 -27.14
N LEU B 187 0.01 -11.12 -27.45
CA LEU B 187 0.02 -9.74 -27.88
C LEU B 187 -0.92 -9.52 -29.06
N LYS B 188 -0.81 -10.36 -30.09
CA LYS B 188 -1.69 -10.23 -31.24
C LYS B 188 -3.15 -10.38 -30.83
N LEU B 189 -3.42 -11.27 -29.89
CA LEU B 189 -4.79 -11.44 -29.42
C LEU B 189 -5.28 -10.16 -28.74
N LEU B 190 -4.41 -9.50 -27.97
CA LEU B 190 -4.79 -8.23 -27.38
C LEU B 190 -5.05 -7.19 -28.47
N LYS B 191 -4.33 -7.28 -29.59
CA LYS B 191 -4.58 -6.39 -30.71
C LYS B 191 -5.88 -6.75 -31.41
N HIS B 192 -6.32 -8.00 -31.29
CA HIS B 192 -7.51 -8.43 -32.01
C HIS B 192 -8.77 -7.92 -31.34
N TYR B 193 -8.86 -8.06 -30.01
CA TYR B 193 -10.00 -7.57 -29.26
C TYR B 193 -9.79 -6.15 -28.76
N GLN B 194 -8.62 -5.56 -29.03
CA GLN B 194 -8.31 -4.20 -28.61
C GLN B 194 -8.28 -4.08 -27.08
N TRP B 195 -7.75 -5.09 -26.42
CA TRP B 195 -7.54 -5.06 -24.98
C TRP B 195 -6.21 -4.38 -24.71
N LYS B 196 -6.25 -3.18 -24.13
CA LYS B 196 -5.06 -2.39 -23.90
C LYS B 196 -4.72 -2.23 -22.42
N ARG B 197 -5.53 -2.77 -21.52
CA ARG B 197 -5.26 -2.71 -20.09
C ARG B 197 -5.46 -4.10 -19.50
N VAL B 198 -4.36 -4.74 -19.11
CA VAL B 198 -4.39 -6.08 -18.55
C VAL B 198 -3.33 -6.19 -17.46
N GLY B 199 -3.67 -6.96 -16.43
CA GLY B 199 -2.77 -7.15 -15.30
C GLY B 199 -2.16 -8.54 -15.26
N THR B 200 -0.96 -8.65 -14.72
CA THR B 200 -0.21 -9.90 -14.70
C THR B 200 -0.17 -10.45 -13.29
N LEU B 201 -0.42 -11.76 -13.17
CA LEU B 201 -0.33 -12.47 -11.90
C LEU B 201 0.60 -13.66 -12.11
N THR B 202 1.79 -13.59 -11.52
CA THR B 202 2.84 -14.56 -11.77
C THR B 202 3.12 -15.38 -10.51
N GLN B 203 3.42 -16.66 -10.71
CA GLN B 203 3.89 -17.49 -9.61
C GLN B 203 5.38 -17.24 -9.37
N ASP B 204 5.79 -17.28 -8.11
CA ASP B 204 7.17 -16.96 -7.74
C ASP B 204 8.12 -18.12 -8.04
N VAL B 205 8.29 -18.44 -9.31
CA VAL B 205 9.19 -19.49 -9.74
C VAL B 205 9.91 -19.01 -10.99
N GLN B 206 11.17 -19.42 -11.16
CA GLN B 206 11.97 -18.96 -12.28
C GLN B 206 11.33 -19.33 -13.62
N ARG B 207 10.69 -20.51 -13.67
CA ARG B 207 10.09 -20.98 -14.91
C ARG B 207 9.03 -20.02 -15.42
N PHE B 208 8.12 -19.59 -14.56
CA PHE B 208 7.09 -18.65 -14.96
C PHE B 208 7.55 -17.21 -14.85
N SER B 209 8.53 -16.94 -13.96
CA SER B 209 9.08 -15.59 -13.87
C SER B 209 9.76 -15.20 -15.16
N GLU B 210 10.38 -16.15 -15.86
CA GLU B 210 10.98 -15.84 -17.16
C GLU B 210 9.93 -15.38 -18.15
N VAL B 211 8.78 -16.06 -18.18
CA VAL B 211 7.71 -15.67 -19.10
C VAL B 211 7.15 -14.30 -18.72
N ARG B 212 6.97 -14.07 -17.43
CA ARG B 212 6.45 -12.78 -16.98
C ARG B 212 7.40 -11.64 -17.34
N ASN B 213 8.71 -11.87 -17.18
CA ASN B 213 9.69 -10.84 -17.51
C ASN B 213 9.78 -10.62 -19.01
N ASP B 214 9.66 -11.69 -19.80
CA ASP B 214 9.73 -11.55 -21.25
C ASP B 214 8.49 -10.86 -21.79
N LEU B 215 7.35 -11.00 -21.11
CA LEU B 215 6.13 -10.32 -21.57
C LEU B 215 6.33 -8.81 -21.60
N THR B 216 7.09 -8.27 -20.65
CA THR B 216 7.32 -6.83 -20.63
C THR B 216 8.09 -6.37 -21.85
N GLY B 217 9.18 -7.07 -22.19
CA GLY B 217 9.92 -6.74 -23.38
C GLY B 217 9.12 -7.00 -24.65
N VAL B 218 8.16 -7.91 -24.60
CA VAL B 218 7.36 -8.19 -25.79
C VAL B 218 6.33 -7.09 -26.02
N LEU B 219 5.71 -6.59 -24.95
CA LEU B 219 4.73 -5.52 -25.06
C LEU B 219 5.37 -4.16 -25.30
N TYR B 220 6.68 -4.04 -25.12
CA TYR B 220 7.36 -2.76 -25.28
C TYR B 220 7.24 -2.27 -26.70
N GLY B 221 7.07 -0.96 -26.85
CA GLY B 221 6.89 -0.37 -28.17
C GLY B 221 5.49 -0.52 -28.74
N GLU B 222 4.54 -1.00 -27.94
CA GLU B 222 3.17 -1.20 -28.38
C GLU B 222 2.22 -0.38 -27.51
N ASP B 223 0.96 -0.34 -27.93
CA ASP B 223 -0.05 0.40 -27.18
C ASP B 223 -0.73 -0.51 -26.17
N ILE B 224 0.05 -1.20 -25.35
CA ILE B 224 -0.47 -2.03 -24.27
C ILE B 224 0.14 -1.54 -22.96
N GLU B 225 -0.69 -1.46 -21.93
CA GLU B 225 -0.26 -0.99 -20.62
C GLU B 225 -0.54 -2.07 -19.59
N ILE B 226 0.44 -2.34 -18.73
CA ILE B 226 0.30 -3.31 -17.65
C ILE B 226 -0.13 -2.51 -16.42
N SER B 227 -1.44 -2.51 -16.16
CA SER B 227 -1.97 -1.68 -15.08
C SER B 227 -1.61 -2.24 -13.71
N ASP B 228 -1.40 -3.54 -13.60
CA ASP B 228 -1.18 -4.16 -12.30
C ASP B 228 -0.24 -5.35 -12.49
N THR B 229 0.78 -5.43 -11.64
CA THR B 229 1.75 -6.53 -11.66
C THR B 229 1.76 -7.16 -10.28
N GLU B 230 1.59 -8.48 -10.22
CA GLU B 230 1.56 -9.21 -8.97
C GLU B 230 2.40 -10.47 -9.07
N SER B 231 2.91 -10.94 -7.94
CA SER B 231 3.64 -12.19 -7.84
C SER B 231 3.18 -12.91 -6.58
N PHE B 232 3.05 -14.23 -6.68
CA PHE B 232 2.53 -15.01 -5.56
C PHE B 232 3.26 -16.34 -5.50
N SER B 233 3.28 -16.92 -4.30
CA SER B 233 3.95 -18.19 -4.05
C SER B 233 3.03 -19.29 -3.60
N ASN B 234 2.19 -19.04 -2.60
CA ASN B 234 1.31 -20.07 -2.05
C ASN B 234 -0.15 -19.68 -2.05
N ASP B 235 -0.49 -18.43 -1.71
CA ASP B 235 -1.87 -17.99 -1.63
C ASP B 235 -2.05 -16.88 -2.65
N PRO B 236 -2.79 -17.10 -3.74
CA PRO B 236 -2.98 -16.04 -4.74
C PRO B 236 -4.06 -15.03 -4.37
N CYS B 237 -4.90 -15.31 -3.37
CA CYS B 237 -6.06 -14.47 -3.10
C CYS B 237 -5.67 -13.02 -2.79
N THR B 238 -4.54 -12.83 -2.12
CA THR B 238 -4.09 -11.48 -1.82
C THR B 238 -3.77 -10.71 -3.10
N SER B 239 -3.03 -11.33 -4.02
CA SER B 239 -2.76 -10.67 -5.29
C SER B 239 -4.04 -10.55 -6.12
N VAL B 240 -5.00 -11.45 -5.90
CA VAL B 240 -6.28 -11.34 -6.58
C VAL B 240 -6.99 -10.05 -6.17
N LYS B 241 -7.10 -9.80 -4.86
CA LYS B 241 -7.75 -8.58 -4.41
C LYS B 241 -6.93 -7.35 -4.78
N LYS B 242 -5.61 -7.47 -4.79
CA LYS B 242 -4.76 -6.37 -5.26
C LYS B 242 -5.08 -6.01 -6.71
N LEU B 243 -5.18 -7.03 -7.57
CA LEU B 243 -5.54 -6.78 -8.97
C LEU B 243 -6.92 -6.16 -9.07
N LYS B 244 -7.88 -6.67 -8.30
CA LYS B 244 -9.24 -6.12 -8.35
C LYS B 244 -9.27 -4.67 -7.89
N GLY B 245 -8.31 -4.28 -7.05
CA GLY B 245 -8.24 -2.91 -6.59
C GLY B 245 -8.04 -1.91 -7.73
N ASN B 246 -7.30 -2.31 -8.76
CA ASN B 246 -7.02 -1.43 -9.88
C ASN B 246 -8.07 -1.48 -10.98
N ASP B 247 -9.19 -2.19 -10.77
CA ASP B 247 -10.29 -2.23 -11.72
C ASP B 247 -9.88 -2.91 -13.03
N VAL B 248 -9.15 -4.02 -12.95
CA VAL B 248 -8.76 -4.74 -14.15
C VAL B 248 -9.86 -5.72 -14.53
N ARG B 249 -10.00 -5.95 -15.83
CA ARG B 249 -11.00 -6.88 -16.36
C ARG B 249 -10.38 -8.08 -17.05
N ILE B 250 -9.21 -7.93 -17.66
CA ILE B 250 -8.52 -8.99 -18.37
C ILE B 250 -7.20 -9.23 -17.68
N ILE B 251 -6.96 -10.48 -17.25
CA ILE B 251 -5.78 -10.84 -16.47
C ILE B 251 -4.96 -11.84 -17.27
N LEU B 252 -3.64 -11.81 -17.08
CA LEU B 252 -2.71 -12.75 -17.72
C LEU B 252 -1.96 -13.48 -16.62
N GLY B 253 -2.34 -14.72 -16.34
CA GLY B 253 -1.78 -15.48 -15.25
C GLY B 253 -0.75 -16.49 -15.74
N GLN B 254 0.32 -16.65 -14.96
CA GLN B 254 1.40 -17.59 -15.25
C GLN B 254 1.65 -18.42 -13.99
N PHE B 255 1.27 -19.70 -14.03
CA PHE B 255 1.46 -20.54 -12.86
C PHE B 255 1.18 -21.99 -13.24
N ASP B 256 1.51 -22.88 -12.32
CA ASP B 256 1.39 -24.31 -12.56
C ASP B 256 -0.06 -24.77 -12.41
N GLN B 257 -0.26 -26.09 -12.40
CA GLN B 257 -1.59 -26.66 -12.32
C GLN B 257 -2.16 -26.53 -10.90
N ASN B 258 -1.34 -26.78 -9.89
CA ASN B 258 -1.83 -26.75 -8.51
C ASN B 258 -2.27 -25.35 -8.12
N MET B 259 -1.46 -24.34 -8.44
CA MET B 259 -1.84 -22.96 -8.13
C MET B 259 -3.04 -22.51 -8.95
N ALA B 260 -3.34 -23.20 -10.05
CA ALA B 260 -4.43 -22.77 -10.93
C ALA B 260 -5.78 -22.82 -10.22
N ALA B 261 -6.06 -23.93 -9.53
CA ALA B 261 -7.33 -24.04 -8.81
C ALA B 261 -7.45 -22.98 -7.71
N LYS B 262 -6.35 -22.72 -7.01
CA LYS B 262 -6.39 -21.69 -5.97
C LYS B 262 -6.65 -20.30 -6.55
N VAL B 263 -5.95 -19.96 -7.64
CA VAL B 263 -6.15 -18.65 -8.24
C VAL B 263 -7.56 -18.52 -8.79
N PHE B 264 -8.12 -19.61 -9.30
CA PHE B 264 -9.46 -19.53 -9.86
C PHE B 264 -10.53 -19.45 -8.78
N CYS B 265 -10.34 -20.13 -7.64
CA CYS B 265 -11.29 -19.92 -6.54
C CYS B 265 -11.14 -18.52 -5.96
N CYS B 266 -9.92 -17.99 -5.93
CA CYS B 266 -9.71 -16.62 -5.49
C CYS B 266 -10.44 -15.64 -6.41
N ALA B 267 -10.42 -15.91 -7.72
CA ALA B 267 -11.18 -15.09 -8.65
C ALA B 267 -12.68 -15.25 -8.42
N TYR B 268 -13.11 -16.47 -8.05
CA TYR B 268 -14.51 -16.68 -7.71
C TYR B 268 -14.93 -15.81 -6.54
N GLU B 269 -14.09 -15.73 -5.51
CA GLU B 269 -14.44 -14.97 -4.31
C GLU B 269 -14.66 -13.50 -4.63
N GLU B 270 -13.77 -12.90 -5.41
CA GLU B 270 -13.86 -11.50 -5.77
C GLU B 270 -14.89 -11.22 -6.84
N ASN B 271 -15.66 -12.23 -7.27
CA ASN B 271 -16.53 -12.13 -8.44
C ASN B 271 -15.73 -11.77 -9.69
N MET B 272 -14.49 -12.25 -9.78
CA MET B 272 -13.65 -12.02 -10.94
C MET B 272 -13.94 -13.07 -12.02
N TYR B 273 -15.22 -13.15 -12.38
CA TYR B 273 -15.69 -14.08 -13.39
C TYR B 273 -17.04 -13.61 -13.90
N GLY B 274 -17.50 -14.25 -14.96
CA GLY B 274 -18.78 -13.88 -15.53
C GLY B 274 -18.65 -13.11 -16.82
N SER B 275 -19.38 -12.00 -16.88
CA SER B 275 -19.42 -11.21 -18.11
C SER B 275 -18.19 -10.35 -18.30
N LYS B 276 -17.80 -9.57 -17.29
CA LYS B 276 -16.86 -8.48 -17.50
C LYS B 276 -15.40 -8.87 -17.30
N TYR B 277 -15.12 -10.12 -16.96
CA TYR B 277 -13.76 -10.55 -16.67
C TYR B 277 -13.31 -11.64 -17.65
N GLN B 278 -12.02 -11.63 -17.96
CA GLN B 278 -11.43 -12.59 -18.89
C GLN B 278 -10.04 -12.96 -18.41
N TRP B 279 -9.82 -14.23 -18.13
CA TRP B 279 -8.53 -14.75 -17.71
C TRP B 279 -7.80 -15.37 -18.89
N ILE B 280 -6.49 -15.22 -18.92
CA ILE B 280 -5.64 -15.85 -19.93
C ILE B 280 -4.57 -16.62 -19.17
N ILE B 281 -4.64 -17.95 -19.22
CA ILE B 281 -3.73 -18.80 -18.45
C ILE B 281 -3.07 -19.83 -19.37
N PRO B 282 -2.06 -20.56 -18.87
CA PRO B 282 -1.42 -21.58 -19.71
C PRO B 282 -2.38 -22.71 -20.04
N GLY B 283 -2.06 -23.45 -21.09
CA GLY B 283 -2.93 -24.49 -21.59
C GLY B 283 -2.38 -25.89 -21.60
N TRP B 284 -1.19 -26.13 -21.04
CA TRP B 284 -0.64 -27.47 -20.95
C TRP B 284 -1.14 -28.22 -19.73
N TYR B 285 -2.19 -27.74 -19.08
CA TYR B 285 -2.75 -28.45 -17.95
C TYR B 285 -3.31 -29.80 -18.37
N GLU B 286 -3.39 -30.71 -17.42
CA GLU B 286 -3.97 -32.02 -17.70
C GLU B 286 -5.46 -31.86 -17.98
N PRO B 287 -6.05 -32.77 -18.75
CA PRO B 287 -7.50 -32.71 -18.97
C PRO B 287 -8.25 -33.05 -17.69
N SER B 288 -9.41 -32.42 -17.53
CA SER B 288 -10.24 -32.59 -16.34
C SER B 288 -9.49 -32.18 -15.07
N TRP B 289 -8.60 -31.21 -15.21
CA TRP B 289 -7.78 -30.80 -14.07
C TRP B 289 -8.60 -30.13 -12.99
N TRP B 290 -9.76 -29.56 -13.34
CA TRP B 290 -10.58 -28.90 -12.33
C TRP B 290 -11.10 -29.90 -11.32
N GLU B 291 -11.24 -31.17 -11.72
CA GLU B 291 -11.76 -32.22 -10.83
C GLU B 291 -10.60 -32.82 -10.03
N GLN B 292 -10.17 -32.06 -9.01
CA GLN B 292 -9.14 -32.49 -8.08
C GLN B 292 -9.74 -32.57 -6.69
N VAL B 293 -9.71 -33.76 -6.09
CA VAL B 293 -10.19 -33.91 -4.73
C VAL B 293 -9.28 -33.12 -3.79
N HIS B 294 -9.89 -32.36 -2.89
CA HIS B 294 -9.14 -31.52 -1.96
C HIS B 294 -10.07 -30.90 -0.92
N CYS B 302 -12.33 -25.44 -1.58
CA CYS B 302 -13.18 -24.68 -2.49
C CYS B 302 -14.28 -25.56 -3.07
N LEU B 303 -15.44 -24.97 -3.34
CA LEU B 303 -16.55 -25.74 -3.87
C LEU B 303 -16.25 -26.19 -5.30
N ARG B 304 -16.97 -27.23 -5.74
CA ARG B 304 -16.74 -27.76 -7.08
C ARG B 304 -17.61 -27.04 -8.12
N LYS B 305 -18.92 -26.96 -7.87
CA LYS B 305 -19.80 -26.29 -8.81
C LYS B 305 -19.45 -24.81 -8.94
N ASN B 306 -19.12 -24.16 -7.83
CA ASN B 306 -18.63 -22.79 -7.90
C ASN B 306 -17.33 -22.72 -8.68
N LEU B 307 -16.51 -23.78 -8.62
CA LEU B 307 -15.29 -23.83 -9.41
C LEU B 307 -15.60 -23.85 -10.89
N LEU B 308 -16.53 -24.73 -11.30
CA LEU B 308 -16.92 -24.78 -12.71
C LEU B 308 -17.61 -23.50 -13.16
N ALA B 309 -18.18 -22.77 -12.21
CA ALA B 309 -18.78 -21.48 -12.53
C ALA B 309 -17.71 -20.42 -12.76
N ALA B 310 -16.72 -20.36 -11.88
CA ALA B 310 -15.70 -19.31 -12.00
C ALA B 310 -14.74 -19.60 -13.15
N MET B 311 -14.58 -20.88 -13.51
CA MET B 311 -13.64 -21.23 -14.56
C MET B 311 -14.19 -20.89 -15.94
N GLU B 312 -15.52 -20.90 -16.10
CA GLU B 312 -16.16 -20.75 -17.39
C GLU B 312 -15.75 -19.46 -18.10
N GLY B 313 -15.26 -19.58 -19.33
CA GLY B 313 -14.86 -18.44 -20.11
C GLY B 313 -13.38 -18.11 -20.10
N TYR B 314 -12.58 -18.77 -19.26
CA TYR B 314 -11.15 -18.51 -19.26
C TYR B 314 -10.53 -19.04 -20.54
N ILE B 315 -9.47 -18.38 -21.00
CA ILE B 315 -8.78 -18.72 -22.24
C ILE B 315 -7.41 -19.26 -21.90
N GLY B 316 -7.12 -20.46 -22.41
CA GLY B 316 -5.81 -21.07 -22.24
C GLY B 316 -4.99 -21.00 -23.51
N VAL B 317 -3.68 -20.86 -23.34
CA VAL B 317 -2.76 -20.75 -24.46
C VAL B 317 -1.74 -21.87 -24.35
N ASP B 318 -1.40 -22.48 -25.50
CA ASP B 318 -0.40 -23.54 -25.52
C ASP B 318 0.25 -23.57 -26.90
N PHE B 319 1.04 -24.61 -27.14
CA PHE B 319 1.59 -24.81 -28.46
C PHE B 319 0.84 -25.91 -29.19
N GLU B 320 0.78 -25.78 -30.51
CA GLU B 320 -0.04 -26.67 -31.34
C GLU B 320 0.68 -28.01 -31.50
N PRO B 321 0.07 -29.13 -31.13
CA PRO B 321 0.74 -30.42 -31.28
C PRO B 321 1.00 -30.79 -32.73
N LEU B 322 0.01 -30.60 -33.60
CA LEU B 322 0.14 -30.96 -35.01
C LEU B 322 -0.44 -29.86 -35.88
N SER B 323 0.10 -29.72 -37.08
CA SER B 323 -0.36 -28.70 -38.00
C SER B 323 -1.78 -29.03 -38.47
N SER B 324 -2.66 -28.03 -38.44
CA SER B 324 -4.04 -28.20 -38.87
C SER B 324 -4.19 -28.23 -40.38
N LYS B 325 -3.18 -27.79 -41.12
CA LYS B 325 -3.24 -27.81 -42.57
C LYS B 325 -3.20 -29.25 -43.06
N GLN B 326 -4.09 -29.59 -44.00
CA GLN B 326 -4.05 -30.88 -44.67
C GLN B 326 -3.17 -30.87 -45.92
N ILE B 327 -1.91 -30.50 -45.76
CA ILE B 327 -0.95 -30.41 -46.87
C ILE B 327 0.04 -31.55 -46.73
N LYS B 328 0.63 -31.95 -47.86
CA LYS B 328 1.68 -32.96 -47.82
C LYS B 328 2.92 -32.39 -47.15
N THR B 329 3.58 -33.20 -46.34
CA THR B 329 4.79 -32.79 -45.65
C THR B 329 6.02 -33.22 -46.43
N ILE B 330 7.18 -33.07 -45.81
CA ILE B 330 8.45 -33.43 -46.46
C ILE B 330 8.52 -34.93 -46.71
N SER B 331 7.88 -35.73 -45.86
CA SER B 331 7.87 -37.17 -46.04
C SER B 331 6.78 -37.64 -47.00
N GLY B 332 5.88 -36.75 -47.42
CA GLY B 332 4.82 -37.13 -48.32
C GLY B 332 3.56 -37.62 -47.64
N LYS B 333 3.34 -37.27 -46.39
CA LYS B 333 2.17 -37.71 -45.64
C LYS B 333 1.62 -36.54 -44.83
N THR B 334 0.33 -36.28 -45.01
CA THR B 334 -0.33 -35.17 -44.34
C THR B 334 -0.29 -35.39 -42.84
N PRO B 335 -0.45 -34.32 -42.05
CA PRO B 335 -0.45 -34.48 -40.59
C PRO B 335 -1.49 -35.45 -40.06
N GLN B 336 -2.64 -35.59 -40.73
CA GLN B 336 -3.64 -36.55 -40.28
C GLN B 336 -3.19 -37.98 -40.55
N GLN B 337 -2.56 -38.22 -41.70
CA GLN B 337 -2.03 -39.56 -41.97
C GLN B 337 -0.93 -39.92 -40.97
N TYR B 338 -0.06 -38.97 -40.65
CA TYR B 338 0.95 -39.25 -39.63
C TYR B 338 0.32 -39.49 -38.28
N GLU B 339 -0.74 -38.73 -37.95
CA GLU B 339 -1.42 -38.93 -36.68
C GLU B 339 -2.01 -40.34 -36.59
N ARG B 340 -2.60 -40.81 -37.69
CA ARG B 340 -3.17 -42.16 -37.69
C ARG B 340 -2.08 -43.21 -37.59
N GLU B 341 -0.98 -43.03 -38.33
CA GLU B 341 0.15 -43.95 -38.23
C GLU B 341 0.68 -44.02 -36.81
N TYR B 342 0.84 -42.87 -36.17
CA TYR B 342 1.38 -42.85 -34.82
C TYR B 342 0.43 -43.51 -33.83
N ASN B 343 -0.87 -43.19 -33.93
CA ASN B 343 -1.83 -43.78 -33.02
C ASN B 343 -1.92 -45.29 -33.19
N ASN B 344 -1.73 -45.79 -34.42
CA ASN B 344 -1.71 -47.23 -34.61
C ASN B 344 -0.45 -47.84 -34.01
N LYS B 345 0.72 -47.23 -34.27
CA LYS B 345 1.97 -47.82 -33.83
C LYS B 345 2.12 -47.78 -32.32
N ARG B 346 1.50 -46.79 -31.67
CA ARG B 346 1.68 -46.64 -30.23
C ARG B 346 0.62 -47.39 -29.45
N SER B 347 0.12 -48.49 -30.02
CA SER B 347 -1.07 -49.27 -29.60
C SER B 347 -1.16 -49.38 -28.09
N GLY B 348 -0.07 -49.66 -27.38
CA GLY B 348 -0.16 -49.77 -25.92
C GLY B 348 0.06 -48.45 -25.21
N VAL B 349 1.20 -47.81 -25.47
CA VAL B 349 1.59 -46.65 -24.67
C VAL B 349 0.68 -45.46 -24.96
N GLY B 350 0.44 -44.66 -23.92
CA GLY B 350 -0.35 -43.46 -24.05
C GLY B 350 0.38 -42.37 -24.81
N PRO B 351 -0.37 -41.47 -25.45
CA PRO B 351 0.26 -40.47 -26.31
C PRO B 351 0.89 -39.36 -25.50
N SER B 352 1.83 -38.67 -26.15
CA SER B 352 2.46 -37.48 -25.59
C SER B 352 2.37 -36.35 -26.61
N LYS B 353 2.24 -35.12 -26.13
CA LYS B 353 2.08 -33.98 -27.04
C LYS B 353 3.30 -33.80 -27.92
N PHE B 354 4.47 -34.24 -27.45
CA PHE B 354 5.71 -33.91 -28.14
C PHE B 354 6.02 -34.89 -29.27
N HIS B 355 5.09 -35.81 -29.56
CA HIS B 355 5.38 -36.91 -30.47
C HIS B 355 5.74 -36.40 -31.86
N GLY B 356 4.94 -35.50 -32.43
CA GLY B 356 5.29 -34.92 -33.72
C GLY B 356 6.60 -34.16 -33.65
N TYR B 357 6.85 -33.51 -32.52
CA TYR B 357 8.07 -32.74 -32.37
C TYR B 357 9.29 -33.64 -32.31
N ALA B 358 9.10 -34.94 -32.09
CA ALA B 358 10.20 -35.87 -32.25
C ALA B 358 10.37 -36.27 -33.71
N TYR B 359 9.25 -36.49 -34.40
CA TYR B 359 9.28 -36.97 -35.78
C TYR B 359 10.09 -36.04 -36.67
N ASP B 360 9.63 -34.79 -36.80
CA ASP B 360 10.37 -33.78 -37.55
C ASP B 360 11.80 -33.65 -37.06
N GLY B 361 12.02 -33.87 -35.75
CA GLY B 361 13.37 -33.84 -35.21
C GLY B 361 14.31 -34.75 -35.98
N ILE B 362 13.92 -36.01 -36.17
CA ILE B 362 14.74 -36.93 -36.95
C ILE B 362 14.93 -36.37 -38.36
N TRP B 363 13.85 -35.88 -38.96
CA TRP B 363 13.97 -35.28 -40.28
C TRP B 363 14.89 -34.07 -40.24
N VAL B 364 14.80 -33.27 -39.18
CA VAL B 364 15.65 -32.09 -39.07
C VAL B 364 17.11 -32.51 -39.01
N ILE B 365 17.38 -33.72 -38.51
CA ILE B 365 18.74 -34.23 -38.56
C ILE B 365 19.05 -34.80 -39.94
N ALA B 366 18.10 -35.58 -40.48
CA ALA B 366 18.38 -36.36 -41.68
C ALA B 366 18.76 -35.47 -42.85
N LYS B 367 17.84 -34.58 -43.25
CA LYS B 367 18.14 -33.55 -44.25
C LYS B 367 19.45 -32.84 -43.92
N THR B 368 19.64 -32.50 -42.64
CA THR B 368 20.86 -31.81 -42.23
C THR B 368 22.08 -32.62 -42.62
N LEU B 369 22.11 -33.92 -42.27
CA LEU B 369 23.24 -34.74 -42.62
C LEU B 369 23.44 -34.81 -44.13
N GLN B 370 22.33 -34.80 -44.88
CA GLN B 370 22.43 -34.76 -46.33
C GLN B 370 23.20 -33.52 -46.78
N ARG B 371 22.81 -32.36 -46.26
CA ARG B 371 23.55 -31.14 -46.59
C ARG B 371 25.01 -31.27 -46.14
N ALA B 372 25.23 -31.94 -45.00
CA ALA B 372 26.59 -32.19 -44.57
C ALA B 372 27.35 -32.98 -45.62
N MET B 373 26.74 -34.04 -46.15
CA MET B 373 27.39 -34.82 -47.19
C MET B 373 27.54 -34.00 -48.46
N GLU B 374 26.70 -32.98 -48.63
CA GLU B 374 26.89 -32.07 -49.76
C GLU B 374 28.18 -31.28 -49.61
N THR B 375 28.52 -30.88 -48.38
CA THR B 375 29.68 -30.03 -48.20
C THR B 375 30.98 -30.81 -48.39
N LEU B 376 30.98 -32.09 -48.02
CA LEU B 376 32.18 -32.92 -48.14
C LEU B 376 32.38 -33.38 -49.57
N ILE B 385 32.70 -39.02 -43.25
CA ILE B 385 32.08 -38.68 -41.98
C ILE B 385 32.49 -39.68 -40.91
N GLN B 386 32.96 -40.85 -41.34
CA GLN B 386 33.46 -41.85 -40.41
C GLN B 386 34.72 -41.37 -39.70
N ASP B 387 35.41 -40.42 -40.31
CA ASP B 387 36.59 -39.82 -39.70
C ASP B 387 36.26 -39.06 -38.42
N PHE B 388 35.00 -38.71 -38.19
CA PHE B 388 34.65 -37.80 -37.12
C PHE B 388 34.92 -38.40 -35.75
N ASN B 389 35.91 -37.87 -35.06
CA ASN B 389 36.01 -37.98 -33.61
C ASN B 389 35.50 -36.67 -33.03
N TYR B 390 35.54 -36.57 -31.71
CA TYR B 390 35.06 -35.36 -31.06
C TYR B 390 36.08 -34.23 -31.10
N THR B 391 37.17 -34.40 -31.85
CA THR B 391 38.15 -33.32 -32.00
C THR B 391 37.90 -32.50 -33.26
N ASP B 392 37.10 -33.01 -34.18
CA ASP B 392 36.83 -32.33 -35.43
C ASP B 392 36.01 -31.07 -35.21
N HIS B 393 36.61 -29.90 -35.47
CA HIS B 393 35.90 -28.64 -35.27
C HIS B 393 35.20 -28.18 -36.54
N THR B 394 35.88 -28.29 -37.67
CA THR B 394 35.29 -27.83 -38.94
C THR B 394 34.05 -28.64 -39.29
N LEU B 395 34.08 -29.94 -39.01
CA LEU B 395 32.92 -30.77 -39.29
C LEU B 395 31.74 -30.37 -38.41
N GLY B 396 32.01 -30.07 -37.14
CA GLY B 396 30.96 -29.59 -36.27
C GLY B 396 30.36 -28.29 -36.76
N ARG B 397 31.22 -27.36 -37.21
CA ARG B 397 30.71 -26.10 -37.75
C ARG B 397 29.87 -26.32 -39.00
N ILE B 398 30.30 -27.25 -39.85
CA ILE B 398 29.55 -27.56 -41.07
C ILE B 398 28.17 -28.10 -40.73
N ILE B 399 28.12 -29.04 -39.79
CA ILE B 399 26.84 -29.62 -39.39
C ILE B 399 25.96 -28.56 -38.73
N LEU B 400 26.57 -27.63 -37.99
CA LEU B 400 25.82 -26.54 -37.39
C LEU B 400 25.16 -25.68 -38.44
N ASN B 401 25.91 -25.27 -39.46
CA ASN B 401 25.33 -24.48 -40.55
C ASN B 401 24.23 -25.28 -41.26
N ALA B 402 24.47 -26.56 -41.52
CA ALA B 402 23.50 -27.37 -42.22
C ALA B 402 22.19 -27.46 -41.45
N MET B 403 22.26 -27.56 -40.13
CA MET B 403 21.04 -27.57 -39.33
C MET B 403 20.40 -26.19 -39.29
N ASN B 404 21.21 -25.13 -39.29
CA ASN B 404 20.66 -23.79 -39.27
C ASN B 404 19.90 -23.44 -40.54
N GLU B 405 20.29 -24.04 -41.67
CA GLU B 405 19.60 -23.78 -42.93
C GLU B 405 18.29 -24.54 -43.07
N THR B 406 17.85 -25.25 -42.04
CA THR B 406 16.67 -26.11 -42.15
C THR B 406 15.41 -25.29 -42.41
N ASN B 407 14.72 -25.63 -43.49
CA ASN B 407 13.47 -24.95 -43.85
C ASN B 407 12.63 -25.97 -44.63
N PHE B 408 11.60 -26.51 -43.98
CA PHE B 408 10.80 -27.53 -44.65
C PHE B 408 9.49 -27.75 -43.91
N PHE B 409 8.52 -28.30 -44.62
CA PHE B 409 7.19 -28.52 -44.06
C PHE B 409 7.11 -29.91 -43.44
N GLY B 410 6.98 -29.97 -42.11
CA GLY B 410 6.81 -31.22 -41.40
C GLY B 410 5.45 -31.29 -40.71
N VAL B 411 5.29 -32.38 -39.95
CA VAL B 411 3.99 -32.68 -39.35
C VAL B 411 3.55 -31.62 -38.36
N THR B 412 4.47 -30.95 -37.69
CA THR B 412 4.14 -29.90 -36.75
C THR B 412 4.02 -28.53 -37.42
N GLY B 413 4.02 -28.49 -38.74
CA GLY B 413 3.97 -27.24 -39.47
C GLY B 413 5.28 -26.93 -40.18
N GLN B 414 5.45 -25.66 -40.50
CA GLN B 414 6.71 -25.21 -41.06
C GLN B 414 7.80 -25.35 -40.01
N VAL B 415 8.90 -26.01 -40.37
CA VAL B 415 10.07 -26.14 -39.52
C VAL B 415 11.11 -25.17 -40.08
N VAL B 416 11.36 -24.11 -39.32
CA VAL B 416 12.39 -23.11 -39.58
C VAL B 416 12.90 -22.61 -38.25
N PHE B 417 14.20 -22.37 -38.17
CA PHE B 417 14.83 -21.95 -36.93
C PHE B 417 15.29 -20.50 -37.03
N ARG B 418 15.00 -19.74 -35.97
CA ARG B 418 15.42 -18.36 -35.81
C ARG B 418 16.27 -18.33 -34.54
N ASN B 419 17.58 -18.19 -34.72
CA ASN B 419 18.53 -18.19 -33.61
C ASN B 419 18.39 -19.45 -32.76
N GLY B 420 18.19 -20.58 -33.45
CA GLY B 420 18.04 -21.85 -32.77
C GLY B 420 16.66 -22.11 -32.18
N GLU B 421 15.71 -21.20 -32.33
CA GLU B 421 14.37 -21.40 -31.82
C GLU B 421 13.41 -21.72 -32.95
N ARG B 422 12.57 -22.72 -32.75
CA ARG B 422 11.61 -23.10 -33.78
C ARG B 422 10.54 -22.02 -33.92
N MET B 423 10.31 -21.57 -35.15
CA MET B 423 9.24 -20.62 -35.44
C MET B 423 7.97 -21.41 -35.71
N GLY B 424 7.10 -21.48 -34.72
CA GLY B 424 5.96 -22.39 -34.83
C GLY B 424 4.60 -21.78 -34.54
N THR B 425 3.66 -22.64 -34.15
CA THR B 425 2.25 -22.29 -34.01
C THR B 425 1.87 -22.24 -32.54
N ILE B 426 0.90 -21.39 -32.21
CA ILE B 426 0.32 -21.32 -30.87
C ILE B 426 -1.16 -21.63 -30.98
N LYS B 427 -1.70 -22.27 -29.95
CA LYS B 427 -3.08 -22.74 -29.94
C LYS B 427 -3.83 -22.06 -28.80
N PHE B 428 -4.97 -21.47 -29.14
CA PHE B 428 -5.83 -20.80 -28.18
C PHE B 428 -7.09 -21.63 -27.96
N THR B 429 -7.41 -21.88 -26.69
CA THR B 429 -8.60 -22.66 -26.35
C THR B 429 -9.37 -21.93 -25.26
N GLN B 430 -10.61 -22.34 -25.06
CA GLN B 430 -11.50 -21.71 -24.09
C GLN B 430 -12.39 -22.77 -23.47
N PHE B 431 -12.70 -22.58 -22.19
CA PHE B 431 -13.54 -23.52 -21.46
C PHE B 431 -15.01 -23.26 -21.81
N GLN B 432 -15.75 -24.33 -22.06
CA GLN B 432 -17.16 -24.26 -22.38
C GLN B 432 -17.87 -25.39 -21.64
N ASP B 433 -18.40 -25.06 -20.47
CA ASP B 433 -19.50 -25.75 -19.79
C ASP B 433 -19.19 -27.16 -19.34
N SER B 434 -18.20 -27.81 -19.96
CA SER B 434 -17.60 -29.01 -19.41
C SER B 434 -16.13 -29.09 -19.73
N ARG B 435 -15.68 -28.43 -20.80
CA ARG B 435 -14.41 -28.85 -21.39
C ARG B 435 -13.78 -27.75 -22.22
N GLU B 436 -12.49 -27.94 -22.52
CA GLU B 436 -11.78 -26.98 -23.34
C GLU B 436 -12.05 -27.23 -24.82
N VAL B 437 -12.07 -26.15 -25.61
CA VAL B 437 -12.32 -26.24 -27.04
C VAL B 437 -11.50 -25.17 -27.75
N LYS B 438 -10.96 -25.54 -28.91
CA LYS B 438 -10.13 -24.60 -29.67
C LYS B 438 -10.97 -23.44 -30.18
N VAL B 439 -10.38 -22.24 -30.15
CA VAL B 439 -11.09 -21.04 -30.59
C VAL B 439 -10.25 -20.23 -31.56
N GLY B 440 -8.98 -20.58 -31.69
CA GLY B 440 -8.09 -19.82 -32.55
C GLY B 440 -6.68 -20.37 -32.53
N GLU B 441 -5.84 -19.75 -33.35
CA GLU B 441 -4.46 -20.18 -33.48
C GLU B 441 -3.64 -19.10 -34.17
N TYR B 442 -2.38 -18.97 -33.76
CA TYR B 442 -1.51 -17.90 -34.19
C TYR B 442 -0.30 -18.48 -34.91
N ASN B 443 0.03 -17.88 -36.06
CA ASN B 443 1.18 -18.29 -36.84
C ASN B 443 2.29 -17.26 -36.63
N ALA B 444 3.37 -17.69 -35.99
CA ALA B 444 4.46 -16.77 -35.67
C ALA B 444 5.37 -16.53 -36.85
N VAL B 445 5.36 -17.42 -37.84
CA VAL B 445 6.17 -17.19 -39.03
C VAL B 445 5.58 -16.06 -39.86
N ALA B 446 4.24 -16.01 -39.95
CA ALA B 446 3.57 -14.91 -40.62
C ALA B 446 3.12 -13.84 -39.63
N ASP B 447 3.22 -14.10 -38.34
CA ASP B 447 2.84 -13.15 -37.30
C ASP B 447 1.36 -12.78 -37.43
N THR B 448 0.54 -13.75 -37.81
CA THR B 448 -0.88 -13.53 -38.02
C THR B 448 -1.67 -14.32 -37.00
N LEU B 449 -2.89 -13.85 -36.73
CA LEU B 449 -3.81 -14.53 -35.83
C LEU B 449 -5.04 -14.97 -36.61
N GLU B 450 -5.55 -16.15 -36.30
CA GLU B 450 -6.73 -16.69 -36.98
C GLU B 450 -7.65 -17.28 -35.93
N ILE B 451 -8.78 -16.61 -35.69
CA ILE B 451 -9.73 -17.01 -34.67
C ILE B 451 -10.93 -17.64 -35.34
N ILE B 452 -11.30 -18.84 -34.88
CA ILE B 452 -12.57 -19.42 -35.29
C ILE B 452 -13.68 -18.47 -34.87
N ASN B 453 -14.39 -17.92 -35.86
CA ASN B 453 -15.23 -16.76 -35.60
C ASN B 453 -16.42 -17.09 -34.72
N ASP B 454 -16.87 -18.35 -34.73
CA ASP B 454 -18.13 -18.71 -34.10
C ASP B 454 -17.99 -19.44 -32.77
N THR B 455 -16.93 -20.21 -32.55
CA THR B 455 -16.87 -21.08 -31.38
C THR B 455 -16.61 -20.29 -30.11
N ILE B 456 -15.94 -19.14 -30.22
CA ILE B 456 -15.77 -18.27 -29.06
C ILE B 456 -17.13 -17.79 -28.59
N ARG B 457 -17.43 -18.01 -27.32
CA ARG B 457 -18.70 -17.61 -26.74
C ARG B 457 -18.43 -16.71 -25.54
N PHE B 458 -19.26 -15.68 -25.39
CA PHE B 458 -19.15 -14.74 -24.29
C PHE B 458 -20.48 -14.63 -23.57
N GLN B 459 -20.41 -14.45 -22.25
CA GLN B 459 -21.63 -14.27 -21.48
C GLN B 459 -22.43 -13.07 -21.95
N GLY B 460 -21.76 -11.94 -22.16
CA GLY B 460 -22.37 -10.76 -22.72
C GLY B 460 -22.36 -10.79 -24.25
N SER B 461 -22.91 -9.72 -24.83
CA SER B 461 -22.97 -9.62 -26.28
C SER B 461 -21.58 -9.55 -26.90
N GLU B 462 -20.72 -8.69 -26.38
CA GLU B 462 -19.42 -8.41 -26.98
C GLU B 462 -18.33 -8.80 -26.00
N PRO B 463 -17.07 -8.78 -26.45
CA PRO B 463 -15.96 -9.02 -25.53
C PRO B 463 -15.92 -7.97 -24.43
N PRO B 464 -15.67 -8.38 -23.19
CA PRO B 464 -15.65 -7.42 -22.09
C PRO B 464 -14.57 -6.36 -22.28
N LYS B 465 -14.85 -5.17 -21.76
CA LYS B 465 -13.95 -4.03 -21.91
C LYS B 465 -12.83 -4.09 -20.90
N ASP B 466 -11.70 -3.45 -21.24
CA ASP B 466 -10.56 -3.46 -20.33
C ASP B 466 -10.74 -2.49 -19.18
N LYS B 467 -11.11 -1.24 -19.47
CA LYS B 467 -11.24 -0.20 -18.46
C LYS B 467 -12.71 0.11 -18.25
N THR B 468 -13.03 0.78 -17.14
CA THR B 468 -14.42 1.12 -16.85
C THR B 468 -14.84 2.36 -17.63
N ILE B 469 -15.98 2.27 -18.31
CA ILE B 469 -16.57 3.39 -19.02
C ILE B 469 -17.52 4.09 -18.06
N ILE B 470 -17.00 5.04 -17.31
CA ILE B 470 -17.80 5.84 -16.39
C ILE B 470 -18.14 7.15 -17.09
N LEU B 471 -19.43 7.38 -17.28
CA LEU B 471 -19.92 8.60 -17.90
C LEU B 471 -20.55 9.47 -16.82
N GLU B 472 -19.90 10.58 -16.50
CA GLU B 472 -20.34 11.47 -15.44
C GLU B 472 -21.55 12.26 -15.92
N GLN B 473 -22.74 11.69 -15.75
CA GLN B 473 -23.94 12.41 -16.11
C GLN B 473 -24.32 13.36 -14.97
N LEU B 474 -25.19 14.32 -15.30
CA LEU B 474 -25.59 15.37 -14.38
C LEU B 474 -27.04 15.17 -13.97
N ARG B 475 -27.28 15.01 -12.67
CA ARG B 475 -28.63 14.80 -12.18
C ARG B 475 -29.49 16.03 -12.48
N LYS B 476 -30.73 15.79 -12.92
CA LYS B 476 -31.60 16.83 -13.43
C LYS B 476 -32.86 16.95 -12.58
N ILE B 477 -33.41 18.15 -12.54
CA ILE B 477 -34.68 18.43 -11.88
C ILE B 477 -35.81 18.00 -12.79
N SER B 478 -36.85 17.39 -12.22
CA SER B 478 -37.95 16.87 -13.03
C SER B 478 -38.66 18.00 -13.75
N LEU B 479 -38.85 17.84 -15.05
CA LEU B 479 -39.50 18.87 -15.85
C LEU B 479 -40.98 19.00 -15.49
N PRO B 480 -41.74 17.91 -15.38
CA PRO B 480 -43.15 18.06 -15.00
C PRO B 480 -43.35 18.65 -13.62
N LEU B 481 -42.53 18.27 -12.64
CA LEU B 481 -42.65 18.86 -11.32
C LEU B 481 -42.38 20.36 -11.36
N TYR B 482 -41.31 20.76 -12.04
CA TYR B 482 -41.00 22.17 -12.17
C TYR B 482 -42.12 22.92 -12.88
N SER B 483 -42.70 22.30 -13.91
CA SER B 483 -43.76 22.97 -14.65
C SER B 483 -45.02 23.13 -13.81
N ILE B 484 -45.38 22.11 -13.03
CA ILE B 484 -46.59 22.20 -12.24
C ILE B 484 -46.41 23.19 -11.09
N LEU B 485 -45.24 23.17 -10.45
CA LEU B 485 -44.98 24.15 -9.40
C LEU B 485 -44.93 25.55 -9.98
N SER B 486 -44.44 25.70 -11.21
CA SER B 486 -44.43 27.00 -11.85
C SER B 486 -45.85 27.47 -12.15
N ALA B 487 -46.71 26.54 -12.57
CA ALA B 487 -48.11 26.91 -12.82
C ALA B 487 -48.79 27.35 -11.52
N LEU B 488 -48.55 26.62 -10.43
CA LEU B 488 -49.10 27.03 -9.14
C LEU B 488 -48.56 28.39 -8.72
N THR B 489 -47.28 28.66 -9.01
CA THR B 489 -46.71 29.94 -8.66
C THR B 489 -47.34 31.07 -9.45
N ILE B 490 -47.58 30.86 -10.74
CA ILE B 490 -48.22 31.90 -11.54
C ILE B 490 -49.65 32.13 -11.06
N LEU B 491 -50.33 31.06 -10.65
CA LEU B 491 -51.68 31.22 -10.11
C LEU B 491 -51.66 32.04 -8.83
N GLY B 492 -50.75 31.72 -7.91
CA GLY B 492 -50.63 32.49 -6.68
C GLY B 492 -50.24 33.94 -6.94
N MET B 493 -49.40 34.17 -7.94
CA MET B 493 -49.00 35.53 -8.27
C MET B 493 -50.18 36.31 -8.85
N ILE B 494 -51.03 35.64 -9.61
CA ILE B 494 -52.24 36.29 -10.11
C ILE B 494 -53.16 36.64 -8.94
N MET B 495 -53.25 35.75 -7.95
CA MET B 495 -54.05 36.05 -6.77
C MET B 495 -53.49 37.27 -6.03
N ALA B 496 -52.16 37.33 -5.87
CA ALA B 496 -51.56 38.48 -5.20
C ALA B 496 -51.80 39.76 -5.99
N SER B 497 -51.75 39.68 -7.31
CA SER B 497 -52.01 40.86 -8.12
C SER B 497 -53.46 41.29 -8.02
N ALA B 498 -54.39 40.34 -7.83
CA ALA B 498 -55.77 40.70 -7.62
C ALA B 498 -55.97 41.36 -6.26
N PHE B 499 -55.30 40.84 -5.24
CA PHE B 499 -55.41 41.43 -3.91
C PHE B 499 -54.83 42.84 -3.88
N LEU B 500 -53.73 43.06 -4.58
CA LEU B 500 -53.15 44.41 -4.62
C LEU B 500 -54.07 45.38 -5.31
N PHE B 501 -54.74 44.95 -6.39
CA PHE B 501 -55.69 45.83 -7.06
C PHE B 501 -56.89 46.12 -6.17
N PHE B 502 -57.37 45.11 -5.45
CA PHE B 502 -58.49 45.32 -4.53
C PHE B 502 -58.11 46.29 -3.42
N ASN B 503 -56.88 46.20 -2.93
CA ASN B 503 -56.40 47.13 -1.93
C ASN B 503 -56.32 48.55 -2.48
N ILE B 504 -55.71 48.72 -3.65
CA ILE B 504 -55.49 50.06 -4.18
C ILE B 504 -56.81 50.69 -4.60
N LYS B 505 -57.79 49.87 -4.97
CA LYS B 505 -59.05 50.43 -5.44
C LYS B 505 -59.89 50.97 -4.29
N ASN B 506 -59.85 50.30 -3.14
CA ASN B 506 -60.64 50.70 -1.99
C ASN B 506 -59.83 51.50 -0.98
N ARG B 507 -58.83 52.25 -1.43
CA ARG B 507 -58.00 53.01 -0.50
C ARG B 507 -58.78 54.16 0.11
N ASN B 508 -59.64 54.81 -0.67
CA ASN B 508 -60.42 55.94 -0.16
C ASN B 508 -61.36 55.51 0.96
N GLN B 509 -61.82 54.26 0.92
CA GLN B 509 -62.79 53.80 1.89
C GLN B 509 -62.16 53.75 3.29
N LYS B 510 -63.02 53.85 4.30
CA LYS B 510 -62.54 53.97 5.67
C LYS B 510 -61.90 52.68 6.17
N LEU B 511 -62.61 51.55 6.01
CA LEU B 511 -62.19 50.30 6.66
C LEU B 511 -60.85 49.83 6.13
N ILE B 512 -60.57 50.06 4.85
CA ILE B 512 -59.24 49.78 4.34
C ILE B 512 -58.26 50.86 4.80
N LYS B 513 -58.78 52.06 5.10
CA LYS B 513 -57.92 53.15 5.54
C LYS B 513 -57.40 52.90 6.96
N MET B 514 -58.18 52.19 7.77
CA MET B 514 -57.77 51.96 9.16
C MET B 514 -56.53 51.08 9.22
N SER B 515 -56.62 49.85 8.72
CA SER B 515 -55.44 49.01 8.60
C SER B 515 -54.44 49.68 7.68
N SER B 516 -53.18 49.69 8.08
CA SER B 516 -52.14 50.44 7.37
C SER B 516 -52.00 49.92 5.94
N PRO B 517 -52.38 50.71 4.92
CA PRO B 517 -52.38 50.18 3.56
C PRO B 517 -50.99 50.02 2.97
N TYR B 518 -50.08 50.96 3.25
CA TYR B 518 -48.75 50.88 2.65
C TYR B 518 -48.02 49.61 3.11
N MET B 519 -48.20 49.25 4.38
CA MET B 519 -47.59 48.02 4.87
C MET B 519 -48.21 46.79 4.20
N ASN B 520 -49.51 46.84 3.94
CA ASN B 520 -50.14 45.72 3.25
C ASN B 520 -49.62 45.58 1.82
N ASN B 521 -49.49 46.70 1.11
CA ASN B 521 -48.89 46.63 -0.23
C ASN B 521 -47.45 46.14 -0.18
N LEU B 522 -46.71 46.50 0.88
CA LEU B 522 -45.37 45.97 1.04
C LEU B 522 -45.41 44.47 1.22
N ILE B 523 -46.42 43.96 1.93
CA ILE B 523 -46.60 42.52 2.06
C ILE B 523 -46.87 41.86 0.72
N ILE B 524 -47.74 42.47 -0.11
CA ILE B 524 -47.98 41.90 -1.43
C ILE B 524 -46.68 41.86 -2.24
N LEU B 525 -45.89 42.92 -2.18
CA LEU B 525 -44.62 42.91 -2.91
C LEU B 525 -43.70 41.81 -2.39
N GLY B 526 -43.71 41.58 -1.08
CA GLY B 526 -42.92 40.48 -0.54
C GLY B 526 -43.35 39.13 -1.09
N GLY B 527 -44.65 38.87 -1.09
CA GLY B 527 -45.14 37.62 -1.63
C GLY B 527 -44.83 37.45 -3.12
N MET B 528 -45.01 38.53 -3.88
CA MET B 528 -44.75 38.47 -5.31
C MET B 528 -43.28 38.22 -5.60
N LEU B 529 -42.39 38.84 -4.83
CA LEU B 529 -40.96 38.59 -5.01
C LEU B 529 -40.60 37.16 -4.61
N SER B 530 -41.24 36.62 -3.57
CA SER B 530 -40.98 35.23 -3.20
C SER B 530 -41.40 34.28 -4.30
N TYR B 531 -42.49 34.61 -5.00
CA TYR B 531 -42.92 33.76 -6.12
C TYR B 531 -41.91 33.78 -7.26
N ALA B 532 -41.37 34.95 -7.59
CA ALA B 532 -40.32 34.99 -8.61
C ALA B 532 -39.09 34.22 -8.14
N SER B 533 -38.80 34.27 -6.85
CA SER B 533 -37.71 33.46 -6.32
C SER B 533 -37.98 31.97 -6.51
N ILE B 534 -39.24 31.56 -6.38
CA ILE B 534 -39.58 30.15 -6.54
C ILE B 534 -39.48 29.75 -8.01
N PHE B 535 -39.73 30.69 -8.91
CA PHE B 535 -39.32 30.50 -10.30
C PHE B 535 -37.83 30.21 -10.38
N LEU B 536 -37.04 31.06 -9.74
CA LEU B 536 -35.58 31.02 -9.93
C LEU B 536 -34.97 29.73 -9.42
N PHE B 537 -35.17 29.40 -8.14
CA PHE B 537 -34.27 28.42 -7.53
C PHE B 537 -34.56 26.98 -7.92
N GLY B 538 -35.33 26.75 -8.98
CA GLY B 538 -35.48 25.42 -9.54
C GLY B 538 -34.99 25.26 -10.96
N LEU B 539 -34.11 26.15 -11.43
CA LEU B 539 -33.69 26.10 -12.82
C LEU B 539 -32.84 24.88 -13.11
N ASP B 540 -32.21 24.30 -12.09
CA ASP B 540 -31.47 23.05 -12.13
C ASP B 540 -30.12 23.20 -12.84
N GLY B 541 -29.85 24.33 -13.49
CA GLY B 541 -28.61 24.49 -14.22
C GLY B 541 -28.51 23.71 -15.52
N SER B 542 -29.39 22.75 -15.77
CA SER B 542 -29.37 22.03 -17.04
C SER B 542 -30.07 22.83 -18.12
N PHE B 543 -31.11 23.59 -17.75
CA PHE B 543 -31.82 24.42 -18.71
C PHE B 543 -30.89 25.48 -19.31
N VAL B 544 -30.01 26.05 -18.50
CA VAL B 544 -29.23 27.22 -18.88
C VAL B 544 -27.74 26.91 -18.85
N SER B 545 -26.97 27.81 -19.46
CA SER B 545 -25.52 27.66 -19.49
C SER B 545 -24.92 27.89 -18.12
N GLU B 546 -23.58 27.87 -18.05
CA GLU B 546 -22.91 27.95 -16.76
C GLU B 546 -22.84 29.37 -16.24
N LYS B 547 -22.35 30.31 -17.07
CA LYS B 547 -22.21 31.69 -16.62
C LYS B 547 -23.58 32.29 -16.28
N THR B 548 -24.58 32.00 -17.10
CA THR B 548 -25.94 32.40 -16.76
C THR B 548 -26.37 31.75 -15.47
N PHE B 549 -25.91 30.52 -15.22
CA PHE B 549 -26.30 29.85 -13.99
C PHE B 549 -25.73 30.55 -12.76
N GLU B 550 -24.48 30.99 -12.83
CA GLU B 550 -23.89 31.66 -11.68
C GLU B 550 -24.52 33.03 -11.47
N THR B 551 -24.73 33.78 -12.55
CA THR B 551 -25.42 35.06 -12.44
C THR B 551 -26.82 34.89 -11.86
N LEU B 552 -27.51 33.82 -12.26
CA LEU B 552 -28.86 33.60 -11.75
C LEU B 552 -28.83 33.09 -10.31
N CYS B 553 -27.78 32.38 -9.92
CA CYS B 553 -27.64 32.01 -8.52
C CYS B 553 -27.50 33.24 -7.64
N THR B 554 -26.79 34.25 -8.13
CA THR B 554 -26.72 35.49 -7.36
C THR B 554 -28.06 36.24 -7.39
N VAL B 555 -28.71 36.27 -8.55
CA VAL B 555 -29.94 37.03 -8.69
C VAL B 555 -31.05 36.46 -7.82
N ARG B 556 -31.14 35.13 -7.75
CA ARG B 556 -32.21 34.53 -6.96
C ARG B 556 -31.98 34.76 -5.48
N THR B 557 -30.71 34.78 -5.04
CA THR B 557 -30.43 35.10 -3.65
C THR B 557 -30.86 36.52 -3.32
N TRP B 558 -30.48 37.49 -4.17
CA TRP B 558 -30.99 38.85 -4.01
C TRP B 558 -32.51 38.89 -3.91
N ILE B 559 -33.19 38.25 -4.87
CA ILE B 559 -34.63 38.43 -4.98
C ILE B 559 -35.34 37.77 -3.80
N LEU B 560 -34.88 36.60 -3.38
CA LEU B 560 -35.53 35.94 -2.26
C LEU B 560 -35.27 36.68 -0.95
N THR B 561 -34.04 37.19 -0.76
CA THR B 561 -33.75 37.94 0.44
C THR B 561 -34.61 39.19 0.54
N VAL B 562 -34.72 39.94 -0.55
CA VAL B 562 -35.53 41.16 -0.53
C VAL B 562 -37.00 40.81 -0.33
N GLY B 563 -37.49 39.80 -1.04
CA GLY B 563 -38.90 39.46 -0.95
C GLY B 563 -39.30 38.96 0.42
N TYR B 564 -38.37 38.32 1.13
CA TYR B 564 -38.67 37.93 2.50
C TYR B 564 -38.55 39.11 3.44
N THR B 565 -37.52 39.95 3.25
CA THR B 565 -37.26 41.00 4.21
C THR B 565 -38.36 42.06 4.21
N THR B 566 -38.86 42.42 3.03
CA THR B 566 -39.95 43.40 3.01
C THR B 566 -41.24 42.81 3.54
N ALA B 567 -41.56 41.59 3.09
CA ALA B 567 -42.82 40.95 3.47
C ALA B 567 -42.88 40.71 4.97
N PHE B 568 -41.74 40.47 5.61
CA PHE B 568 -41.79 40.28 7.05
C PHE B 568 -41.54 41.57 7.80
N GLY B 569 -40.87 42.55 7.18
CA GLY B 569 -40.72 43.83 7.83
C GLY B 569 -42.06 44.53 8.02
N ALA B 570 -42.96 44.37 7.05
CA ALA B 570 -44.30 44.92 7.23
C ALA B 570 -45.02 44.27 8.40
N MET B 571 -45.06 42.93 8.41
CA MET B 571 -45.79 42.22 9.46
C MET B 571 -45.13 42.38 10.82
N PHE B 572 -43.85 42.74 10.83
CA PHE B 572 -43.17 42.96 12.10
C PHE B 572 -43.39 44.38 12.60
N ALA B 573 -43.31 45.36 11.70
CA ALA B 573 -43.56 46.74 12.10
C ALA B 573 -44.98 46.93 12.61
N LYS B 574 -45.95 46.25 11.99
CA LYS B 574 -47.32 46.40 12.44
C LYS B 574 -47.50 45.89 13.86
N THR B 575 -46.99 44.68 14.14
CA THR B 575 -47.12 44.12 15.49
C THR B 575 -46.30 44.91 16.50
N TRP B 576 -45.14 45.42 16.08
CA TRP B 576 -44.34 46.25 16.97
C TRP B 576 -45.07 47.51 17.38
N ARG B 577 -45.68 48.22 16.43
CA ARG B 577 -46.41 49.42 16.81
C ARG B 577 -47.66 49.10 17.60
N VAL B 578 -48.31 47.97 17.33
CA VAL B 578 -49.43 47.56 18.19
C VAL B 578 -48.96 47.38 19.62
N HIS B 579 -47.87 46.64 19.82
CA HIS B 579 -47.36 46.38 21.16
C HIS B 579 -46.96 47.68 21.85
N ALA B 580 -46.24 48.54 21.14
CA ALA B 580 -45.80 49.81 21.71
C ALA B 580 -46.98 50.68 22.12
N ILE B 581 -47.99 50.80 21.25
CA ILE B 581 -49.14 51.62 21.57
C ILE B 581 -49.90 51.04 22.75
N PHE B 582 -49.96 49.71 22.85
CA PHE B 582 -50.65 49.12 23.99
C PHE B 582 -49.89 49.36 25.28
N LYS B 583 -48.55 49.36 25.21
CA LYS B 583 -47.74 49.59 26.39
C LYS B 583 -48.04 50.94 27.03
N ASN B 584 -48.10 51.99 26.21
CA ASN B 584 -48.37 53.33 26.71
C ASN B 584 -49.84 53.53 27.00
N GLN B 595 -45.34 56.37 8.73
CA GLN B 595 -44.07 57.07 8.75
C GLN B 595 -42.97 56.24 9.39
N LYS B 596 -43.05 56.05 10.70
CA LYS B 596 -42.00 55.35 11.42
C LYS B 596 -41.98 53.87 11.05
N LEU B 597 -43.14 53.31 10.70
CA LEU B 597 -43.19 51.94 10.21
C LEU B 597 -42.32 51.76 8.98
N LEU B 598 -42.41 52.72 8.05
CA LEU B 598 -41.59 52.65 6.85
C LEU B 598 -40.11 52.78 7.18
N VAL B 599 -39.78 53.56 8.22
CA VAL B 599 -38.39 53.65 8.64
C VAL B 599 -37.91 52.32 9.21
N ILE B 600 -38.79 51.61 9.92
CA ILE B 600 -38.43 50.28 10.42
C ILE B 600 -38.11 49.34 9.27
N VAL B 601 -39.04 49.25 8.32
CA VAL B 601 -38.82 48.35 7.18
C VAL B 601 -37.60 48.77 6.38
N GLY B 602 -37.37 50.08 6.29
CA GLY B 602 -36.19 50.56 5.57
C GLY B 602 -34.90 50.20 6.27
N GLY B 603 -34.89 50.24 7.61
CA GLY B 603 -33.71 49.81 8.34
C GLY B 603 -33.43 48.33 8.14
N MET B 604 -34.48 47.51 8.19
CA MET B 604 -34.30 46.09 7.90
C MET B 604 -33.76 45.88 6.49
N LEU B 605 -34.30 46.62 5.52
CA LEU B 605 -33.81 46.52 4.14
C LEU B 605 -32.35 46.94 4.05
N LEU B 606 -31.96 47.97 4.79
CA LEU B 606 -30.57 48.43 4.73
C LEU B 606 -29.63 47.39 5.31
N ILE B 607 -30.03 46.75 6.41
CA ILE B 607 -29.20 45.70 6.98
C ILE B 607 -29.04 44.56 5.98
N ASP B 608 -30.15 44.13 5.37
CA ASP B 608 -30.07 43.03 4.42
C ASP B 608 -29.25 43.42 3.19
N LEU B 609 -29.37 44.66 2.73
CA LEU B 609 -28.62 45.11 1.57
C LEU B 609 -27.13 45.15 1.86
N CYS B 610 -26.75 45.65 3.04
CA CYS B 610 -25.35 45.64 3.42
C CYS B 610 -24.81 44.22 3.50
N ILE B 611 -25.59 43.30 4.09
CA ILE B 611 -25.15 41.91 4.18
C ILE B 611 -24.95 41.32 2.80
N LEU B 612 -25.90 41.55 1.89
CA LEU B 612 -25.79 40.98 0.55
C LEU B 612 -24.64 41.58 -0.24
N ILE B 613 -24.41 42.89 -0.13
CA ILE B 613 -23.33 43.50 -0.89
C ILE B 613 -21.98 43.04 -0.35
N CYS B 614 -21.88 42.85 0.96
CA CYS B 614 -20.65 42.30 1.53
C CYS B 614 -20.43 40.87 1.02
N TRP B 615 -21.49 40.05 1.03
CA TRP B 615 -21.39 38.68 0.55
C TRP B 615 -20.97 38.65 -0.93
N GLN B 616 -21.45 39.61 -1.71
CA GLN B 616 -21.16 39.60 -3.14
C GLN B 616 -19.74 40.09 -3.42
N ALA B 617 -19.28 41.11 -2.68
CA ALA B 617 -17.99 41.70 -2.99
C ALA B 617 -16.84 40.89 -2.40
N VAL B 618 -17.04 40.31 -1.21
CA VAL B 618 -15.94 39.61 -0.55
C VAL B 618 -15.64 38.30 -1.24
N ASP B 619 -16.64 37.42 -1.33
CA ASP B 619 -16.46 36.11 -1.94
C ASP B 619 -17.76 35.66 -2.60
N PRO B 620 -17.88 35.87 -3.92
CA PRO B 620 -19.16 35.65 -4.59
C PRO B 620 -19.49 34.17 -4.70
N LEU B 621 -20.77 33.86 -4.82
CA LEU B 621 -21.20 32.48 -4.99
C LEU B 621 -20.81 31.97 -6.37
N ARG B 622 -20.30 30.74 -6.42
CA ARG B 622 -19.93 30.10 -7.67
C ARG B 622 -20.49 28.69 -7.69
N ARG B 623 -20.66 28.15 -8.89
CA ARG B 623 -21.25 26.83 -9.03
C ARG B 623 -20.18 25.75 -8.87
N THR B 624 -20.53 24.70 -8.14
CA THR B 624 -19.67 23.56 -7.91
C THR B 624 -20.49 22.29 -8.13
N VAL B 625 -19.77 21.20 -8.40
CA VAL B 625 -20.37 19.92 -8.74
C VAL B 625 -19.97 18.91 -7.68
N GLU B 626 -20.94 18.16 -7.19
CA GLU B 626 -20.71 17.09 -6.23
C GLU B 626 -20.86 15.75 -6.92
N LYS B 627 -19.90 14.86 -6.69
CA LYS B 627 -19.93 13.52 -7.27
C LYS B 627 -20.22 12.50 -6.19
N TYR B 628 -21.23 11.65 -6.44
CA TYR B 628 -21.73 10.74 -5.44
C TYR B 628 -21.03 9.38 -5.55
N SER B 629 -21.57 8.38 -4.85
CA SER B 629 -20.86 7.14 -4.59
C SER B 629 -20.83 6.17 -5.76
N MET B 630 -21.31 6.57 -6.95
CA MET B 630 -21.23 5.71 -8.13
C MET B 630 -22.12 4.48 -7.94
N GLU B 631 -23.23 4.67 -7.24
CA GLU B 631 -24.07 3.54 -6.87
C GLU B 631 -24.72 2.82 -8.07
N PRO B 632 -25.44 3.47 -8.99
CA PRO B 632 -26.35 2.72 -9.84
C PRO B 632 -25.66 1.90 -10.91
N ASP B 633 -26.35 0.90 -11.42
CA ASP B 633 -25.91 0.08 -12.55
C ASP B 633 -27.15 -0.34 -13.34
N PRO B 634 -27.88 0.64 -13.93
CA PRO B 634 -29.20 0.36 -14.51
C PRO B 634 -29.14 -0.43 -15.82
N ALA B 635 -28.51 -1.61 -15.76
CA ALA B 635 -28.44 -2.51 -16.90
C ALA B 635 -27.68 -3.79 -16.55
N GLY B 636 -27.67 -4.75 -17.48
CA GLY B 636 -26.70 -5.82 -17.41
C GLY B 636 -25.38 -5.47 -18.06
N ARG B 637 -25.20 -4.22 -18.46
CA ARG B 637 -23.94 -3.76 -19.05
C ARG B 637 -23.00 -3.25 -17.97
N ASP B 638 -21.76 -3.00 -18.38
CA ASP B 638 -20.77 -2.34 -17.53
C ASP B 638 -20.92 -0.84 -17.69
N ILE B 639 -22.08 -0.34 -17.24
CA ILE B 639 -22.46 1.07 -17.33
C ILE B 639 -22.59 1.62 -15.93
N SER B 640 -21.53 2.27 -15.45
CA SER B 640 -21.47 2.75 -14.08
C SER B 640 -21.41 4.26 -14.09
N ILE B 641 -22.51 4.90 -13.69
CA ILE B 641 -22.67 6.35 -13.78
C ILE B 641 -22.47 6.94 -12.40
N ARG B 642 -21.76 8.06 -12.34
CA ARG B 642 -21.66 8.83 -11.11
C ARG B 642 -22.64 10.00 -11.15
N PRO B 643 -23.61 10.07 -10.25
CA PRO B 643 -24.54 11.20 -10.27
C PRO B 643 -23.82 12.49 -9.94
N LEU B 644 -23.74 13.38 -10.93
CA LEU B 644 -23.09 14.67 -10.78
C LEU B 644 -24.14 15.73 -10.49
N LEU B 645 -24.24 16.14 -9.22
CA LEU B 645 -25.23 17.11 -8.79
C LEU B 645 -24.58 18.47 -8.72
N GLU B 646 -25.39 19.52 -8.68
CA GLU B 646 -24.91 20.88 -8.94
C GLU B 646 -25.42 21.83 -7.86
N HIS B 647 -24.50 22.37 -7.07
CA HIS B 647 -24.86 23.36 -6.05
C HIS B 647 -24.09 24.63 -6.29
N CYS B 648 -24.75 25.77 -6.13
CA CYS B 648 -24.05 27.05 -6.17
C CYS B 648 -23.86 27.52 -4.74
N GLU B 649 -22.60 27.52 -4.29
CA GLU B 649 -22.29 27.79 -2.90
C GLU B 649 -20.92 28.47 -2.83
N ASN B 650 -20.68 29.11 -1.70
CA ASN B 650 -19.47 29.90 -1.51
C ASN B 650 -18.40 29.08 -0.83
N THR B 651 -17.17 29.62 -0.81
CA THR B 651 -16.06 28.91 -0.19
C THR B 651 -16.30 28.69 1.30
N HIS B 652 -16.69 29.74 2.03
CA HIS B 652 -17.07 29.65 3.42
C HIS B 652 -18.57 29.84 3.59
N MET B 653 -19.37 29.25 2.69
CA MET B 653 -20.79 29.55 2.63
C MET B 653 -21.53 29.10 3.89
N THR B 654 -20.93 28.18 4.66
CA THR B 654 -21.56 27.75 5.89
C THR B 654 -21.75 28.91 6.88
N ILE B 655 -20.72 29.74 7.06
CA ILE B 655 -20.82 30.82 8.03
C ILE B 655 -21.77 31.91 7.51
N TRP B 656 -21.74 32.16 6.20
CA TRP B 656 -22.65 33.14 5.62
C TRP B 656 -24.10 32.72 5.82
N LEU B 657 -24.43 31.48 5.46
CA LEU B 657 -25.79 30.99 5.60
C LEU B 657 -26.20 30.93 7.06
N GLY B 658 -25.25 30.59 7.95
CA GLY B 658 -25.57 30.57 9.36
C GLY B 658 -25.92 31.94 9.90
N ILE B 659 -25.14 32.96 9.54
CA ILE B 659 -25.41 34.29 10.05
C ILE B 659 -26.73 34.83 9.49
N VAL B 660 -27.02 34.55 8.22
CA VAL B 660 -28.27 35.02 7.65
C VAL B 660 -29.46 34.35 8.32
N TYR B 661 -29.41 33.01 8.43
CA TYR B 661 -30.49 32.27 9.06
C TYR B 661 -30.69 32.69 10.51
N ALA B 662 -29.60 32.98 11.23
CA ALA B 662 -29.73 33.39 12.62
C ALA B 662 -30.34 34.79 12.72
N TYR B 663 -29.86 35.73 11.90
CA TYR B 663 -30.38 37.09 11.94
C TYR B 663 -31.87 37.12 11.62
N LYS B 664 -32.33 36.24 10.74
CA LYS B 664 -33.75 36.22 10.42
C LYS B 664 -34.57 35.38 11.40
N GLY B 665 -34.00 34.31 11.97
CA GLY B 665 -34.75 33.50 12.90
C GLY B 665 -34.96 34.19 14.23
N LEU B 666 -33.96 34.94 14.69
CA LEU B 666 -34.14 35.71 15.92
C LEU B 666 -35.27 36.73 15.74
N LEU B 667 -35.32 37.37 14.59
CA LEU B 667 -36.38 38.36 14.34
C LEU B 667 -37.74 37.69 14.20
N MET B 668 -37.77 36.49 13.62
CA MET B 668 -39.03 35.76 13.54
C MET B 668 -39.54 35.38 14.93
N LEU B 669 -38.65 34.88 15.79
CA LEU B 669 -39.04 34.56 17.16
C LEU B 669 -39.50 35.80 17.90
N PHE B 670 -38.83 36.93 17.66
CA PHE B 670 -39.22 38.19 18.26
C PHE B 670 -40.64 38.59 17.85
N GLY B 671 -40.93 38.49 16.55
CA GLY B 671 -42.26 38.82 16.07
C GLY B 671 -43.32 37.88 16.61
N CYS B 672 -42.99 36.59 16.72
CA CYS B 672 -43.95 35.63 17.27
C CYS B 672 -44.27 35.97 18.72
N PHE B 673 -43.24 36.30 19.51
CA PHE B 673 -43.48 36.65 20.90
C PHE B 673 -44.32 37.91 21.02
N LEU B 674 -44.02 38.92 20.20
CA LEU B 674 -44.81 40.16 20.24
C LEU B 674 -46.25 39.90 19.84
N ALA B 675 -46.46 39.03 18.83
CA ALA B 675 -47.83 38.72 18.41
C ALA B 675 -48.58 38.01 19.51
N TRP B 676 -47.94 37.09 20.23
CA TRP B 676 -48.66 36.43 21.31
C TRP B 676 -48.96 37.42 22.43
N GLU B 677 -48.03 38.32 22.70
CA GLU B 677 -48.27 39.31 23.76
C GLU B 677 -49.47 40.18 23.42
N THR B 678 -49.57 40.62 22.15
CA THR B 678 -50.58 41.59 21.78
C THR B 678 -51.77 41.00 21.03
N ARG B 679 -51.96 39.68 21.05
CA ARG B 679 -53.10 39.11 20.34
C ARG B 679 -54.43 39.51 20.97
N ASN B 680 -54.42 40.02 22.19
CA ASN B 680 -55.65 40.33 22.88
C ASN B 680 -56.01 41.81 22.84
N VAL B 681 -55.11 42.68 22.38
CA VAL B 681 -55.33 44.11 22.35
C VAL B 681 -56.06 44.46 21.06
N SER B 682 -56.96 45.44 21.13
CA SER B 682 -57.74 45.88 19.99
C SER B 682 -57.55 47.37 19.79
N ILE B 683 -56.90 47.75 18.71
CA ILE B 683 -56.65 49.14 18.35
C ILE B 683 -57.31 49.43 17.01
N PRO B 684 -58.17 50.44 16.91
CA PRO B 684 -58.80 50.72 15.62
C PRO B 684 -57.81 51.23 14.57
N ALA B 685 -56.68 51.79 15.01
CA ALA B 685 -55.70 52.29 14.06
C ALA B 685 -55.07 51.16 13.26
N LEU B 686 -55.12 49.94 13.78
CA LEU B 686 -54.69 48.74 13.07
C LEU B 686 -55.81 47.71 13.21
N ASN B 687 -56.70 47.68 12.22
CA ASN B 687 -57.90 46.85 12.32
C ASN B 687 -57.57 45.38 12.14
N ASP B 688 -56.40 45.06 11.58
CA ASP B 688 -56.05 43.69 11.25
C ASP B 688 -54.83 43.18 12.01
N SER B 689 -54.75 43.45 13.32
CA SER B 689 -53.62 42.95 14.10
C SER B 689 -53.78 41.46 14.39
N LYS B 690 -55.01 41.03 14.67
CA LYS B 690 -55.23 39.64 15.07
C LYS B 690 -54.83 38.68 13.96
N TYR B 691 -55.36 38.87 12.76
CA TYR B 691 -55.03 37.98 11.66
C TYR B 691 -53.56 38.10 11.27
N ILE B 692 -52.96 39.27 11.49
CA ILE B 692 -51.53 39.40 11.26
C ILE B 692 -50.75 38.56 12.25
N GLY B 693 -51.30 38.35 13.44
CA GLY B 693 -50.68 37.40 14.36
C GLY B 693 -50.58 36.00 13.79
N MET B 694 -51.69 35.48 13.28
CA MET B 694 -51.66 34.15 12.67
C MET B 694 -50.79 34.14 11.43
N SER B 695 -50.71 35.27 10.72
CA SER B 695 -49.86 35.34 9.54
C SER B 695 -48.39 35.22 9.92
N VAL B 696 -47.98 35.90 10.98
CA VAL B 696 -46.58 35.81 11.40
C VAL B 696 -46.28 34.43 11.97
N TYR B 697 -47.28 33.81 12.62
CA TYR B 697 -47.13 32.42 13.02
C TYR B 697 -46.87 31.52 11.81
N ASN B 698 -47.67 31.70 10.75
CA ASN B 698 -47.51 30.91 9.54
C ASN B 698 -46.11 31.09 8.97
N VAL B 699 -45.68 32.34 8.85
CA VAL B 699 -44.37 32.63 8.26
C VAL B 699 -43.27 31.99 9.08
N GLY B 700 -43.34 32.10 10.41
CA GLY B 700 -42.30 31.52 11.24
C GLY B 700 -42.21 30.02 11.11
N ILE B 701 -43.36 29.34 11.26
CA ILE B 701 -43.37 27.88 11.21
C ILE B 701 -42.91 27.40 9.83
N MET B 702 -43.43 28.01 8.77
CA MET B 702 -43.07 27.57 7.43
C MET B 702 -41.60 27.85 7.13
N CYS B 703 -41.06 28.95 7.62
CA CYS B 703 -39.65 29.24 7.39
C CYS B 703 -38.76 28.21 8.09
N ILE B 704 -39.09 27.88 9.34
CA ILE B 704 -38.31 26.88 10.06
C ILE B 704 -38.35 25.54 9.34
N ILE B 705 -39.56 25.10 8.98
CA ILE B 705 -39.71 23.81 8.31
C ILE B 705 -38.97 23.82 6.97
N GLY B 706 -39.10 24.90 6.21
CA GLY B 706 -38.46 24.97 4.91
C GLY B 706 -36.95 24.91 5.01
N ALA B 707 -36.36 25.70 5.92
CA ALA B 707 -34.92 25.69 6.06
C ALA B 707 -34.41 24.33 6.51
N ALA B 708 -35.09 23.72 7.50
CA ALA B 708 -34.65 22.41 7.98
C ALA B 708 -34.72 21.37 6.87
N VAL B 709 -35.86 21.27 6.19
CA VAL B 709 -36.02 20.23 5.18
C VAL B 709 -35.18 20.53 3.95
N SER B 710 -34.76 21.80 3.79
CA SER B 710 -33.89 22.14 2.67
C SER B 710 -32.47 21.68 2.94
N PHE B 711 -31.91 22.02 4.10
CA PHE B 711 -30.55 21.60 4.39
C PHE B 711 -30.47 20.11 4.68
N LEU B 712 -31.61 19.48 5.00
CA LEU B 712 -31.59 18.07 5.35
C LEU B 712 -31.59 17.18 4.11
N THR B 713 -31.85 17.75 2.94
CA THR B 713 -32.02 16.98 1.71
C THR B 713 -31.23 17.63 0.57
N ARG B 714 -29.96 17.96 0.85
CA ARG B 714 -29.13 18.58 -0.18
C ARG B 714 -28.89 17.63 -1.36
N ASP B 715 -28.94 16.33 -1.13
CA ASP B 715 -28.54 15.38 -2.17
C ASP B 715 -29.67 15.13 -3.17
N GLN B 716 -30.92 15.23 -2.73
CA GLN B 716 -32.02 14.99 -3.66
C GLN B 716 -32.56 16.31 -4.20
N PRO B 717 -32.36 16.61 -5.48
CA PRO B 717 -32.84 17.88 -6.03
C PRO B 717 -34.34 17.95 -6.20
N ASN B 718 -34.97 16.88 -6.71
CA ASN B 718 -36.39 16.93 -7.00
C ASN B 718 -37.22 17.11 -5.74
N VAL B 719 -37.05 16.22 -4.75
CA VAL B 719 -37.88 16.28 -3.55
C VAL B 719 -37.59 17.55 -2.77
N GLN B 720 -36.32 17.97 -2.75
CA GLN B 720 -35.98 19.19 -2.03
C GLN B 720 -36.60 20.42 -2.66
N PHE B 721 -36.55 20.50 -4.00
CA PHE B 721 -37.19 21.62 -4.69
C PHE B 721 -38.69 21.60 -4.48
N CYS B 722 -39.30 20.41 -4.52
CA CYS B 722 -40.74 20.33 -4.31
C CYS B 722 -41.12 20.80 -2.91
N ILE B 723 -40.38 20.35 -1.90
CA ILE B 723 -40.71 20.73 -0.53
C ILE B 723 -40.52 22.22 -0.31
N VAL B 724 -39.40 22.77 -0.80
CA VAL B 724 -39.13 24.19 -0.58
C VAL B 724 -40.15 25.04 -1.34
N ALA B 725 -40.51 24.62 -2.55
CA ALA B 725 -41.47 25.40 -3.32
C ALA B 725 -42.85 25.34 -2.68
N LEU B 726 -43.25 24.17 -2.17
CA LEU B 726 -44.54 24.10 -1.50
C LEU B 726 -44.54 24.91 -0.22
N VAL B 727 -43.41 24.93 0.50
CA VAL B 727 -43.33 25.74 1.72
C VAL B 727 -43.49 27.21 1.39
N ILE B 728 -42.73 27.69 0.40
CA ILE B 728 -42.83 29.10 0.02
C ILE B 728 -44.23 29.45 -0.45
N ILE B 729 -44.81 28.60 -1.31
CA ILE B 729 -46.13 28.90 -1.87
C ILE B 729 -47.17 28.93 -0.76
N PHE B 730 -47.20 27.90 0.09
CA PHE B 730 -48.23 27.83 1.11
C PHE B 730 -48.07 28.94 2.13
N CYS B 731 -46.84 29.20 2.58
CA CYS B 731 -46.60 30.28 3.54
C CYS B 731 -47.06 31.62 2.98
N SER B 732 -46.57 31.98 1.78
CA SER B 732 -46.91 33.28 1.21
C SER B 732 -48.40 33.41 0.93
N THR B 733 -49.00 32.39 0.32
CA THR B 733 -50.41 32.48 -0.04
C THR B 733 -51.28 32.50 1.21
N ILE B 734 -50.89 31.78 2.26
CA ILE B 734 -51.74 31.72 3.45
C ILE B 734 -51.63 33.01 4.24
N THR B 735 -50.45 33.62 4.29
CA THR B 735 -50.36 34.91 4.96
C THR B 735 -51.09 35.99 4.18
N LEU B 736 -50.94 35.99 2.85
CA LEU B 736 -51.66 36.97 2.04
C LEU B 736 -53.16 36.80 2.19
N CYS B 737 -53.64 35.56 2.16
CA CYS B 737 -55.06 35.30 2.34
C CYS B 737 -55.55 35.73 3.72
N LEU B 738 -54.81 35.37 4.77
CA LEU B 738 -55.20 35.73 6.13
C LEU B 738 -55.27 37.25 6.28
N VAL B 739 -54.35 37.97 5.65
CA VAL B 739 -54.31 39.41 5.81
C VAL B 739 -55.43 40.08 5.03
N PHE B 740 -55.75 39.58 3.83
CA PHE B 740 -56.55 40.38 2.92
C PHE B 740 -57.97 39.86 2.70
N VAL B 741 -58.26 38.60 3.02
CA VAL B 741 -59.58 38.04 2.70
C VAL B 741 -60.69 38.65 3.53
N PRO B 742 -60.58 38.78 4.86
CA PRO B 742 -61.70 39.35 5.62
C PRO B 742 -62.09 40.74 5.16
N LYS B 743 -61.13 41.54 4.71
CA LYS B 743 -61.44 42.87 4.20
C LYS B 743 -62.37 42.77 2.99
N LEU B 744 -62.13 41.81 2.10
CA LEU B 744 -62.98 41.69 0.92
C LEU B 744 -64.30 41.03 1.26
N ILE B 745 -64.29 40.10 2.21
CA ILE B 745 -65.55 39.49 2.66
C ILE B 745 -66.45 40.55 3.28
N THR B 746 -65.85 41.58 3.88
CA THR B 746 -66.63 42.66 4.45
C THR B 746 -67.08 43.65 3.38
N LEU B 747 -66.17 44.03 2.48
CA LEU B 747 -66.49 45.09 1.52
C LEU B 747 -67.43 44.60 0.42
N ARG B 748 -67.34 43.31 0.06
CA ARG B 748 -68.19 42.80 -1.01
C ARG B 748 -69.59 42.47 -0.50
N THR B 749 -69.80 42.55 0.81
CA THR B 749 -71.12 42.29 1.38
C THR B 749 -71.50 43.39 2.36
C1 NAG C . 48.54 -39.46 11.64
C2 NAG C . 48.54 -38.43 12.76
C3 NAG C . 49.29 -38.96 13.98
C4 NAG C . 48.72 -40.32 14.40
C5 NAG C . 48.72 -41.28 13.20
C6 NAG C . 48.06 -42.59 13.51
C7 NAG C . 48.69 -35.97 12.75
C8 NAG C . 49.40 -34.79 12.20
N2 NAG C . 49.12 -37.17 12.32
O3 NAG C . 49.18 -38.04 15.06
O4 NAG C . 49.50 -40.87 15.44
O5 NAG C . 47.99 -40.69 12.11
O6 NAG C . 47.36 -42.55 14.76
O7 NAG C . 47.77 -35.87 13.55
C1 NAG D . 34.88 -51.91 -2.17
C2 NAG D . 35.88 -52.84 -1.52
C3 NAG D . 36.12 -54.06 -2.39
C4 NAG D . 34.80 -54.75 -2.70
C5 NAG D . 33.82 -53.74 -3.30
C6 NAG D . 32.44 -54.32 -3.52
C7 NAG D . 37.82 -52.32 -0.11
C8 NAG D . 39.10 -51.54 0.01
N2 NAG D . 37.14 -52.16 -1.25
O3 NAG D . 36.99 -54.97 -1.72
O4 NAG D . 35.00 -55.82 -3.61
O5 NAG D . 33.66 -52.62 -2.43
O6 NAG D . 31.68 -54.30 -2.32
O7 NAG D . 37.43 -53.06 0.79
C1 NAG E . 29.52 -35.91 11.39
C2 NAG E . 28.75 -34.64 11.78
C3 NAG E . 27.64 -34.98 12.77
C4 NAG E . 26.76 -36.10 12.24
C5 NAG E . 27.63 -37.30 11.87
C6 NAG E . 26.84 -38.43 11.25
C7 NAG E . 29.33 -32.36 12.47
C8 NAG E . 30.38 -31.47 13.08
N2 NAG E . 29.65 -33.65 12.35
O3 NAG E . 26.84 -33.83 13.02
O4 NAG E . 25.81 -36.49 13.22
O5 NAG E . 28.62 -36.90 10.91
O6 NAG E . 25.63 -37.96 10.66
O7 NAG E . 28.24 -31.92 12.12
CA CA F . 38.80 -4.54 3.42
C10 U3G G . -19.92 31.96 31.18
C11 U3G G . -20.34 30.59 30.61
C12 U3G G . -19.43 30.25 29.41
C13 U3G G . -19.46 28.75 29.06
C14 U3G G . -18.20 28.00 29.56
C15 U3G G . -18.04 26.60 28.92
C16 U3G G . -16.74 25.93 29.47
C01 U3G G . -27.22 35.57 38.49
C02 U3G G . -25.93 34.73 38.47
C03 U3G G . -25.75 34.02 37.14
C04 U3G G . -24.41 33.28 37.02
C05 U3G G . -24.26 32.72 35.60
C06 U3G G . -22.85 32.14 35.32
C07 U3G G . -22.27 32.67 33.99
C08 U3G G . -21.32 31.64 33.29
C09 U3G G . -20.36 32.43 32.37
C17 U3G G . -15.63 25.79 28.43
C18 U3G G . -15.70 24.45 27.66
C21 U3G G . -15.01 22.18 27.47
C22 U3G G . -16.19 21.58 28.24
C24 U3G G . -17.02 21.41 30.45
C26 U3G G . -18.53 21.11 30.15
C27 U3G G . -19.28 22.28 29.49
C28 U3G G . -20.29 23.05 30.42
C29 U3G G . -21.75 22.85 29.92
C30 U3G G . -22.74 23.76 30.10
C31 U3G G . -22.53 25.12 30.80
C32 U3G G . -23.88 25.59 31.42
C33 U3G G . -24.55 26.72 31.05
C34 U3G G . -24.09 27.70 29.92
C35 U3G G . -25.32 28.51 29.44
C36 U3G G . -25.25 29.50 28.51
C37 U3G G . -23.94 29.93 27.80
C38 U3G G . -24.13 31.39 27.34
C39 U3G G . -24.41 31.79 26.07
C40 U3G G . -24.57 30.80 24.89
C41 U3G G . -25.11 31.50 23.61
C42 U3G G . -24.11 31.50 22.43
C43 U3G G . -24.68 31.81 21.02
C44 U3G G . -26.06 32.48 20.97
C45 U3G G . -13.76 21.31 27.67
C51 U3G G . -10.01 22.04 29.75
C52 U3G G . -9.52 23.39 30.33
N53 U3G G . -8.48 23.13 31.31
O19 U3G G . -16.56 24.27 26.88
O20 U3G G . -14.73 23.46 27.94
O23 U3G G . -16.27 22.19 29.53
O25 U3G G . -16.50 20.96 31.41
O46 U3G G . -12.73 21.80 26.83
O48 U3G G . -10.26 22.59 26.59
O49 U3G G . -10.71 20.29 27.41
O50 U3G G . -11.19 22.28 29.00
P47 U3G G . -11.19 21.72 27.43
C1 CLR H . -25.60 21.10 14.30
C2 CLR H . -24.19 20.53 14.16
C3 CLR H . -23.24 21.62 13.67
C4 CLR H . -23.21 22.75 14.70
C5 CLR H . -24.60 23.27 14.93
C6 CLR H . -24.79 24.58 14.84
C7 CLR H . -26.13 25.20 15.00
C8 CLR H . -26.96 24.33 15.90
C9 CLR H . -27.06 22.93 15.25
C10 CLR H . -25.64 22.26 15.31
C11 CLR H . -28.20 22.02 15.80
C12 CLR H . -29.52 22.75 16.07
C13 CLR H . -29.27 23.99 16.93
C14 CLR H . -28.35 24.92 16.10
C15 CLR H . -28.42 26.24 16.87
C16 CLR H . -29.88 26.32 17.32
C17 CLR H . -30.51 24.92 17.16
C18 CLR H . -28.62 23.62 18.30
C19 CLR H . -25.31 21.72 16.72
C20 CLR H . -31.43 24.55 18.40
C21 CLR H . -32.00 23.13 18.22
C22 CLR H . -32.60 25.51 18.62
C23 CLR H . -33.00 25.43 20.11
C24 CLR H . -34.46 25.78 20.31
C25 CLR H . -34.88 25.47 21.74
C26 CLR H . -36.12 26.28 22.10
C27 CLR H . -35.16 23.98 21.91
O1 CLR H . -21.98 21.04 13.56
C1 CLR I . -34.83 52.56 20.65
C2 CLR I . -35.15 54.00 21.11
C3 CLR I . -36.57 54.04 21.68
C4 CLR I . -36.63 53.14 22.90
C5 CLR I . -36.26 51.76 22.51
C6 CLR I . -37.23 50.86 22.51
C7 CLR I . -36.98 49.42 22.43
C8 CLR I . -35.49 49.13 22.28
C9 CLR I . -34.85 50.08 21.27
C10 CLR I . -34.94 51.56 21.83
C11 CLR I . -33.42 49.64 20.88
C12 CLR I . -33.34 48.18 20.43
C13 CLR I . -33.87 47.26 21.52
C14 CLR I . -35.34 47.70 21.77
C15 CLR I . -35.87 46.61 22.67
C16 CLR I . -35.27 45.36 22.07
C17 CLR I . -34.14 45.80 21.10
C18 CLR I . -33.03 47.31 22.82
C19 CLR I . -33.81 51.85 22.86
C20 CLR I . -32.93 44.82 21.19
C21 CLR I . -31.69 45.35 20.53
C22 CLR I . -33.30 43.51 20.50
C23 CLR I . -32.97 42.35 21.38
C24 CLR I . -33.32 41.08 20.64
C25 CLR I . -32.10 40.23 20.33
C26 CLR I . -32.59 38.98 19.61
C27 CLR I . -31.15 41.00 19.44
O1 CLR I . -36.83 55.36 22.05
C1 CLR J . -30.19 48.90 27.29
C2 CLR J . -30.48 50.22 27.97
C3 CLR J . -29.58 50.36 29.17
C4 CLR J . -28.15 50.44 28.66
C5 CLR J . -27.82 49.20 27.88
C6 CLR J . -26.69 48.58 28.14
C7 CLR J . -26.32 47.28 27.55
C8 CLR J . -26.96 47.15 26.18
C9 CLR J . -28.46 47.34 26.32
C10 CLR J . -28.76 48.83 26.77
C11 CLR J . -29.26 46.93 25.07
C12 CLR J . -28.87 45.55 24.52
C13 CLR J . -27.38 45.49 24.25
C14 CLR J . -26.68 45.76 25.62
C15 CLR J . -25.23 45.43 25.33
C16 CLR J . -25.33 44.20 24.43
C17 CLR J . -26.79 44.09 23.95
C18 CLR J . -26.94 46.52 23.16
C19 CLR J . -28.58 49.84 25.61
C20 CLR J . -26.81 43.64 22.48
C21 CLR J . -28.21 43.68 21.91
C22 CLR J . -26.26 42.19 22.37
C23 CLR J . -24.95 42.18 21.56
C24 CLR J . -24.53 40.74 21.26
C25 CLR J . -23.79 40.64 19.91
C26 CLR J . -23.08 39.28 19.82
C27 CLR J . -24.77 40.78 18.74
O1 CLR J . -29.95 51.53 29.83
C1 CLR K . -47.86 28.79 33.51
C2 CLR K . -48.91 28.95 34.61
C3 CLR K . -48.46 28.20 35.83
C4 CLR K . -47.21 28.88 36.34
C5 CLR K . -46.15 28.85 35.28
C6 CLR K . -44.96 28.38 35.62
C7 CLR K . -43.96 28.00 34.61
C8 CLR K . -44.03 28.98 33.45
C9 CLR K . -45.41 28.97 32.85
C10 CLR K . -46.51 29.39 33.93
C11 CLR K . -45.45 29.83 31.58
C12 CLR K . -44.45 29.38 30.54
C13 CLR K . -43.03 29.42 31.10
C14 CLR K . -43.04 28.53 32.36
C15 CLR K . -41.58 28.47 32.74
C16 CLR K . -40.90 28.30 31.38
C17 CLR K . -41.94 28.69 30.29
C18 CLR K . -42.60 30.87 31.41
C19 CLR K . -46.62 30.92 34.05
C20 CLR K . -41.25 29.47 29.15
C21 CLR K . -42.24 30.13 28.24
C22 CLR K . -40.39 28.54 28.31
C23 CLR K . -39.27 29.32 27.67
C24 CLR K . -38.65 28.53 26.52
C25 CLR K . -37.93 29.48 25.56
C26 CLR K . -36.90 28.69 24.79
C27 CLR K . -38.92 30.12 24.60
O1 CLR K . -49.48 28.29 36.77
C1 NAG L . 21.52 -19.01 -38.98
C2 NAG L . 22.65 -18.06 -38.59
C3 NAG L . 22.09 -16.68 -38.28
C4 NAG L . 21.24 -16.18 -39.44
C5 NAG L . 20.18 -17.21 -39.81
C6 NAG L . 19.39 -16.82 -41.04
C7 NAG L . 24.69 -18.96 -37.57
C8 NAG L . 25.31 -18.82 -38.92
N2 NAG L . 23.41 -18.58 -37.48
O3 NAG L . 23.17 -15.78 -38.04
O4 NAG L . 20.61 -14.95 -39.08
O5 NAG L . 20.79 -18.47 -40.09
O6 NAG L . 19.45 -17.85 -42.03
O7 NAG L . 25.31 -19.40 -36.61
C11 U3D M . -35.27 32.20 5.53
C12 U3D M . -35.18 33.15 4.35
C13 U3D M . -33.75 33.70 4.13
C14 U3D M . -33.31 33.63 2.63
C15 U3D M . -31.77 33.76 2.45
C16 U3D M . -31.13 32.47 1.80
C17 U3D M . -31.34 32.39 0.26
C18 U3D M . -30.14 31.72 -0.45
C19 U3D M . -30.50 31.28 -1.91
C20 U3D M . -29.29 30.62 -2.63
C23 U3D M . -28.29 28.62 -1.87
C24 U3D M . -28.73 27.19 -1.52
C25 U3D M . -28.13 26.21 -2.53
C31 U3D M . -29.97 24.74 -5.89
C32 U3D M . -31.00 23.62 -6.31
C34 U3D M . -32.15 22.45 -8.05
C35 U3D M . -30.84 24.38 -8.70
C36 U3D M . -29.75 22.36 -8.00
C38 U3D M . -30.75 27.52 -0.31
C40 U3D M . -32.07 26.82 0.19
C41 U3D M . -33.04 27.87 0.94
C42 U3D M . -34.46 27.27 1.27
C43 U3D M . -35.59 28.36 1.35
C44 U3D M . -35.76 28.98 2.80
C45 U3D M . -37.28 28.92 3.32
C46 U3D M . -38.15 30.10 2.75
C47 U3D M . -39.42 30.27 3.62
C48 U3D M . -40.32 31.29 3.42
C01 U3D M . -32.86 24.20 13.56
C02 U3D M . -32.66 24.93 12.23
C03 U3D M . -32.86 26.46 12.37
C04 U3D M . -33.29 27.15 11.02
C05 U3D M . -33.99 28.53 11.23
C06 U3D M . -34.82 28.98 10.00
C07 U3D M . -34.67 30.50 9.64
C08 U3D M . -35.16 30.85 8.19
C09 U3D M . -35.17 32.40 8.03
C10 U3D M . -35.22 33.00 6.83
C49 U3D M . -40.15 32.38 2.28
C50 U3D M . -40.70 33.74 2.80
C51 U3D M . -42.17 34.03 2.39
C52 U3D M . -42.49 35.53 2.56
C53 U3D M . -43.88 35.85 3.18
C54 U3D M . -44.79 36.68 2.25
C55 U3D M . -45.87 37.44 3.03
C56 U3D M . -47.11 37.73 2.19
N33 U3D M . -30.93 23.22 -7.75
O21 U3D M . -28.41 31.30 -3.06
O22 U3D M . -29.23 29.20 -2.77
O26 U3D M . -28.57 24.90 -2.21
O28 U3D M . -29.82 22.75 -2.98
O29 U3D M . -27.83 23.50 -4.26
O30 U3D M . -30.04 24.89 -4.47
O37 U3D M . -30.13 27.12 -1.56
O39 U3D M . -30.27 28.38 0.34
P27 U3D M . -29.06 23.95 -3.50
C1 CLR N . -37.58 49.70 17.23
C2 CLR N . -38.51 50.88 17.37
C3 CLR N . -37.68 52.13 17.33
C4 CLR N . -37.05 52.24 15.94
C5 CLR N . -36.20 51.05 15.66
C6 CLR N . -35.13 51.23 14.91
C7 CLR N . -34.07 50.21 14.80
C8 CLR N . -34.68 48.80 14.83
C9 CLR N . -35.71 48.61 15.92
C10 CLR N . -36.83 49.70 15.88
C11 CLR N . -36.26 47.19 15.84
C12 CLR N . -35.21 46.14 16.07
C13 CLR N . -34.08 46.27 15.05
C14 CLR N . -33.57 47.76 15.12
C15 CLR N . -32.36 47.73 14.20
C16 CLR N . -31.69 46.40 14.61
C17 CLR N . -32.75 45.56 15.40
C18 CLR N . -34.55 45.88 13.63
C19 CLR N . -37.81 49.44 14.74
C20 CLR N . -32.63 44.06 15.04
C21 CLR N . -33.84 43.27 15.50
C22 CLR N . -31.39 43.46 15.68
C23 CLR N . -30.95 42.21 14.92
C24 CLR N . -30.35 41.22 15.89
C25 CLR N . -29.95 39.94 15.18
C26 CLR N . -28.94 39.21 16.03
C27 CLR N . -31.18 39.07 14.96
O1 CLR N . -38.56 53.20 17.56
C1 CLR O . -50.03 28.28 29.22
C2 CLR O . -51.33 28.11 30.00
C3 CLR O . -51.33 29.08 31.17
C4 CLR O . -51.30 30.50 30.61
C5 CLR O . -50.09 30.70 29.76
C6 CLR O . -49.35 31.77 29.96
C7 CLR O . -48.07 32.00 29.27
C8 CLR O . -48.10 31.34 27.90
C9 CLR O . -48.42 29.87 28.06
C10 CLR O . -49.87 29.70 28.64
C11 CLR O . -48.18 29.06 26.76
C12 CLR O . -46.81 29.29 26.13
C13 CLR O . -46.60 30.78 25.86
C14 CLR O . -46.73 31.49 27.25
C15 CLR O . -46.28 32.90 26.93
C16 CLR O . -45.12 32.69 25.98
C17 CLR O . -45.18 31.21 25.49
C18 CLR O . -47.63 31.34 24.83
C19 CLR O . -50.96 29.94 27.57
C20 CLR O . -44.76 31.12 24.00
C21 CLR O . -45.11 29.81 23.35
C22 CLR O . -43.26 31.25 23.94
C23 CLR O . -42.83 31.90 22.66
C24 CLR O . -41.32 32.02 22.71
C25 CLR O . -40.75 32.52 21.41
C26 CLR O . -39.32 32.96 21.70
C27 CLR O . -40.78 31.42 20.37
O1 CLR O . -52.50 28.86 31.89
C1 CLR P . -62.26 34.79 8.49
C2 CLR P . -63.34 35.49 9.30
C3 CLR P . -64.43 35.94 8.37
C4 CLR P . -65.08 34.69 7.82
C5 CLR P . -64.08 33.91 7.04
C6 CLR P . -64.51 33.31 5.94
C7 CLR P . -63.58 32.70 4.97
C8 CLR P . -62.38 32.08 5.71
C9 CLR P . -61.75 33.10 6.67
C10 CLR P . -62.80 33.55 7.74
C11 CLR P . -60.47 32.56 7.28
C12 CLR P . -59.44 32.13 6.24
C13 CLR P . -60.02 31.08 5.31
C14 CLR P . -61.32 31.69 4.68
C15 CLR P . -61.72 30.64 3.63
C16 CLR P . -60.36 30.25 3.04
C17 CLR P . -59.26 30.77 4.01
C18 CLR P . -60.32 29.76 6.09
C19 CLR P . -63.12 32.44 8.76
C20 CLR P . -58.07 29.78 4.10
C21 CLR P . -57.12 30.16 5.19
C22 CLR P . -57.29 29.73 2.79
C23 CLR P . -56.61 28.39 2.63
C24 CLR P . -55.58 28.49 1.54
C25 CLR P . -54.77 27.20 1.46
C26 CLR P . -54.19 27.06 0.06
C27 CLR P . -53.65 27.25 2.49
O1 CLR P . -65.34 36.67 9.12
C1 CLR Q . -66.29 33.81 0.53
C2 CLR Q . -67.81 33.83 0.68
C3 CLR Q . -68.35 35.12 0.08
C4 CLR Q . -68.04 35.13 -1.41
C5 CLR Q . -66.56 35.01 -1.62
C6 CLR Q . -65.99 35.84 -2.49
C7 CLR Q . -64.53 35.89 -2.72
C8 CLR Q . -63.93 34.54 -2.44
C9 CLR Q . -64.31 34.13 -1.00
C10 CLR Q . -65.86 33.87 -0.94
C11 CLR Q . -63.48 32.94 -0.43
C12 CLR Q . -61.98 33.01 -0.73
C13 CLR Q . -61.74 33.21 -2.23
C14 CLR Q . -62.41 34.58 -2.58
C15 CLR Q . -61.88 34.88 -3.97
C16 CLR Q . -60.43 34.38 -3.93
C17 CLR Q . -60.27 33.49 -2.66
C18 CLR Q . -62.35 32.04 -3.07
C19 CLR Q . -66.28 32.53 -1.63
C20 CLR Q . -59.39 32.21 -2.93
C21 CLR Q . -59.32 31.36 -1.70
C22 CLR Q . -57.95 32.53 -3.36
C23 CLR Q . -57.45 31.36 -4.22
C24 CLR Q . -55.93 31.31 -4.26
C25 CLR Q . -55.45 29.96 -4.81
C26 CLR Q . -54.01 30.07 -5.29
C27 CLR Q . -55.55 28.89 -3.73
O1 CLR Q . -69.72 35.11 0.28
C1 CLR R . -52.56 30.03 16.56
C2 CLR R . -53.48 30.33 17.74
C3 CLR R . -54.75 31.00 17.23
C4 CLR R . -55.48 30.02 16.32
C5 CLR R . -54.60 29.62 15.19
C6 CLR R . -55.10 29.65 13.98
C7 CLR R . -54.29 29.44 12.76
C8 CLR R . -53.20 28.44 13.09
C9 CLR R . -52.35 29.03 14.23
C10 CLR R . -53.23 29.08 15.53
C11 CLR R . -50.98 28.33 14.43
C12 CLR R . -50.25 28.00 13.13
C13 CLR R . -51.15 27.21 12.19
C14 CLR R . -52.33 28.19 11.87
C15 CLR R . -53.03 27.53 10.68
C16 CLR R . -51.89 26.85 9.90
C17 CLR R . -50.60 26.96 10.75
C18 CLR R . -51.66 25.87 12.82
C19 CLR R . -53.41 27.69 16.18
C20 CLR R . -49.67 25.71 10.57
C21 CLR R . -48.43 25.85 11.41
C22 CLR R . -49.25 25.48 9.11
C23 CLR R . -49.33 24.00 8.81
C24 CLR R . -48.84 23.72 7.41
C25 CLR R . -48.83 22.22 7.14
C26 CLR R . -48.87 21.97 5.63
C27 CLR R . -47.57 21.60 7.76
O1 CLR R . -55.53 31.30 18.34
C1 CLR S . -52.04 27.03 22.04
C2 CLR S . -53.55 27.13 22.32
C3 CLR S . -53.88 28.56 22.74
C4 CLR S . -53.62 29.46 21.56
C5 CLR S . -52.18 29.37 21.18
C6 CLR S . -51.53 30.49 20.98
C7 CLR S . -50.07 30.53 20.84
C8 CLR S . -49.61 29.32 20.09
C9 CLR S . -50.03 28.07 20.86
C10 CLR S . -51.62 28.00 20.91
C11 CLR S . -49.37 26.77 20.31
C12 CLR S . -47.85 26.88 20.17
C13 CLR S . -47.48 28.09 19.30
C14 CLR S . -48.07 29.34 20.01
C15 CLR S . -47.45 30.50 19.25
C16 CLR S . -46.01 30.01 19.03
C17 CLR S . -45.97 28.49 19.27
C18 CLR S . -48.04 27.95 17.84
C19 CLR S . -52.21 27.52 19.56
C20 CLR S . -45.09 27.80 18.20
C21 CLR S . -45.17 26.28 18.31
C22 CLR S . -43.62 28.24 18.31
C23 CLR S . -43.12 28.72 16.94
C24 CLR S . -41.60 28.82 16.91
C25 CLR S . -41.04 28.06 15.68
C26 CLR S . -39.59 28.48 15.45
C27 CLR S . -41.12 26.55 15.90
O1 CLR S . -55.22 28.60 23.09
#